data_4XY6
# 
_entry.id   4XY6 
# 
_audit_conform.dict_name       mmcif_pdbx.dic 
_audit_conform.dict_version    5.379 
_audit_conform.dict_location   http://mmcif.pdb.org/dictionaries/ascii/mmcif_pdbx.dic 
# 
loop_
_database_2.database_id 
_database_2.database_code 
_database_2.pdbx_database_accession 
_database_2.pdbx_DOI 
PDB   4XY6         pdb_00004xy6 10.2210/pdb4xy6/pdb 
WWPDB D_1000206502 ?            ?                   
# 
loop_
_pdbx_database_related.db_name 
_pdbx_database_related.details 
_pdbx_database_related.db_id 
_pdbx_database_related.content_type 
PDB 'Mutant of 4I82.' 4I82 unspecified 
PDB .                 4XY5 unspecified 
# 
_pdbx_database_status.status_code                     REL 
_pdbx_database_status.status_code_sf                  REL 
_pdbx_database_status.status_code_mr                  ? 
_pdbx_database_status.entry_id                        4XY6 
_pdbx_database_status.recvd_initial_deposition_date   2015-02-02 
_pdbx_database_status.SG_entry                        N 
_pdbx_database_status.deposit_site                    RCSB 
_pdbx_database_status.process_site                    RCSB 
_pdbx_database_status.status_code_cs                  ? 
_pdbx_database_status.methods_development_category    ? 
_pdbx_database_status.pdb_format_compatible           Y 
_pdbx_database_status.status_code_nmr_data            ? 
# 
loop_
_audit_author.name 
_audit_author.pdbx_ordinal 
'Khandokar, Y.B.' 1 
'Srivastava, P.'  2 
'Forwood, J.K.'   3 
# 
_citation.abstract                  ? 
_citation.abstract_id_CAS           ? 
_citation.book_id_ISBN              ? 
_citation.book_publisher            ? 
_citation.book_publisher_city       ? 
_citation.book_title                ? 
_citation.coordinate_linkage        ? 
_citation.country                   ? 
_citation.database_id_Medline       ? 
_citation.details                   ? 
_citation.id                        primary 
_citation.journal_abbrev            'To Be Published' 
_citation.journal_id_ASTM           ? 
_citation.journal_id_CSD            0353 
_citation.journal_id_ISSN           ? 
_citation.journal_full              ? 
_citation.journal_issue             ? 
_citation.journal_volume            ? 
_citation.language                  ? 
_citation.page_first                ? 
_citation.page_last                 ? 
_citation.title                     
'Crystal Structure of mutant (Thr68Ala) Hypothetical Thioesterase Protein SP_1851 from Streptococcus pneumoniae TIGR4' 
_citation.year                      ? 
_citation.database_id_CSD           ? 
_citation.pdbx_database_id_DOI      ? 
_citation.pdbx_database_id_PubMed   ? 
_citation.unpublished_flag          ? 
# 
_citation_author.citation_id        primary 
_citation_author.name               'Khandokar, Y.B.' 
_citation_author.ordinal            1 
_citation_author.identifier_ORCID   ? 
# 
_cell.entry_id           4XY6 
_cell.length_a           46.370 
_cell.length_b           119.180 
_cell.length_c           48.220 
_cell.angle_alpha        90.00 
_cell.angle_beta         90.00 
_cell.angle_gamma        90.00 
_cell.Z_PDB              8 
_cell.pdbx_unique_axis   ? 
# 
_symmetry.entry_id                         4XY6 
_symmetry.space_group_name_H-M             'C 2 2 2' 
_symmetry.pdbx_full_space_group_name_H-M   ? 
_symmetry.cell_setting                     ? 
_symmetry.Int_Tables_number                21 
# 
loop_
_entity.id 
_entity.type 
_entity.src_method 
_entity.pdbx_description 
_entity.formula_weight 
_entity.pdbx_number_of_molecules 
_entity.pdbx_ec 
_entity.pdbx_mutation 
_entity.pdbx_fragment 
_entity.details 
1 polymer man 'Hypothetical Thioesterase Protein SP_1851' 15205.249 1   ? T68A ? ? 
2 water   nat water                                       18.015    135 ? ?    ? ? 
# 
_entity_poly.entity_id                      1 
_entity_poly.type                           'polypeptide(L)' 
_entity_poly.nstd_linkage                   no 
_entity_poly.nstd_monomer                   no 
_entity_poly.pdbx_seq_one_letter_code       
;SNAMKDFHFDAISAFENYEIEKMRDGHVVVTTKVVNSSLNYYGNAHGGYLFTLCDQISGLVVISLGLDGVALQSSINYLK
AGKLDDVLTIKGECVHQGRTTCVMDVDITNQEGRNVCKATFTMFVTGQRSEERRVRI
;
_entity_poly.pdbx_seq_one_letter_code_can   
;SNAMKDFHFDAISAFENYEIEKMRDGHVVVTTKVVNSSLNYYGNAHGGYLFTLCDQISGLVVISLGLDGVALQSSINYLK
AGKLDDVLTIKGECVHQGRTTCVMDVDITNQEGRNVCKATFTMFVTGQRSEERRVRI
;
_entity_poly.pdbx_strand_id                 A 
_entity_poly.pdbx_target_identifier         ? 
# 
loop_
_entity_poly_seq.entity_id 
_entity_poly_seq.num 
_entity_poly_seq.mon_id 
_entity_poly_seq.hetero 
1 1   SER n 
1 2   ASN n 
1 3   ALA n 
1 4   MET n 
1 5   LYS n 
1 6   ASP n 
1 7   PHE n 
1 8   HIS n 
1 9   PHE n 
1 10  ASP n 
1 11  ALA n 
1 12  ILE n 
1 13  SER n 
1 14  ALA n 
1 15  PHE n 
1 16  GLU n 
1 17  ASN n 
1 18  TYR n 
1 19  GLU n 
1 20  ILE n 
1 21  GLU n 
1 22  LYS n 
1 23  MET n 
1 24  ARG n 
1 25  ASP n 
1 26  GLY n 
1 27  HIS n 
1 28  VAL n 
1 29  VAL n 
1 30  VAL n 
1 31  THR n 
1 32  THR n 
1 33  LYS n 
1 34  VAL n 
1 35  VAL n 
1 36  ASN n 
1 37  SER n 
1 38  SER n 
1 39  LEU n 
1 40  ASN n 
1 41  TYR n 
1 42  TYR n 
1 43  GLY n 
1 44  ASN n 
1 45  ALA n 
1 46  HIS n 
1 47  GLY n 
1 48  GLY n 
1 49  TYR n 
1 50  LEU n 
1 51  PHE n 
1 52  THR n 
1 53  LEU n 
1 54  CYS n 
1 55  ASP n 
1 56  GLN n 
1 57  ILE n 
1 58  SER n 
1 59  GLY n 
1 60  LEU n 
1 61  VAL n 
1 62  VAL n 
1 63  ILE n 
1 64  SER n 
1 65  LEU n 
1 66  GLY n 
1 67  LEU n 
1 68  ASP n 
1 69  GLY n 
1 70  VAL n 
1 71  ALA n 
1 72  LEU n 
1 73  GLN n 
1 74  SER n 
1 75  SER n 
1 76  ILE n 
1 77  ASN n 
1 78  TYR n 
1 79  LEU n 
1 80  LYS n 
1 81  ALA n 
1 82  GLY n 
1 83  LYS n 
1 84  LEU n 
1 85  ASP n 
1 86  ASP n 
1 87  VAL n 
1 88  LEU n 
1 89  THR n 
1 90  ILE n 
1 91  LYS n 
1 92  GLY n 
1 93  GLU n 
1 94  CYS n 
1 95  VAL n 
1 96  HIS n 
1 97  GLN n 
1 98  GLY n 
1 99  ARG n 
1 100 THR n 
1 101 THR n 
1 102 CYS n 
1 103 VAL n 
1 104 MET n 
1 105 ASP n 
1 106 VAL n 
1 107 ASP n 
1 108 ILE n 
1 109 THR n 
1 110 ASN n 
1 111 GLN n 
1 112 GLU n 
1 113 GLY n 
1 114 ARG n 
1 115 ASN n 
1 116 VAL n 
1 117 CYS n 
1 118 LYS n 
1 119 ALA n 
1 120 THR n 
1 121 PHE n 
1 122 THR n 
1 123 MET n 
1 124 PHE n 
1 125 VAL n 
1 126 THR n 
1 127 GLY n 
1 128 GLN n 
1 129 ARG n 
1 130 SER n 
1 131 GLU n 
1 132 GLU n 
1 133 ARG n 
1 134 ARG n 
1 135 VAL n 
1 136 ARG n 
1 137 ILE n 
# 
_entity_src_gen.entity_id                          1 
_entity_src_gen.pdbx_src_id                        1 
_entity_src_gen.pdbx_alt_source_flag               sample 
_entity_src_gen.pdbx_seq_type                      'Biological sequence' 
_entity_src_gen.pdbx_beg_seq_num                   1 
_entity_src_gen.pdbx_end_seq_num                   137 
_entity_src_gen.gene_src_common_name               ? 
_entity_src_gen.gene_src_genus                     ? 
_entity_src_gen.pdbx_gene_src_gene                 SP_1851 
_entity_src_gen.gene_src_species                   ? 
_entity_src_gen.gene_src_strain                    'ATCC BAA-334 / TIGR4' 
_entity_src_gen.gene_src_tissue                    ? 
_entity_src_gen.gene_src_tissue_fraction           ? 
_entity_src_gen.gene_src_details                   ? 
_entity_src_gen.pdbx_gene_src_fragment             ? 
_entity_src_gen.pdbx_gene_src_scientific_name      'Streptococcus pneumoniae serotype 4 (strain ATCC BAA-334 / TIGR4)' 
_entity_src_gen.pdbx_gene_src_ncbi_taxonomy_id     170187 
_entity_src_gen.pdbx_gene_src_variant              ? 
_entity_src_gen.pdbx_gene_src_cell_line            ? 
_entity_src_gen.pdbx_gene_src_atcc                 ? 
_entity_src_gen.pdbx_gene_src_organ                ? 
_entity_src_gen.pdbx_gene_src_organelle            ? 
_entity_src_gen.pdbx_gene_src_cell                 ? 
_entity_src_gen.pdbx_gene_src_cellular_location    ? 
_entity_src_gen.host_org_common_name               ? 
_entity_src_gen.pdbx_host_org_scientific_name      'Escherichia coli' 
_entity_src_gen.pdbx_host_org_ncbi_taxonomy_id     562 
_entity_src_gen.host_org_genus                     ? 
_entity_src_gen.pdbx_host_org_gene                 ? 
_entity_src_gen.pdbx_host_org_organ                ? 
_entity_src_gen.host_org_species                   ? 
_entity_src_gen.pdbx_host_org_tissue               ? 
_entity_src_gen.pdbx_host_org_tissue_fraction      ? 
_entity_src_gen.pdbx_host_org_strain               ? 
_entity_src_gen.pdbx_host_org_variant              ? 
_entity_src_gen.pdbx_host_org_cell_line            ? 
_entity_src_gen.pdbx_host_org_atcc                 ? 
_entity_src_gen.pdbx_host_org_culture_collection   ? 
_entity_src_gen.pdbx_host_org_cell                 ? 
_entity_src_gen.pdbx_host_org_organelle            ? 
_entity_src_gen.pdbx_host_org_cellular_location    ? 
_entity_src_gen.pdbx_host_org_vector_type          Plasmid 
_entity_src_gen.pdbx_host_org_vector               ? 
_entity_src_gen.host_org_details                   ? 
_entity_src_gen.expression_system_id               ? 
_entity_src_gen.plasmid_name                       pMCSG21 
_entity_src_gen.plasmid_details                    ? 
_entity_src_gen.pdbx_description                   ? 
# 
_struct_ref.db_code                    Q97NZ8_STRPN 
_struct_ref.db_name                    UNP 
_struct_ref.details                    ? 
_struct_ref.entity_id                  1 
_struct_ref.id                         1 
_struct_ref.seq_align                  ? 
_struct_ref.seq_dif                    ? 
_struct_ref.pdbx_db_accession          Q97NZ8 
_struct_ref.pdbx_db_isoform            ? 
_struct_ref.pdbx_seq_one_letter_code   
;MKDFHFDAISAFENYEIEKMRDGHVVVTTKVVNSSLNYYGNAHGGYLFTLCDQISGLVVISLGLDGVTLQSSINYLKAGK
LDDVLTIKGECVHQGRTTCVMDVDITNQEGRNVCKATFTMFVTGQRSEERRVRI
;
_struct_ref.pdbx_align_begin           1 
_struct_ref.pdbx_align_end             ? 
# 
_struct_ref_seq.align_id                      1 
_struct_ref_seq.ref_id                        1 
_struct_ref_seq.pdbx_PDB_id_code              4XY6 
_struct_ref_seq.pdbx_strand_id                A 
_struct_ref_seq.seq_align_beg                 4 
_struct_ref_seq.pdbx_seq_align_beg_ins_code   ? 
_struct_ref_seq.seq_align_end                 137 
_struct_ref_seq.pdbx_seq_align_end_ins_code   ? 
_struct_ref_seq.pdbx_db_accession             Q97NZ8 
_struct_ref_seq.db_align_beg                  1 
_struct_ref_seq.pdbx_db_align_beg_ins_code    ? 
_struct_ref_seq.db_align_end                  134 
_struct_ref_seq.pdbx_db_align_end_ins_code    ? 
_struct_ref_seq.pdbx_auth_seq_align_beg       1 
_struct_ref_seq.pdbx_auth_seq_align_end       134 
# 
loop_
_struct_ref_seq_dif.align_id 
_struct_ref_seq_dif.pdbx_pdb_id_code 
_struct_ref_seq_dif.mon_id 
_struct_ref_seq_dif.pdbx_pdb_strand_id 
_struct_ref_seq_dif.seq_num 
_struct_ref_seq_dif.pdbx_pdb_ins_code 
_struct_ref_seq_dif.pdbx_seq_db_name 
_struct_ref_seq_dif.pdbx_seq_db_accession_code 
_struct_ref_seq_dif.db_mon_id 
_struct_ref_seq_dif.pdbx_seq_db_seq_num 
_struct_ref_seq_dif.details 
_struct_ref_seq_dif.pdbx_auth_seq_num 
_struct_ref_seq_dif.pdbx_ordinal 
1 4XY6 SER A 1  ? UNP Q97NZ8 ?   ?  'expression tag'      -2 1 
1 4XY6 ASN A 2  ? UNP Q97NZ8 ?   ?  'expression tag'      -1 2 
1 4XY6 ALA A 3  ? UNP Q97NZ8 ?   ?  'expression tag'      0  3 
1 4XY6 ALA A 71 ? UNP Q97NZ8 THR 68 'engineered mutation' 68 4 
# 
loop_
_chem_comp.id 
_chem_comp.type 
_chem_comp.mon_nstd_flag 
_chem_comp.name 
_chem_comp.pdbx_synonyms 
_chem_comp.formula 
_chem_comp.formula_weight 
ALA 'L-peptide linking' y ALANINE         ? 'C3 H7 N O2'     89.093  
ARG 'L-peptide linking' y ARGININE        ? 'C6 H15 N4 O2 1' 175.209 
ASN 'L-peptide linking' y ASPARAGINE      ? 'C4 H8 N2 O3'    132.118 
ASP 'L-peptide linking' y 'ASPARTIC ACID' ? 'C4 H7 N O4'     133.103 
CYS 'L-peptide linking' y CYSTEINE        ? 'C3 H7 N O2 S'   121.158 
GLN 'L-peptide linking' y GLUTAMINE       ? 'C5 H10 N2 O3'   146.144 
GLU 'L-peptide linking' y 'GLUTAMIC ACID' ? 'C5 H9 N O4'     147.129 
GLY 'peptide linking'   y GLYCINE         ? 'C2 H5 N O2'     75.067  
HIS 'L-peptide linking' y HISTIDINE       ? 'C6 H10 N3 O2 1' 156.162 
HOH non-polymer         . WATER           ? 'H2 O'           18.015  
ILE 'L-peptide linking' y ISOLEUCINE      ? 'C6 H13 N O2'    131.173 
LEU 'L-peptide linking' y LEUCINE         ? 'C6 H13 N O2'    131.173 
LYS 'L-peptide linking' y LYSINE          ? 'C6 H15 N2 O2 1' 147.195 
MET 'L-peptide linking' y METHIONINE      ? 'C5 H11 N O2 S'  149.211 
PHE 'L-peptide linking' y PHENYLALANINE   ? 'C9 H11 N O2'    165.189 
SER 'L-peptide linking' y SERINE          ? 'C3 H7 N O3'     105.093 
THR 'L-peptide linking' y THREONINE       ? 'C4 H9 N O3'     119.119 
TYR 'L-peptide linking' y TYROSINE        ? 'C9 H11 N O3'    181.189 
VAL 'L-peptide linking' y VALINE          ? 'C5 H11 N O2'    117.146 
# 
_exptl.absorpt_coefficient_mu     ? 
_exptl.absorpt_correction_T_max   ? 
_exptl.absorpt_correction_T_min   ? 
_exptl.absorpt_correction_type    ? 
_exptl.absorpt_process_details    ? 
_exptl.entry_id                   4XY6 
_exptl.crystals_number            1 
_exptl.details                    ? 
_exptl.method                     'X-RAY DIFFRACTION' 
_exptl.method_details             ? 
# 
_exptl_crystal.colour                      ? 
_exptl_crystal.density_diffrn              ? 
_exptl_crystal.density_Matthews            2.24 
_exptl_crystal.density_method              ? 
_exptl_crystal.density_percent_sol         45.01 
_exptl_crystal.description                 ? 
_exptl_crystal.F_000                       ? 
_exptl_crystal.id                          1 
_exptl_crystal.preparation                 ? 
_exptl_crystal.size_max                    ? 
_exptl_crystal.size_mid                    ? 
_exptl_crystal.size_min                    ? 
_exptl_crystal.size_rad                    ? 
_exptl_crystal.colour_lustre               ? 
_exptl_crystal.colour_modifier             ? 
_exptl_crystal.colour_primary              ? 
_exptl_crystal.density_meas                ? 
_exptl_crystal.density_meas_esd            ? 
_exptl_crystal.density_meas_gt             ? 
_exptl_crystal.density_meas_lt             ? 
_exptl_crystal.density_meas_temp           ? 
_exptl_crystal.density_meas_temp_esd       ? 
_exptl_crystal.density_meas_temp_gt        ? 
_exptl_crystal.density_meas_temp_lt        ? 
_exptl_crystal.pdbx_crystal_image_url      ? 
_exptl_crystal.pdbx_crystal_image_format   ? 
_exptl_crystal.pdbx_mosaicity              ? 
_exptl_crystal.pdbx_mosaicity_esd          ? 
# 
_exptl_crystal_grow.apparatus       ? 
_exptl_crystal_grow.atmosphere      ? 
_exptl_crystal_grow.crystal_id      1 
_exptl_crystal_grow.details         ? 
_exptl_crystal_grow.method          'VAPOR DIFFUSION, HANGING DROP' 
_exptl_crystal_grow.method_ref      ? 
_exptl_crystal_grow.pH              6.0 
_exptl_crystal_grow.pressure        ? 
_exptl_crystal_grow.pressure_esd    ? 
_exptl_crystal_grow.seeding         ? 
_exptl_crystal_grow.seeding_ref     ? 
_exptl_crystal_grow.temp            296 
_exptl_crystal_grow.temp_details    ? 
_exptl_crystal_grow.temp_esd        ? 
_exptl_crystal_grow.time            ? 
_exptl_crystal_grow.pdbx_details    '14% PEG3350, 100mM Tris pH6.0, 200mM magnesium chloride.' 
_exptl_crystal_grow.pdbx_pH_range   ? 
# 
_diffrn.ambient_environment    ? 
_diffrn.ambient_temp           100 
_diffrn.ambient_temp_details   ? 
_diffrn.ambient_temp_esd       ? 
_diffrn.crystal_id             1 
_diffrn.crystal_support        ? 
_diffrn.crystal_treatment      ? 
_diffrn.details                ? 
_diffrn.id                     1 
_diffrn.ambient_pressure       ? 
_diffrn.ambient_pressure_esd   ? 
_diffrn.ambient_pressure_gt    ? 
_diffrn.ambient_pressure_lt    ? 
_diffrn.ambient_temp_gt        ? 
_diffrn.ambient_temp_lt        ? 
# 
_diffrn_detector.details                      ? 
_diffrn_detector.detector                     CCD 
_diffrn_detector.diffrn_id                    1 
_diffrn_detector.type                         'ADSC QUANTUM 315r' 
_diffrn_detector.area_resol_mean              ? 
_diffrn_detector.dtime                        ? 
_diffrn_detector.pdbx_frames_total            ? 
_diffrn_detector.pdbx_collection_time_total   ? 
_diffrn_detector.pdbx_collection_date         2014-12-17 
# 
_diffrn_radiation.collimation                      ? 
_diffrn_radiation.diffrn_id                        1 
_diffrn_radiation.filter_edge                      ? 
_diffrn_radiation.inhomogeneity                    ? 
_diffrn_radiation.monochromator                    ? 
_diffrn_radiation.polarisn_norm                    ? 
_diffrn_radiation.polarisn_ratio                   ? 
_diffrn_radiation.probe                            ? 
_diffrn_radiation.type                             ? 
_diffrn_radiation.xray_symbol                      ? 
_diffrn_radiation.wavelength_id                    1 
_diffrn_radiation.pdbx_monochromatic_or_laue_m_l   M 
_diffrn_radiation.pdbx_wavelength_list             ? 
_diffrn_radiation.pdbx_wavelength                  ? 
_diffrn_radiation.pdbx_diffrn_protocol             'SINGLE WAVELENGTH' 
_diffrn_radiation.pdbx_analyzer                    ? 
_diffrn_radiation.pdbx_scattering_type             x-ray 
# 
_diffrn_radiation_wavelength.id           1 
_diffrn_radiation_wavelength.wavelength   0.9537 
_diffrn_radiation_wavelength.wt           1.0 
# 
_diffrn_source.current                     ? 
_diffrn_source.details                     ? 
_diffrn_source.diffrn_id                   1 
_diffrn_source.power                       ? 
_diffrn_source.size                        ? 
_diffrn_source.source                      SYNCHROTRON 
_diffrn_source.target                      ? 
_diffrn_source.type                        'AUSTRALIAN SYNCHROTRON BEAMLINE MX1' 
_diffrn_source.voltage                     ? 
_diffrn_source.take-off_angle              ? 
_diffrn_source.pdbx_wavelength_list        0.9537 
_diffrn_source.pdbx_wavelength             ? 
_diffrn_source.pdbx_synchrotron_beamline   MX1 
_diffrn_source.pdbx_synchrotron_site       'Australian Synchrotron' 
# 
_reflns.B_iso_Wilson_estimate            ? 
_reflns.entry_id                         4XY6 
_reflns.data_reduction_details           ? 
_reflns.data_reduction_method            ? 
_reflns.d_resolution_high                2.0 
_reflns.d_resolution_low                 30.17 
_reflns.details                          ? 
_reflns.limit_h_max                      ? 
_reflns.limit_h_min                      ? 
_reflns.limit_k_max                      ? 
_reflns.limit_k_min                      ? 
_reflns.limit_l_max                      ? 
_reflns.limit_l_min                      ? 
_reflns.number_all                       ? 
_reflns.number_obs                       9368 
_reflns.observed_criterion               ? 
_reflns.observed_criterion_F_max         ? 
_reflns.observed_criterion_F_min         ? 
_reflns.observed_criterion_I_max         ? 
_reflns.observed_criterion_I_min         ? 
_reflns.observed_criterion_sigma_F       ? 
_reflns.observed_criterion_sigma_I       ? 
_reflns.percent_possible_obs             99.8 
_reflns.R_free_details                   ? 
_reflns.Rmerge_F_all                     ? 
_reflns.Rmerge_F_obs                     ? 
_reflns.Friedel_coverage                 ? 
_reflns.number_gt                        ? 
_reflns.threshold_expression             ? 
_reflns.pdbx_redundancy                  6.1 
_reflns.pdbx_Rmerge_I_obs                0.09 
_reflns.pdbx_Rmerge_I_all                ? 
_reflns.pdbx_Rsym_value                  ? 
_reflns.pdbx_netI_over_av_sigmaI         ? 
_reflns.pdbx_netI_over_sigmaI            13.1 
_reflns.pdbx_res_netI_over_av_sigmaI_2   ? 
_reflns.pdbx_res_netI_over_sigmaI_2      ? 
_reflns.pdbx_chi_squared                 ? 
_reflns.pdbx_scaling_rejects             ? 
_reflns.pdbx_d_res_high_opt              ? 
_reflns.pdbx_d_res_low_opt               ? 
_reflns.pdbx_d_res_opt_method            ? 
_reflns.phase_calculation_details        ? 
_reflns.pdbx_Rrim_I_all                  ? 
_reflns.pdbx_Rpim_I_all                  ? 
_reflns.pdbx_d_opt                       ? 
_reflns.pdbx_number_measured_all         ? 
_reflns.pdbx_diffrn_id                   1 
_reflns.pdbx_ordinal                     1 
_reflns.pdbx_CC_half                     ? 
_reflns.pdbx_R_split                     ? 
# 
_reflns_shell.d_res_high                  2.0 
_reflns_shell.d_res_low                   2.05 
_reflns_shell.meanI_over_sigI_all         ? 
_reflns_shell.meanI_over_sigI_obs         8.3 
_reflns_shell.number_measured_all         ? 
_reflns_shell.number_measured_obs         ? 
_reflns_shell.number_possible             ? 
_reflns_shell.number_unique_all           ? 
_reflns_shell.number_unique_obs           ? 
_reflns_shell.percent_possible_all        99.9 
_reflns_shell.percent_possible_obs        ? 
_reflns_shell.Rmerge_F_all                ? 
_reflns_shell.Rmerge_F_obs                ? 
_reflns_shell.Rmerge_I_all                ? 
_reflns_shell.Rmerge_I_obs                0.146 
_reflns_shell.meanI_over_sigI_gt          ? 
_reflns_shell.meanI_over_uI_all           ? 
_reflns_shell.meanI_over_uI_gt            ? 
_reflns_shell.number_measured_gt          ? 
_reflns_shell.number_unique_gt            ? 
_reflns_shell.percent_possible_gt         ? 
_reflns_shell.Rmerge_F_gt                 ? 
_reflns_shell.Rmerge_I_gt                 ? 
_reflns_shell.pdbx_redundancy             5.8 
_reflns_shell.pdbx_Rsym_value             ? 
_reflns_shell.pdbx_chi_squared            ? 
_reflns_shell.pdbx_netI_over_sigmaI_all   ? 
_reflns_shell.pdbx_netI_over_sigmaI_obs   ? 
_reflns_shell.pdbx_Rrim_I_all             ? 
_reflns_shell.pdbx_Rpim_I_all             ? 
_reflns_shell.pdbx_rejects                ? 
_reflns_shell.pdbx_ordinal                1 
_reflns_shell.pdbx_diffrn_id              1 
_reflns_shell.pdbx_CC_half                ? 
_reflns_shell.pdbx_R_split                ? 
# 
_refine.pdbx_refine_id                           'X-RAY DIFFRACTION' 
_refine.entry_id                                 4XY6 
_refine.pdbx_diffrn_id                           1 
_refine.pdbx_TLS_residual_ADP_flag               ? 
_refine.ls_number_reflns_obs                     9368 
_refine.ls_number_reflns_all                     ? 
_refine.pdbx_ls_sigma_I                          ? 
_refine.pdbx_ls_sigma_F                          1.35 
_refine.pdbx_data_cutoff_high_absF               ? 
_refine.pdbx_data_cutoff_low_absF                ? 
_refine.pdbx_data_cutoff_high_rms_absF           ? 
_refine.ls_d_res_low                             25.576 
_refine.ls_d_res_high                            2.000 
_refine.ls_percent_reflns_obs                    99.74 
_refine.ls_R_factor_obs                          0.1803 
_refine.ls_R_factor_all                          ? 
_refine.ls_R_factor_R_work                       0.1783 
_refine.ls_R_factor_R_free                       0.2202 
_refine.ls_R_factor_R_free_error                 ? 
_refine.ls_R_factor_R_free_error_details         ? 
_refine.ls_percent_reflns_R_free                 4.97 
_refine.ls_number_reflns_R_free                  466 
_refine.ls_number_parameters                     ? 
_refine.ls_number_restraints                     ? 
_refine.occupancy_min                            ? 
_refine.occupancy_max                            ? 
_refine.correlation_coeff_Fo_to_Fc               ? 
_refine.correlation_coeff_Fo_to_Fc_free          ? 
_refine.B_iso_mean                               ? 
_refine.aniso_B[1][1]                            ? 
_refine.aniso_B[2][2]                            ? 
_refine.aniso_B[3][3]                            ? 
_refine.aniso_B[1][2]                            ? 
_refine.aniso_B[1][3]                            ? 
_refine.aniso_B[2][3]                            ? 
_refine.solvent_model_details                    'FLAT BULK SOLVENT MODEL' 
_refine.solvent_model_param_ksol                 ? 
_refine.solvent_model_param_bsol                 ? 
_refine.pdbx_solvent_vdw_probe_radii             1.11 
_refine.pdbx_solvent_ion_probe_radii             ? 
_refine.pdbx_solvent_shrinkage_radii             0.90 
_refine.pdbx_ls_cross_valid_method               'FREE R-VALUE' 
_refine.details                                  ? 
_refine.pdbx_starting_model                      4I82 
_refine.pdbx_method_to_determine_struct          'MOLECULAR REPLACEMENT' 
_refine.pdbx_isotropic_thermal_model             ? 
_refine.pdbx_stereochemistry_target_values       ML 
_refine.pdbx_stereochem_target_val_spec_case     ? 
_refine.pdbx_R_Free_selection_details            ? 
_refine.pdbx_overall_ESU_R                       ? 
_refine.pdbx_overall_ESU_R_Free                  ? 
_refine.overall_SU_ML                            0.21 
_refine.pdbx_overall_phase_error                 21.19 
_refine.overall_SU_B                             ? 
_refine.overall_SU_R_Cruickshank_DPI             ? 
_refine.pdbx_overall_SU_R_free_Cruickshank_DPI   ? 
_refine.pdbx_overall_SU_R_Blow_DPI               ? 
_refine.pdbx_overall_SU_R_free_Blow_DPI          ? 
# 
_refine_hist.pdbx_refine_id                   'X-RAY DIFFRACTION' 
_refine_hist.cycle_id                         LAST 
_refine_hist.pdbx_number_atoms_protein        935 
_refine_hist.pdbx_number_atoms_nucleic_acid   0 
_refine_hist.pdbx_number_atoms_ligand         0 
_refine_hist.number_atoms_solvent             135 
_refine_hist.number_atoms_total               1070 
_refine_hist.d_res_high                       2.000 
_refine_hist.d_res_low                        25.576 
# 
loop_
_refine_ls_restr.type 
_refine_ls_restr.dev_ideal 
_refine_ls_restr.dev_ideal_target 
_refine_ls_restr.weight 
_refine_ls_restr.number 
_refine_ls_restr.pdbx_refine_id 
_refine_ls_restr.pdbx_restraint_function 
f_bond_d           0.007  ? ? 953  'X-RAY DIFFRACTION' ? 
f_angle_d          0.899  ? ? 1290 'X-RAY DIFFRACTION' ? 
f_dihedral_angle_d 11.973 ? ? 336  'X-RAY DIFFRACTION' ? 
f_chiral_restr     0.035  ? ? 152  'X-RAY DIFFRACTION' ? 
f_plane_restr      0.004  ? ? 165  'X-RAY DIFFRACTION' ? 
# 
loop_
_refine_ls_shell.pdbx_refine_id 
_refine_ls_shell.pdbx_total_number_of_bins_used 
_refine_ls_shell.d_res_high 
_refine_ls_shell.d_res_low 
_refine_ls_shell.number_reflns_R_work 
_refine_ls_shell.R_factor_R_work 
_refine_ls_shell.percent_reflns_obs 
_refine_ls_shell.R_factor_R_free 
_refine_ls_shell.R_factor_R_free_error 
_refine_ls_shell.percent_reflns_R_free 
_refine_ls_shell.number_reflns_R_free 
_refine_ls_shell.number_reflns_all 
_refine_ls_shell.R_factor_all 
_refine_ls_shell.R_factor_obs 
_refine_ls_shell.number_reflns_obs 
'X-RAY DIFFRACTION' . 2.0000 2.2893  2888 0.1881 100.00 0.2771 . . 183 . . . . 
'X-RAY DIFFRACTION' . 2.2893 2.8836  2941 0.1908 100.00 0.2445 . . 142 . . . . 
'X-RAY DIFFRACTION' . 2.8836 25.5777 3073 0.1675 99.00  0.1767 . . 141 . . . . 
# 
_struct.entry_id                     4XY6 
_struct.title                        
'Crystal Structure of mutant (Thr68Ala) Hypothetical Thioesterase Protein SP_1851 from Streptococcus pneumoniae TIGR4' 
_struct.pdbx_model_details           ? 
_struct.pdbx_formula_weight          ? 
_struct.pdbx_formula_weight_method   ? 
_struct.pdbx_model_type_details      ? 
_struct.pdbx_CASP_flag               ? 
# 
_struct_keywords.entry_id        4XY6 
_struct_keywords.text            'Thioesterase, Hot dog fold, Streptococcus pneumonia, Mutant, HYDROLASE' 
_struct_keywords.pdbx_keywords   HYDROLASE 
# 
loop_
_struct_asym.id 
_struct_asym.pdbx_blank_PDB_chainid_flag 
_struct_asym.pdbx_modified 
_struct_asym.entity_id 
_struct_asym.details 
A N N 1 ? 
B N N 2 ? 
# 
loop_
_struct_conf.conf_type_id 
_struct_conf.id 
_struct_conf.pdbx_PDB_helix_id 
_struct_conf.beg_label_comp_id 
_struct_conf.beg_label_asym_id 
_struct_conf.beg_label_seq_id 
_struct_conf.pdbx_beg_PDB_ins_code 
_struct_conf.end_label_comp_id 
_struct_conf.end_label_asym_id 
_struct_conf.end_label_seq_id 
_struct_conf.pdbx_end_PDB_ins_code 
_struct_conf.beg_auth_comp_id 
_struct_conf.beg_auth_asym_id 
_struct_conf.beg_auth_seq_id 
_struct_conf.end_auth_comp_id 
_struct_conf.end_auth_asym_id 
_struct_conf.end_auth_seq_id 
_struct_conf.pdbx_PDB_helix_class 
_struct_conf.details 
_struct_conf.pdbx_PDB_helix_length 
HELX_P HELX_P1 AA1 VAL A 35 ? LEU A 39 ? VAL A 32 LEU A 36 5 ? 5  
HELX_P HELX_P2 AA2 HIS A 46 ? LEU A 65 ? HIS A 43 LEU A 62 1 ? 20 
# 
_struct_conf_type.id          HELX_P 
_struct_conf_type.criteria    ? 
_struct_conf_type.reference   ? 
# 
_struct_sheet.id               AA1 
_struct_sheet.type             ? 
_struct_sheet.number_strands   6 
_struct_sheet.details          ? 
# 
loop_
_struct_sheet_order.sheet_id 
_struct_sheet_order.range_id_1 
_struct_sheet_order.range_id_2 
_struct_sheet_order.offset 
_struct_sheet_order.sense 
AA1 1 2 ? anti-parallel 
AA1 2 3 ? anti-parallel 
AA1 3 4 ? anti-parallel 
AA1 4 5 ? anti-parallel 
AA1 5 6 ? anti-parallel 
# 
loop_
_struct_sheet_range.sheet_id 
_struct_sheet_range.id 
_struct_sheet_range.beg_label_comp_id 
_struct_sheet_range.beg_label_asym_id 
_struct_sheet_range.beg_label_seq_id 
_struct_sheet_range.pdbx_beg_PDB_ins_code 
_struct_sheet_range.end_label_comp_id 
_struct_sheet_range.end_label_asym_id 
_struct_sheet_range.end_label_seq_id 
_struct_sheet_range.pdbx_end_PDB_ins_code 
_struct_sheet_range.beg_auth_comp_id 
_struct_sheet_range.beg_auth_asym_id 
_struct_sheet_range.beg_auth_seq_id 
_struct_sheet_range.end_auth_comp_id 
_struct_sheet_range.end_auth_asym_id 
_struct_sheet_range.end_auth_seq_id 
AA1 1 GLU A 19  ? ARG A 24  ? GLU A 16  ARG A 21  
AA1 2 HIS A 27  ? LYS A 33  ? HIS A 24  LYS A 30  
AA1 3 VAL A 87  ? GLN A 97  ? VAL A 84  GLN A 94  
AA1 4 THR A 101 ? THR A 109 ? THR A 98  THR A 106 
AA1 5 ASN A 115 ? GLY A 127 ? ASN A 112 GLY A 124 
AA1 6 ASP A 68  ? TYR A 78  ? ASP A 65  TYR A 75  
# 
loop_
_pdbx_struct_sheet_hbond.sheet_id 
_pdbx_struct_sheet_hbond.range_id_1 
_pdbx_struct_sheet_hbond.range_id_2 
_pdbx_struct_sheet_hbond.range_1_label_atom_id 
_pdbx_struct_sheet_hbond.range_1_label_comp_id 
_pdbx_struct_sheet_hbond.range_1_label_asym_id 
_pdbx_struct_sheet_hbond.range_1_label_seq_id 
_pdbx_struct_sheet_hbond.range_1_PDB_ins_code 
_pdbx_struct_sheet_hbond.range_1_auth_atom_id 
_pdbx_struct_sheet_hbond.range_1_auth_comp_id 
_pdbx_struct_sheet_hbond.range_1_auth_asym_id 
_pdbx_struct_sheet_hbond.range_1_auth_seq_id 
_pdbx_struct_sheet_hbond.range_2_label_atom_id 
_pdbx_struct_sheet_hbond.range_2_label_comp_id 
_pdbx_struct_sheet_hbond.range_2_label_asym_id 
_pdbx_struct_sheet_hbond.range_2_label_seq_id 
_pdbx_struct_sheet_hbond.range_2_PDB_ins_code 
_pdbx_struct_sheet_hbond.range_2_auth_atom_id 
_pdbx_struct_sheet_hbond.range_2_auth_comp_id 
_pdbx_struct_sheet_hbond.range_2_auth_asym_id 
_pdbx_struct_sheet_hbond.range_2_auth_seq_id 
AA1 1 2 N GLU A 19  ? N GLU A 16  O THR A 31  ? O THR A 28  
AA1 2 3 N VAL A 30  ? N VAL A 27  O ILE A 90  ? O ILE A 87  
AA1 3 4 N THR A 89  ? N THR A 86  O THR A 109 ? O THR A 106 
AA1 4 5 N ILE A 108 ? N ILE A 105 O VAL A 116 ? O VAL A 113 
AA1 5 6 O LYS A 118 ? O LYS A 115 N ASN A 77  ? N ASN A 74  
# 
_atom_sites.entry_id                    4XY6 
_atom_sites.fract_transf_matrix[1][1]   0.01394253 
_atom_sites.fract_transf_matrix[1][2]   0.01193026 
_atom_sites.fract_transf_matrix[1][3]   -0.01132992 
_atom_sites.fract_transf_matrix[2][1]   -0.00460048 
_atom_sites.fract_transf_matrix[2][2]   -0.00119117 
_atom_sites.fract_transf_matrix[2][3]   -0.00691561 
_atom_sites.fract_transf_matrix[3][1]   -0.01100167 
_atom_sites.fract_transf_matrix[3][2]   0.01702311 
_atom_sites.fract_transf_matrix[3][3]   0.00438652 
_atom_sites.fract_transf_vector[1]      -0.466307 
_atom_sites.fract_transf_vector[2]      -0.110564 
_atom_sites.fract_transf_vector[3]      0.324072 
# 
loop_
_atom_type.symbol 
C 
N 
O 
S 
# 
loop_
_atom_site.group_PDB 
_atom_site.id 
_atom_site.type_symbol 
_atom_site.label_atom_id 
_atom_site.label_alt_id 
_atom_site.label_comp_id 
_atom_site.label_asym_id 
_atom_site.label_entity_id 
_atom_site.label_seq_id 
_atom_site.pdbx_PDB_ins_code 
_atom_site.Cartn_x 
_atom_site.Cartn_y 
_atom_site.Cartn_z 
_atom_site.occupancy 
_atom_site.B_iso_or_equiv 
_atom_site.pdbx_formal_charge 
_atom_site.auth_seq_id 
_atom_site.auth_comp_id 
_atom_site.auth_asym_id 
_atom_site.auth_atom_id 
_atom_site.pdbx_PDB_model_num 
ATOM   1    N N   . PHE A 1 7   ? -16.221 11.589  19.424  1.00 35.54 ? 4   PHE A N   1 
ATOM   2    C CA  . PHE A 1 7   ? -15.749 12.577  20.391  1.00 41.20 ? 4   PHE A CA  1 
ATOM   3    C C   . PHE A 1 7   ? -14.224 12.556  20.504  1.00 39.57 ? 4   PHE A C   1 
ATOM   4    O O   . PHE A 1 7   ? -13.568 13.595  20.378  1.00 41.58 ? 4   PHE A O   1 
ATOM   5    C CB  . PHE A 1 7   ? -16.391 12.331  21.759  1.00 49.04 ? 4   PHE A CB  1 
ATOM   6    C CG  . PHE A 1 7   ? -15.916 13.272  22.836  1.00 59.74 ? 4   PHE A CG  1 
ATOM   7    C CD1 . PHE A 1 7   ? -16.425 14.561  22.925  1.00 70.25 ? 4   PHE A CD1 1 
ATOM   8    C CD2 . PHE A 1 7   ? -14.980 12.860  23.773  1.00 56.23 ? 4   PHE A CD2 1 
ATOM   9    C CE1 . PHE A 1 7   ? -15.997 15.428  23.919  1.00 61.96 ? 4   PHE A CE1 1 
ATOM   10   C CE2 . PHE A 1 7   ? -14.548 13.720  24.769  1.00 62.78 ? 4   PHE A CE2 1 
ATOM   11   C CZ  . PHE A 1 7   ? -15.057 15.006  24.843  1.00 68.26 ? 4   PHE A CZ  1 
ATOM   12   N N   . HIS A 1 8   ? -13.661 11.374  20.737  1.00 39.44 ? 5   HIS A N   1 
ATOM   13   C CA  . HIS A 1 8   ? -12.209 11.226  20.811  1.00 31.49 ? 5   HIS A CA  1 
ATOM   14   C C   . HIS A 1 8   ? -11.702 9.966   20.111  1.00 32.47 ? 5   HIS A C   1 
ATOM   15   O O   . HIS A 1 8   ? -12.310 8.897   20.193  1.00 35.12 ? 5   HIS A O   1 
ATOM   16   C CB  . HIS A 1 8   ? -11.738 11.213  22.264  1.00 35.79 ? 5   HIS A CB  1 
ATOM   17   C CG  . HIS A 1 8   ? -10.257 11.033  22.409  1.00 40.35 ? 5   HIS A CG  1 
ATOM   18   N ND1 . HIS A 1 8   ? -9.663  9.795   22.480  1.00 35.73 ? 5   HIS A ND1 1 
ATOM   19   C CD2 . HIS A 1 8   ? -9.255  11.942  22.481  1.00 43.54 ? 5   HIS A CD2 1 
ATOM   20   C CE1 . HIS A 1 8   ? -8.351  9.944   22.595  1.00 40.66 ? 5   HIS A CE1 1 
ATOM   21   N NE2 . HIS A 1 8   ? -8.081  11.234  22.598  1.00 45.01 ? 5   HIS A NE2 1 
ATOM   22   N N   . PHE A 1 9   ? -10.575 10.101  19.424  1.00 24.49 ? 6   PHE A N   1 
ATOM   23   C CA  . PHE A 1 9   ? -9.939  8.962   18.789  1.00 25.27 ? 6   PHE A CA  1 
ATOM   24   C C   . PHE A 1 9   ? -8.440  9.213   18.646  1.00 20.19 ? 6   PHE A C   1 
ATOM   25   O O   . PHE A 1 9   ? -7.993  10.362  18.605  1.00 24.42 ? 6   PHE A O   1 
ATOM   26   C CB  . PHE A 1 9   ? -10.600 8.668   17.434  1.00 26.17 ? 6   PHE A CB  1 
ATOM   27   C CG  . PHE A 1 9   ? -10.632 9.843   16.494  1.00 26.86 ? 6   PHE A CG  1 
ATOM   28   C CD1 . PHE A 1 9   ? -9.619  10.033  15.565  1.00 22.06 ? 6   PHE A CD1 1 
ATOM   29   C CD2 . PHE A 1 9   ? -11.685 10.744  16.521  1.00 19.33 ? 6   PHE A CD2 1 
ATOM   30   C CE1 . PHE A 1 9   ? -9.648  11.105  14.692  1.00 12.78 ? 6   PHE A CE1 1 
ATOM   31   C CE2 . PHE A 1 9   ? -11.716 11.819  15.653  1.00 19.71 ? 6   PHE A CE2 1 
ATOM   32   C CZ  . PHE A 1 9   ? -10.695 11.996  14.735  1.00 18.07 ? 6   PHE A CZ  1 
ATOM   33   N N   . ASP A 1 10  ? -7.657  8.141   18.605  1.00 19.68 ? 7   ASP A N   1 
ATOM   34   C CA  . ASP A 1 10  ? -6.203  8.282   18.554  1.00 22.30 ? 7   ASP A CA  1 
ATOM   35   C C   . ASP A 1 10  ? -5.714  8.490   17.125  1.00 18.15 ? 7   ASP A C   1 
ATOM   36   O O   . ASP A 1 10  ? -6.440  8.223   16.164  1.00 18.31 ? 7   ASP A O   1 
ATOM   37   C CB  . ASP A 1 10  ? -5.517  7.057   19.160  1.00 26.90 ? 7   ASP A CB  1 
ATOM   38   C CG  . ASP A 1 10  ? -6.008  6.747   20.562  1.00 39.33 ? 7   ASP A CG  1 
ATOM   39   O OD1 . ASP A 1 10  ? -5.501  7.362   21.526  1.00 34.38 ? 7   ASP A OD1 1 
ATOM   40   O OD2 . ASP A 1 10  ? -6.905  5.887   20.693  1.00 31.97 ? 7   ASP A OD2 1 
ATOM   41   N N   . ALA A 1 11  ? -4.487  8.970   16.993  1.00 15.38 ? 8   ALA A N   1 
ATOM   42   C CA  . ALA A 1 11  ? -3.885  9.132   15.681  1.00 12.99 ? 8   ALA A CA  1 
ATOM   43   C C   . ALA A 1 11  ? -3.798  7.780   14.972  1.00 13.10 ? 8   ALA A C   1 
ATOM   44   O O   . ALA A 1 11  ? -3.653  6.740   15.609  1.00 14.56 ? 8   ALA A O   1 
ATOM   45   C CB  . ALA A 1 11  ? -2.508  9.764   15.806  1.00 18.35 ? 8   ALA A CB  1 
ATOM   46   N N   . ILE A 1 12  ? -3.914  7.795   13.650  1.00 12.34 ? 9   ILE A N   1 
ATOM   47   C CA  . ILE A 1 12  ? -3.717  6.584   12.876  1.00 7.51  ? 9   ILE A CA  1 
ATOM   48   C C   . ILE A 1 12  ? -2.336  6.669   12.267  1.00 8.47  ? 9   ILE A C   1 
ATOM   49   O O   . ILE A 1 12  ? -1.978  7.672   11.659  1.00 8.35  ? 9   ILE A O   1 
ATOM   50   C CB  . ILE A 1 12  ? -4.786  6.405   11.782  1.00 8.69  ? 9   ILE A CB  1 
ATOM   51   C CG1 . ILE A 1 12  ? -6.169  6.264   12.416  1.00 9.75  ? 9   ILE A CG1 1 
ATOM   52   C CG2 . ILE A 1 12  ? -4.485  5.191   10.939  1.00 7.11  ? 9   ILE A CG2 1 
ATOM   53   C CD1 . ILE A 1 12  ? -6.923  7.568   12.566  1.00 10.09 ? 9   ILE A CD1 1 
ATOM   54   N N   . SER A 1 13  ? -1.549  5.621   12.440  1.00 6.51  ? 10  SER A N   1 
ATOM   55   C CA  . SER A 1 13  ? -0.176  5.658   11.985  1.00 7.23  ? 10  SER A CA  1 
ATOM   56   C C   . SER A 1 13  ? 0.120   4.461   11.100  1.00 5.90  ? 10  SER A C   1 
ATOM   57   O O   . SER A 1 13  ? -0.467  3.394   11.279  1.00 7.94  ? 10  SER A O   1 
ATOM   58   C CB  . SER A 1 13  ? 0.773   5.695   13.191  1.00 13.69 ? 10  SER A CB  1 
ATOM   59   O OG  . SER A 1 13  ? 2.115   5.659   12.754  1.00 24.21 ? 10  SER A OG  1 
ATOM   60   N N   . ALA A 1 14  ? 1.027   4.641   10.143  1.00 5.80  ? 11  ALA A N   1 
ATOM   61   C CA  . ALA A 1 14  ? 1.415   3.556   9.248   1.00 7.65  ? 11  ALA A CA  1 
ATOM   62   C C   . ALA A 1 14  ? 2.927   3.488   9.046   1.00 6.11  ? 11  ALA A C   1 
ATOM   63   O O   . ALA A 1 14  ? 3.600   4.517   8.961   1.00 9.81  ? 11  ALA A O   1 
ATOM   64   C CB  . ALA A 1 14  ? 0.717   3.707   7.907   1.00 6.79  ? 11  ALA A CB  1 
ATOM   65   N N   . PHE A 1 15  ? 3.441   2.264   8.957   1.00 6.76  ? 12  PHE A N   1 
ATOM   66   C CA  . PHE A 1 15  ? 4.872   1.993   8.786   1.00 6.52  ? 12  PHE A CA  1 
ATOM   67   C C   . PHE A 1 15  ? 5.695   2.409   10.004  1.00 11.99 ? 12  PHE A C   1 
ATOM   68   O O   . PHE A 1 15  ? 6.803   2.938   9.870   1.00 6.85  ? 12  PHE A O   1 
ATOM   69   C CB  . PHE A 1 15  ? 5.423   2.681   7.527   1.00 8.47  ? 12  PHE A CB  1 
ATOM   70   C CG  . PHE A 1 15  ? 4.826   2.166   6.243   1.00 11.60 ? 12  PHE A CG  1 
ATOM   71   C CD1 . PHE A 1 15  ? 5.249   0.951   5.705   1.00 11.74 ? 12  PHE A CD1 1 
ATOM   72   C CD2 . PHE A 1 15  ? 3.853   2.889   5.577   1.00 5.56  ? 12  PHE A CD2 1 
ATOM   73   C CE1 . PHE A 1 15  ? 4.712   0.469   4.521   1.00 10.33 ? 12  PHE A CE1 1 
ATOM   74   C CE2 . PHE A 1 15  ? 3.313   2.415   4.381   1.00 6.85  ? 12  PHE A CE2 1 
ATOM   75   C CZ  . PHE A 1 15  ? 3.747   1.203   3.858   1.00 5.82  ? 12  PHE A CZ  1 
ATOM   76   N N   . GLU A 1 16  ? 5.176   2.146   11.197  1.00 9.31  ? 13  GLU A N   1 
ATOM   77   C CA  . GLU A 1 16  ? 6.021   2.305   12.374  1.00 13.65 ? 13  GLU A CA  1 
ATOM   78   C C   . GLU A 1 16  ? 7.012   1.139   12.407  1.00 18.35 ? 13  GLU A C   1 
ATOM   79   O O   . GLU A 1 16  ? 8.032   1.195   13.087  1.00 18.15 ? 13  GLU A O   1 
ATOM   80   C CB  . GLU A 1 16  ? 5.180   2.414   13.642  1.00 15.65 ? 13  GLU A CB  1 
ATOM   81   C CG  . GLU A 1 16  ? 4.925   3.889   14.007  1.00 19.87 ? 13  GLU A CG  1 
ATOM   82   C CD  . GLU A 1 16  ? 3.800   4.100   15.000  1.00 37.95 ? 13  GLU A CD  1 
ATOM   83   O OE1 . GLU A 1 16  ? 3.309   3.109   15.594  1.00 32.47 ? 13  GLU A OE1 1 
ATOM   84   O OE2 . GLU A 1 16  ? 3.408   5.275   15.185  1.00 42.05 ? 13  GLU A OE2 1 
ATOM   85   N N   . ASN A 1 17  ? 6.717   0.103   11.620  1.00 15.81 ? 14  ASN A N   1 
ATOM   86   C CA  . ASN A 1 17  ? 7.676   -0.966  11.327  1.00 20.46 ? 14  ASN A CA  1 
ATOM   87   C C   . ASN A 1 17  ? 7.475   -1.458  9.897   1.00 15.97 ? 14  ASN A C   1 
ATOM   88   O O   . ASN A 1 17  ? 6.356   -1.435  9.403   1.00 10.67 ? 14  ASN A O   1 
ATOM   89   C CB  . ASN A 1 17  ? 7.517   -2.130  12.310  1.00 14.57 ? 14  ASN A CB  1 
ATOM   90   C CG  . ASN A 1 17  ? 6.263   -2.955  12.042  1.00 17.39 ? 14  ASN A CG  1 
ATOM   91   O OD1 . ASN A 1 17  ? 6.260   -3.852  11.194  1.00 16.56 ? 14  ASN A OD1 1 
ATOM   92   N ND2 . ASN A 1 17  ? 5.191   -2.652  12.766  1.00 18.74 ? 14  ASN A ND2 1 
ATOM   93   N N   . TYR A 1 18  ? 8.541   -1.889  9.228   1.00 12.85 ? 15  TYR A N   1 
ATOM   94   C CA  . TYR A 1 18  ? 8.406   -2.470  7.881   1.00 13.90 ? 15  TYR A CA  1 
ATOM   95   C C   . TYR A 1 18  ? 9.693   -3.155  7.425   1.00 17.48 ? 15  TYR A C   1 
ATOM   96   O O   . TYR A 1 18  ? 10.781  -2.813  7.889   1.00 16.37 ? 15  TYR A O   1 
ATOM   97   C CB  . TYR A 1 18  ? 8.010   -1.400  6.845   1.00 10.81 ? 15  TYR A CB  1 
ATOM   98   C CG  . TYR A 1 18  ? 9.065   -0.339  6.606   1.00 15.27 ? 15  TYR A CG  1 
ATOM   99   C CD1 . TYR A 1 18  ? 10.032  -0.500  5.623   1.00 16.12 ? 15  TYR A CD1 1 
ATOM   100  C CD2 . TYR A 1 18  ? 9.096   0.825   7.366   1.00 16.09 ? 15  TYR A CD2 1 
ATOM   101  C CE1 . TYR A 1 18  ? 11.004  0.467   5.408   1.00 13.85 ? 15  TYR A CE1 1 
ATOM   102  C CE2 . TYR A 1 18  ? 10.064  1.798   7.152   1.00 16.37 ? 15  TYR A CE2 1 
ATOM   103  C CZ  . TYR A 1 18  ? 11.009  1.609   6.173   1.00 19.31 ? 15  TYR A CZ  1 
ATOM   104  O OH  . TYR A 1 18  ? 11.970  2.568   5.955   1.00 29.40 ? 15  TYR A OH  1 
ATOM   105  N N   . GLU A 1 19  ? 9.564   -4.108  6.502   1.00 15.24 ? 16  GLU A N   1 
ATOM   106  C CA  . GLU A 1 19  ? 10.721  -4.714  5.840   1.00 15.09 ? 16  GLU A CA  1 
ATOM   107  C C   . GLU A 1 19  ? 10.570  -4.610  4.325   1.00 17.66 ? 16  GLU A C   1 
ATOM   108  O O   . GLU A 1 19  ? 9.598   -5.114  3.757   1.00 13.95 ? 16  GLU A O   1 
ATOM   109  C CB  . GLU A 1 19  ? 10.884  -6.191  6.229   1.00 16.00 ? 16  GLU A CB  1 
ATOM   110  C CG  . GLU A 1 19  ? 10.972  -6.479  7.725   1.00 24.29 ? 16  GLU A CG  1 
ATOM   111  C CD  . GLU A 1 19  ? 12.372  -6.277  8.297   1.00 37.08 ? 16  GLU A CD  1 
ATOM   112  O OE1 . GLU A 1 19  ? 13.287  -5.917  7.526   1.00 37.68 ? 16  GLU A OE1 1 
ATOM   113  O OE2 . GLU A 1 19  ? 12.554  -6.489  9.517   1.00 27.12 ? 16  GLU A OE2 1 
ATOM   114  N N   . ILE A 1 20  ? 11.520  -3.969  3.656   1.00 12.22 ? 17  ILE A N   1 
ATOM   115  C CA  . ILE A 1 20  ? 11.504  -4.005  2.196   1.00 14.54 ? 17  ILE A CA  1 
ATOM   116  C C   . ILE A 1 20  ? 12.138  -5.318  1.740   1.00 17.43 ? 17  ILE A C   1 
ATOM   117  O O   . ILE A 1 20  ? 13.333  -5.545  1.941   1.00 16.65 ? 17  ILE A O   1 
ATOM   118  C CB  . ILE A 1 20  ? 12.241  -2.805  1.573   1.00 13.85 ? 17  ILE A CB  1 
ATOM   119  C CG1 . ILE A 1 20  ? 11.602  -1.486  2.034   1.00 14.96 ? 17  ILE A CG1 1 
ATOM   120  C CG2 . ILE A 1 20  ? 12.221  -2.907  0.073   1.00 10.96 ? 17  ILE A CG2 1 
ATOM   121  C CD1 . ILE A 1 20  ? 12.235  -0.252  1.441   1.00 19.75 ? 17  ILE A CD1 1 
ATOM   122  N N   . GLU A 1 21  ? 11.324  -6.188  1.153   1.00 16.98 ? 18  GLU A N   1 
ATOM   123  C CA  . GLU A 1 21  ? 11.771  -7.499  0.692   1.00 18.22 ? 18  GLU A CA  1 
ATOM   124  C C   . GLU A 1 21  ? 12.269  -7.453  -0.741  1.00 18.41 ? 18  GLU A C   1 
ATOM   125  O O   . GLU A 1 21  ? 13.192  -8.174  -1.115  1.00 18.04 ? 18  GLU A O   1 
ATOM   126  C CB  . GLU A 1 21  ? 10.635  -8.529  0.784   1.00 23.98 ? 18  GLU A CB  1 
ATOM   127  C CG  . GLU A 1 21  ? 10.466  -9.224  2.129   1.00 30.96 ? 18  GLU A CG  1 
ATOM   128  C CD  . GLU A 1 21  ? 9.755   -10.566 1.973   1.00 44.72 ? 18  GLU A CD  1 
ATOM   129  O OE1 . GLU A 1 21  ? 9.703   -11.079 0.829   1.00 37.66 ? 18  GLU A OE1 1 
ATOM   130  O OE2 . GLU A 1 21  ? 9.256   -11.113 2.983   1.00 51.25 ? 18  GLU A OE2 1 
ATOM   131  N N   . LYS A 1 22  ? 11.622  -6.619  -1.550  1.00 14.91 ? 19  LYS A N   1 
ATOM   132  C CA  . LYS A 1 22  ? 11.960  -6.489  -2.955  1.00 14.75 ? 19  LYS A CA  1 
ATOM   133  C C   . LYS A 1 22  ? 11.645  -5.078  -3.412  1.00 17.75 ? 19  LYS A C   1 
ATOM   134  O O   . LYS A 1 22  ? 10.603  -4.522  -3.062  1.00 19.64 ? 19  LYS A O   1 
ATOM   135  C CB  . LYS A 1 22  ? 11.187  -7.510  -3.806  1.00 17.64 ? 19  LYS A CB  1 
ATOM   136  C CG  . LYS A 1 22  ? 11.651  -7.598  -5.263  1.00 21.16 ? 19  LYS A CG  1 
ATOM   137  C CD  . LYS A 1 22  ? 10.644  -8.334  -6.160  1.00 18.70 ? 19  LYS A CD  1 
ATOM   138  C CE  . LYS A 1 22  ? 10.405  -9.773  -5.705  1.00 30.77 ? 19  LYS A CE  1 
ATOM   139  N NZ  . LYS A 1 22  ? 9.470   -10.502 -6.624  1.00 35.37 ? 19  LYS A NZ  1 
ATOM   140  N N   . MET A 1 23  ? 12.548  -4.499  -4.193  1.00 15.91 ? 20  MET A N   1 
ATOM   141  C CA  . MET A 1 23  ? 12.323  -3.193  -4.792  1.00 15.21 ? 20  MET A CA  1 
ATOM   142  C C   . MET A 1 23  ? 13.206  -3.053  -6.041  1.00 17.58 ? 20  MET A C   1 
ATOM   143  O O   . MET A 1 23  ? 14.347  -2.604  -5.967  1.00 20.86 ? 20  MET A O   1 
ATOM   144  C CB  . MET A 1 23  ? 12.607  -2.080  -3.781  1.00 14.06 ? 20  MET A CB  1 
ATOM   145  C CG  . MET A 1 23  ? 12.270  -0.712  -4.314  1.00 10.94 ? 20  MET A CG  1 
ATOM   146  S SD  . MET A 1 23  ? 12.384  0.591   -3.085  1.00 13.89 ? 20  MET A SD  1 
ATOM   147  C CE  . MET A 1 23  ? 12.397  2.024   -4.167  1.00 11.77 ? 20  MET A CE  1 
ATOM   148  N N   . ARG A 1 24  ? 12.667  -3.451  -7.188  1.00 21.20 ? 21  ARG A N   1 
ATOM   149  C CA  . ARG A 1 24  ? 13.466  -3.587  -8.399  1.00 26.66 ? 21  ARG A CA  1 
ATOM   150  C C   . ARG A 1 24  ? 12.606  -3.504  -9.654  1.00 18.35 ? 21  ARG A C   1 
ATOM   151  O O   . ARG A 1 24  ? 11.668  -4.281  -9.818  1.00 18.54 ? 21  ARG A O   1 
ATOM   152  C CB  . ARG A 1 24  ? 14.231  -4.921  -8.372  1.00 24.49 ? 21  ARG A CB  1 
ATOM   153  C CG  . ARG A 1 24  ? 14.658  -5.444  -9.739  1.00 32.85 ? 21  ARG A CG  1 
ATOM   154  C CD  . ARG A 1 24  ? 15.894  -6.353  -9.678  1.00 37.74 ? 21  ARG A CD  1 
ATOM   155  N NE  . ARG A 1 24  ? 17.122  -5.625  -9.348  1.00 59.69 ? 21  ARG A NE  1 
ATOM   156  C CZ  . ARG A 1 24  ? 17.817  -5.783  -8.222  1.00 52.40 ? 21  ARG A CZ  1 
ATOM   157  N NH1 . ARG A 1 24  ? 17.414  -6.650  -7.298  1.00 43.78 ? 21  ARG A NH1 1 
ATOM   158  N NH2 . ARG A 1 24  ? 18.922  -5.074  -8.017  1.00 53.31 ? 21  ARG A NH2 1 
ATOM   159  N N   . ASP A 1 25  ? 12.919  -2.551  -10.530 1.00 22.99 ? 22  ASP A N   1 
ATOM   160  C CA  . ASP A 1 25  ? 12.333  -2.508  -11.875 1.00 24.04 ? 22  ASP A CA  1 
ATOM   161  C C   . ASP A 1 25  ? 10.803  -2.580  -11.916 1.00 22.80 ? 22  ASP A C   1 
ATOM   162  O O   . ASP A 1 25  ? 10.244  -3.286  -12.755 1.00 26.46 ? 22  ASP A O   1 
ATOM   163  C CB  . ASP A 1 25  ? 12.885  -3.657  -12.719 1.00 27.75 ? 22  ASP A CB  1 
ATOM   164  C CG  . ASP A 1 25  ? 14.349  -3.477  -13.070 1.00 42.76 ? 22  ASP A CG  1 
ATOM   165  O OD1 . ASP A 1 25  ? 15.018  -2.630  -12.441 1.00 51.29 ? 22  ASP A OD1 1 
ATOM   166  O OD2 . ASP A 1 25  ? 14.838  -4.191  -13.974 1.00 59.17 ? 22  ASP A OD2 1 
ATOM   167  N N   . GLY A 1 26  ? 10.124  -1.887  -11.006 1.00 22.63 ? 23  GLY A N   1 
ATOM   168  C CA  . GLY A 1 26  ? 8.668   -1.858  -11.037 1.00 15.79 ? 23  GLY A CA  1 
ATOM   169  C C   . GLY A 1 26  ? 8.006   -2.929  -10.192 1.00 18.07 ? 23  GLY A C   1 
ATOM   170  O O   . GLY A 1 26  ? 6.776   -3.036  -10.176 1.00 17.77 ? 23  GLY A O   1 
ATOM   171  N N   . HIS A 1 27  ? 8.818   -3.720  -9.494  1.00 14.44 ? 24  HIS A N   1 
ATOM   172  C CA  . HIS A 1 27  ? 8.305   -4.773  -8.620  1.00 20.58 ? 24  HIS A CA  1 
ATOM   173  C C   . HIS A 1 27  ? 8.685   -4.498  -7.183  1.00 13.80 ? 24  HIS A C   1 
ATOM   174  O O   . HIS A 1 27  ? 9.859   -4.291  -6.876  1.00 17.74 ? 24  HIS A O   1 
ATOM   175  C CB  . HIS A 1 27  ? 8.841   -6.140  -9.040  1.00 24.57 ? 24  HIS A CB  1 
ATOM   176  C CG  . HIS A 1 27  ? 8.649   -6.438  -10.490 1.00 20.40 ? 24  HIS A CG  1 
ATOM   177  N ND1 . HIS A 1 27  ? 7.478   -6.970  -10.994 1.00 19.67 ? 24  HIS A ND1 1 
ATOM   178  C CD2 . HIS A 1 27  ? 9.473   -6.266  -11.553 1.00 27.47 ? 24  HIS A CD2 1 
ATOM   179  C CE1 . HIS A 1 27  ? 7.596   -7.119  -12.301 1.00 31.86 ? 24  HIS A CE1 1 
ATOM   180  N NE2 . HIS A 1 27  ? 8.791   -6.697  -12.665 1.00 30.42 ? 24  HIS A NE2 1 
ATOM   181  N N   . VAL A 1 28  ? 7.698   -4.497  -6.295  1.00 10.74 ? 25  VAL A N   1 
ATOM   182  C CA  . VAL A 1 28  ? 7.955   -4.163  -4.895  1.00 10.27 ? 25  VAL A CA  1 
ATOM   183  C C   . VAL A 1 28  ? 7.201   -5.110  -3.974  1.00 10.75 ? 25  VAL A C   1 
ATOM   184  O O   . VAL A 1 28  ? 6.032   -5.421  -4.214  1.00 12.64 ? 25  VAL A O   1 
ATOM   185  C CB  . VAL A 1 28  ? 7.564   -2.695  -4.586  1.00 13.59 ? 25  VAL A CB  1 
ATOM   186  C CG1 . VAL A 1 28  ? 7.659   -2.397  -3.077  1.00 7.13  ? 25  VAL A CG1 1 
ATOM   187  C CG2 . VAL A 1 28  ? 8.429   -1.719  -5.398  1.00 11.08 ? 25  VAL A CG2 1 
ATOM   188  N N   . VAL A 1 29  ? 7.898   -5.612  -2.959  1.00 11.80 ? 26  VAL A N   1 
ATOM   189  C CA  . VAL A 1 29  ? 7.268   -6.350  -1.872  1.00 13.12 ? 26  VAL A CA  1 
ATOM   190  C C   . VAL A 1 29  ? 7.743   -5.778  -0.538  1.00 16.56 ? 26  VAL A C   1 
ATOM   191  O O   . VAL A 1 29  ? 8.952   -5.631  -0.308  1.00 16.10 ? 26  VAL A O   1 
ATOM   192  C CB  . VAL A 1 29  ? 7.584   -7.851  -1.912  1.00 13.89 ? 26  VAL A CB  1 
ATOM   193  C CG1 . VAL A 1 29  ? 6.933   -8.558  -0.729  1.00 12.65 ? 26  VAL A CG1 1 
ATOM   194  C CG2 . VAL A 1 29  ? 7.143   -8.468  -3.226  1.00 9.92  ? 26  VAL A CG2 1 
ATOM   195  N N   . VAL A 1 30  ? 6.792   -5.448  0.331   1.00 10.18 ? 27  VAL A N   1 
ATOM   196  C CA  . VAL A 1 30  ? 7.094   -4.911  1.657   1.00 8.59  ? 27  VAL A CA  1 
ATOM   197  C C   . VAL A 1 30  ? 6.212   -5.607  2.690   1.00 11.44 ? 27  VAL A C   1 
ATOM   198  O O   . VAL A 1 30  ? 5.029   -5.808  2.453   1.00 9.57  ? 27  VAL A O   1 
ATOM   199  C CB  . VAL A 1 30  ? 6.868   -3.379  1.722   1.00 12.21 ? 27  VAL A CB  1 
ATOM   200  C CG1 . VAL A 1 30  ? 6.998   -2.861  3.158   1.00 9.31  ? 27  VAL A CG1 1 
ATOM   201  C CG2 . VAL A 1 30  ? 7.829   -2.629  0.776   1.00 4.55  ? 27  VAL A CG2 1 
ATOM   202  N N   . THR A 1 31  ? 6.789   -5.984  3.828   1.00 14.04 ? 28  THR A N   1 
ATOM   203  C CA  . THR A 1 31  ? 6.010   -6.579  4.914   1.00 8.32  ? 28  THR A CA  1 
ATOM   204  C C   . THR A 1 31  ? 5.946   -5.632  6.106   1.00 10.08 ? 28  THR A C   1 
ATOM   205  O O   . THR A 1 31  ? 6.861   -4.830  6.324   1.00 10.83 ? 28  THR A O   1 
ATOM   206  C CB  . THR A 1 31  ? 6.600   -7.926  5.373   1.00 11.82 ? 28  THR A CB  1 
ATOM   207  O OG1 . THR A 1 31  ? 7.964   -7.738  5.764   1.00 17.30 ? 28  THR A OG1 1 
ATOM   208  C CG2 . THR A 1 31  ? 6.551   -8.935  4.243   1.00 12.10 ? 28  THR A CG2 1 
ATOM   209  N N   . THR A 1 32  ? 4.858   -5.723  6.863   1.00 8.99  ? 29  THR A N   1 
ATOM   210  C CA  . THR A 1 32  ? 4.684   -4.913  8.061   1.00 10.72 ? 29  THR A CA  1 
ATOM   211  C C   . THR A 1 32  ? 3.771   -5.635  9.053   1.00 14.70 ? 29  THR A C   1 
ATOM   212  O O   . THR A 1 32  ? 2.908   -6.424  8.655   1.00 14.69 ? 29  THR A O   1 
ATOM   213  C CB  . THR A 1 32  ? 4.114   -3.525  7.714   1.00 10.22 ? 29  THR A CB  1 
ATOM   214  O OG1 . THR A 1 32  ? 4.209   -2.665  8.853   1.00 10.47 ? 29  THR A OG1 1 
ATOM   215  C CG2 . THR A 1 32  ? 2.664   -3.633  7.268   1.00 6.91  ? 29  THR A CG2 1 
ATOM   216  N N   . LYS A 1 33  ? 3.973   -5.382  10.345  1.00 11.26 ? 30  LYS A N   1 
ATOM   217  C CA  . LYS A 1 33  ? 3.148   -5.996  11.373  1.00 10.78 ? 30  LYS A CA  1 
ATOM   218  C C   . LYS A 1 33  ? 2.130   -5.003  11.908  1.00 11.04 ? 30  LYS A C   1 
ATOM   219  O O   . LYS A 1 33  ? 2.492   -3.887  12.315  1.00 9.77  ? 30  LYS A O   1 
ATOM   220  C CB  . LYS A 1 33  ? 3.997   -6.520  12.540  1.00 14.11 ? 30  LYS A CB  1 
ATOM   221  C CG  . LYS A 1 33  ? 3.149   -7.259  13.590  1.00 21.78 ? 30  LYS A CG  1 
ATOM   222  C CD  . LYS A 1 33  ? 3.963   -7.760  14.790  1.00 21.98 ? 30  LYS A CD  1 
ATOM   223  C CE  . LYS A 1 33  ? 4.240   -6.631  15.790  1.00 24.56 ? 30  LYS A CE  1 
ATOM   224  N NZ  . LYS A 1 33  ? 4.763   -7.141  17.093  1.00 24.83 ? 30  LYS A NZ  1 
ATOM   225  N N   . VAL A 1 34  ? 0.866   -5.427  11.926  1.00 11.74 ? 31  VAL A N   1 
ATOM   226  C CA  . VAL A 1 34  ? -0.242  -4.621  12.441  1.00 8.23  ? 31  VAL A CA  1 
ATOM   227  C C   . VAL A 1 34  ? -0.127  -4.403  13.954  1.00 13.06 ? 31  VAL A C   1 
ATOM   228  O O   . VAL A 1 34  ? -0.104  -5.361  14.717  1.00 9.46  ? 31  VAL A O   1 
ATOM   229  C CB  . VAL A 1 34  ? -1.599  -5.284  12.123  1.00 9.11  ? 31  VAL A CB  1 
ATOM   230  C CG1 . VAL A 1 34  ? -2.752  -4.447  12.668  1.00 5.34  ? 31  VAL A CG1 1 
ATOM   231  C CG2 . VAL A 1 34  ? -1.741  -5.499  10.608  1.00 5.29  ? 31  VAL A CG2 1 
ATOM   232  N N   . VAL A 1 35  ? -0.052  -3.141  14.376  1.00 13.29 ? 32  VAL A N   1 
ATOM   233  C CA  . VAL A 1 35  ? 0.064   -2.807  15.794  1.00 8.95  ? 32  VAL A CA  1 
ATOM   234  C C   . VAL A 1 35  ? -1.118  -1.955  16.248  1.00 17.83 ? 32  VAL A C   1 
ATOM   235  O O   . VAL A 1 35  ? -2.048  -1.716  15.476  1.00 10.68 ? 32  VAL A O   1 
ATOM   236  C CB  . VAL A 1 35  ? 1.389   -2.076  16.097  1.00 9.29  ? 32  VAL A CB  1 
ATOM   237  C CG1 . VAL A 1 35  ? 2.565   -3.008  15.866  1.00 10.97 ? 32  VAL A CG1 1 
ATOM   238  C CG2 . VAL A 1 35  ? 1.527   -0.820  15.248  1.00 7.67  ? 32  VAL A CG2 1 
ATOM   239  N N   . ASN A 1 36  ? -1.096  -1.503  17.498  1.00 11.57 ? 33  ASN A N   1 
ATOM   240  C CA  . ASN A 1 36  ? -2.267  -0.833  18.056  1.00 9.73  ? 33  ASN A CA  1 
ATOM   241  C C   . ASN A 1 36  ? -2.607  0.464   17.315  1.00 9.81  ? 33  ASN A C   1 
ATOM   242  O O   . ASN A 1 36  ? -3.780  0.756   17.092  1.00 12.01 ? 33  ASN A O   1 
ATOM   243  C CB  . ASN A 1 36  ? -2.068  -0.550  19.551  1.00 19.72 ? 33  ASN A CB  1 
ATOM   244  C CG  . ASN A 1 36  ? -3.257  0.171   20.168  1.00 22.29 ? 33  ASN A CG  1 
ATOM   245  O OD1 . ASN A 1 36  ? -3.202  1.378   20.412  1.00 28.25 ? 33  ASN A OD1 1 
ATOM   246  N ND2 . ASN A 1 36  ? -4.342  -0.561  20.406  1.00 22.28 ? 33  ASN A ND2 1 
ATOM   247  N N   . SER A 1 37  ? -1.589  1.218   16.905  1.00 9.22  ? 34  SER A N   1 
ATOM   248  C CA  . SER A 1 37  ? -1.816  2.471   16.189  1.00 10.79 ? 34  SER A CA  1 
ATOM   249  C C   . SER A 1 37  ? -2.376  2.256   14.767  1.00 11.79 ? 34  SER A C   1 
ATOM   250  O O   . SER A 1 37  ? -2.815  3.214   14.127  1.00 9.30  ? 34  SER A O   1 
ATOM   251  C CB  . SER A 1 37  ? -0.525  3.295   16.120  1.00 9.91  ? 34  SER A CB  1 
ATOM   252  O OG  . SER A 1 37  ? 0.496   2.620   15.398  1.00 10.71 ? 34  SER A OG  1 
ATOM   253  N N   . SER A 1 38  ? -2.359  1.014   14.285  1.00 6.64  ? 35  SER A N   1 
ATOM   254  C CA  . SER A 1 38  ? -2.936  0.660   12.986  1.00 7.94  ? 35  SER A CA  1 
ATOM   255  C C   . SER A 1 38  ? -4.455  0.519   13.001  1.00 12.33 ? 35  SER A C   1 
ATOM   256  O O   . SER A 1 38  ? -5.069  0.466   11.940  1.00 7.22  ? 35  SER A O   1 
ATOM   257  C CB  . SER A 1 38  ? -2.362  -0.671  12.481  1.00 6.40  ? 35  SER A CB  1 
ATOM   258  O OG  . SER A 1 38  ? -0.995  -0.800  12.779  1.00 7.75  ? 35  SER A OG  1 
ATOM   259  N N   . LEU A 1 39  ? -5.051  0.414   14.195  1.00 8.14  ? 36  LEU A N   1 
ATOM   260  C CA  . LEU A 1 39  ? -6.441  -0.029  14.343  1.00 8.18  ? 36  LEU A CA  1 
ATOM   261  C C   . LEU A 1 39  ? -7.494  1.083   14.444  1.00 10.85 ? 36  LEU A C   1 
ATOM   262  O O   . LEU A 1 39  ? -7.193  2.204   14.837  1.00 11.20 ? 36  LEU A O   1 
ATOM   263  C CB  . LEU A 1 39  ? -6.569  -0.909  15.591  1.00 14.80 ? 36  LEU A CB  1 
ATOM   264  C CG  . LEU A 1 39  ? -5.597  -2.072  15.751  1.00 11.90 ? 36  LEU A CG  1 
ATOM   265  C CD1 . LEU A 1 39  ? -5.919  -2.849  17.026  1.00 16.56 ? 36  LEU A CD1 1 
ATOM   266  C CD2 . LEU A 1 39  ? -5.661  -2.972  14.531  1.00 9.57  ? 36  LEU A CD2 1 
ATOM   267  N N   . ASN A 1 40  ? -8.739  0.746   14.108  1.00 10.78 ? 37  ASN A N   1 
ATOM   268  C CA  . ASN A 1 40  ? -9.871  1.656   14.313  1.00 14.32 ? 37  ASN A CA  1 
ATOM   269  C C   . ASN A 1 40  ? -10.585 1.352   15.626  1.00 19.88 ? 37  ASN A C   1 
ATOM   270  O O   . ASN A 1 40  ? -10.067 0.601   16.450  1.00 12.99 ? 37  ASN A O   1 
ATOM   271  C CB  . ASN A 1 40  ? -10.858 1.588   13.130  1.00 16.45 ? 37  ASN A CB  1 
ATOM   272  C CG  . ASN A 1 40  ? -11.452 0.202   12.925  1.00 17.28 ? 37  ASN A CG  1 
ATOM   273  O OD1 . ASN A 1 40  ? -11.456 -0.633  13.833  1.00 17.84 ? 37  ASN A OD1 1 
ATOM   274  N ND2 . ASN A 1 40  ? -11.950 -0.054  11.712  1.00 10.52 ? 37  ASN A ND2 1 
ATOM   275  N N   . TYR A 1 41  ? -11.770 1.929   15.812  1.00 23.46 ? 38  TYR A N   1 
ATOM   276  C CA  . TYR A 1 41  ? -12.566 1.733   17.035  1.00 31.67 ? 38  TYR A CA  1 
ATOM   277  C C   . TYR A 1 41  ? -12.883 0.271   17.319  1.00 24.83 ? 38  TYR A C   1 
ATOM   278  O O   . TYR A 1 41  ? -12.909 -0.157  18.471  1.00 34.30 ? 38  TYR A O   1 
ATOM   279  C CB  . TYR A 1 41  ? -13.892 2.498   16.951  1.00 34.38 ? 38  TYR A CB  1 
ATOM   280  C CG  . TYR A 1 41  ? -13.780 3.879   16.358  1.00 47.45 ? 38  TYR A CG  1 
ATOM   281  C CD1 . TYR A 1 41  ? -12.841 4.788   16.837  1.00 49.81 ? 38  TYR A CD1 1 
ATOM   282  C CD2 . TYR A 1 41  ? -14.607 4.276   15.308  1.00 52.74 ? 38  TYR A CD2 1 
ATOM   283  C CE1 . TYR A 1 41  ? -12.738 6.057   16.292  1.00 46.25 ? 38  TYR A CE1 1 
ATOM   284  C CE2 . TYR A 1 41  ? -14.508 5.542   14.756  1.00 39.64 ? 38  TYR A CE2 1 
ATOM   285  C CZ  . TYR A 1 41  ? -13.571 6.423   15.252  1.00 32.93 ? 38  TYR A CZ  1 
ATOM   286  O OH  . TYR A 1 41  ? -13.462 7.680   14.712  1.00 48.01 ? 38  TYR A OH  1 
ATOM   287  N N   . TYR A 1 42  ? -13.136 -0.489  16.261  1.00 21.17 ? 39  TYR A N   1 
ATOM   288  C CA  . TYR A 1 42  ? -13.635 -1.846  16.411  1.00 19.51 ? 39  TYR A CA  1 
ATOM   289  C C   . TYR A 1 42  ? -12.504 -2.858  16.523  1.00 21.14 ? 39  TYR A C   1 
ATOM   290  O O   . TYR A 1 42  ? -12.745 -4.065  16.572  1.00 23.35 ? 39  TYR A O   1 
ATOM   291  C CB  . TYR A 1 42  ? -14.552 -2.193  15.237  1.00 26.89 ? 39  TYR A CB  1 
ATOM   292  C CG  . TYR A 1 42  ? -15.598 -1.126  14.976  1.00 43.32 ? 39  TYR A CG  1 
ATOM   293  C CD1 . TYR A 1 42  ? -16.616 -0.886  15.894  1.00 38.36 ? 39  TYR A CD1 1 
ATOM   294  C CD2 . TYR A 1 42  ? -15.567 -0.360  13.814  1.00 37.13 ? 39  TYR A CD2 1 
ATOM   295  C CE1 . TYR A 1 42  ? -17.572 0.089   15.667  1.00 33.99 ? 39  TYR A CE1 1 
ATOM   296  C CE2 . TYR A 1 42  ? -16.520 0.618   13.578  1.00 36.56 ? 39  TYR A CE2 1 
ATOM   297  C CZ  . TYR A 1 42  ? -17.520 0.835   14.508  1.00 42.28 ? 39  TYR A CZ  1 
ATOM   298  O OH  . TYR A 1 42  ? -18.469 1.803   14.276  1.00 45.69 ? 39  TYR A OH  1 
ATOM   299  N N   . GLY A 1 43  ? -11.268 -2.370  16.564  1.00 14.78 ? 40  GLY A N   1 
ATOM   300  C CA  . GLY A 1 43  ? -10.118 -3.249  16.701  1.00 16.04 ? 40  GLY A CA  1 
ATOM   301  C C   . GLY A 1 43  ? -9.665  -3.923  15.417  1.00 16.21 ? 40  GLY A C   1 
ATOM   302  O O   . GLY A 1 43  ? -8.925  -4.908  15.440  1.00 12.29 ? 40  GLY A O   1 
ATOM   303  N N   . ASN A 1 44  ? -10.108 -3.388  14.286  1.00 15.74 ? 41  ASN A N   1 
ATOM   304  C CA  . ASN A 1 44  ? -9.634  -3.846  12.987  1.00 14.12 ? 41  ASN A CA  1 
ATOM   305  C C   . ASN A 1 44  ? -8.655  -2.842  12.376  1.00 12.43 ? 41  ASN A C   1 
ATOM   306  O O   . ASN A 1 44  ? -8.628  -1.669  12.761  1.00 11.95 ? 41  ASN A O   1 
ATOM   307  C CB  . ASN A 1 44  ? -10.804 -4.064  12.022  1.00 13.14 ? 41  ASN A CB  1 
ATOM   308  C CG  . ASN A 1 44  ? -11.779 -5.123  12.507  1.00 16.64 ? 41  ASN A CG  1 
ATOM   309  O OD1 . ASN A 1 44  ? -11.381 -6.186  12.972  1.00 16.72 ? 41  ASN A OD1 1 
ATOM   310  N ND2 . ASN A 1 44  ? -13.063 -4.839  12.379  1.00 20.89 ? 41  ASN A ND2 1 
ATOM   311  N N   . ALA A 1 45  ? -7.865  -3.307  11.416  1.00 7.94  ? 42  ALA A N   1 
ATOM   312  C CA  . ALA A 1 45  ? -6.976  -2.418  10.685  1.00 9.75  ? 42  ALA A CA  1 
ATOM   313  C C   . ALA A 1 45  ? -7.787  -1.286  10.042  1.00 7.36  ? 42  ALA A C   1 
ATOM   314  O O   . ALA A 1 45  ? -8.780  -1.522  9.337   1.00 9.04  ? 42  ALA A O   1 
ATOM   315  C CB  . ALA A 1 45  ? -6.190  -3.192  9.644   1.00 7.13  ? 42  ALA A CB  1 
ATOM   316  N N   . HIS A 1 46  ? -7.368  -0.056  10.319  1.00 7.46  ? 43  HIS A N   1 
ATOM   317  C CA  . HIS A 1 46  ? -8.084  1.136   9.880   1.00 5.49  ? 43  HIS A CA  1 
ATOM   318  C C   . HIS A 1 46  ? -8.110  1.218   8.354   1.00 5.00  ? 43  HIS A C   1 
ATOM   319  O O   . HIS A 1 46  ? -7.138  0.845   7.690   1.00 4.76  ? 43  HIS A O   1 
ATOM   320  C CB  . HIS A 1 46  ? -7.424  2.376   10.485  1.00 7.73  ? 43  HIS A CB  1 
ATOM   321  C CG  . HIS A 1 46  ? -8.248  3.624   10.391  1.00 6.97  ? 43  HIS A CG  1 
ATOM   322  N ND1 . HIS A 1 46  ? -8.284  4.407   9.261   1.00 7.55  ? 43  HIS A ND1 1 
ATOM   323  C CD2 . HIS A 1 46  ? -9.031  4.244   11.309  1.00 9.63  ? 43  HIS A CD2 1 
ATOM   324  C CE1 . HIS A 1 46  ? -9.071  5.452   9.474   1.00 6.70  ? 43  HIS A CE1 1 
ATOM   325  N NE2 . HIS A 1 46  ? -9.528  5.378   10.712  1.00 8.61  ? 43  HIS A NE2 1 
ATOM   326  N N   . GLY A 1 47  ? -9.210  1.713   7.796   1.00 4.90  ? 44  GLY A N   1 
ATOM   327  C CA  . GLY A 1 47  ? -9.320  1.832   6.341   1.00 6.14  ? 44  GLY A CA  1 
ATOM   328  C C   . GLY A 1 47  ? -8.226  2.709   5.745   1.00 6.37  ? 44  GLY A C   1 
ATOM   329  O O   . GLY A 1 47  ? -7.730  2.441   4.647   1.00 4.35  ? 44  GLY A O   1 
ATOM   330  N N   . GLY A 1 48  ? -7.842  3.757   6.475   1.00 3.74  ? 45  GLY A N   1 
ATOM   331  C CA  . GLY A 1 48  ? -6.823  4.685   6.013   1.00 2.94  ? 45  GLY A CA  1 
ATOM   332  C C   . GLY A 1 48  ? -5.444  4.079   6.109   1.00 3.67  ? 45  GLY A C   1 
ATOM   333  O O   . GLY A 1 48  ? -4.555  4.356   5.300   1.00 4.35  ? 45  GLY A O   1 
ATOM   334  N N   . TYR A 1 49  ? -5.270  3.235   7.117   1.00 4.10  ? 46  TYR A N   1 
ATOM   335  C CA  . TYR A 1 49  ? -4.017  2.533   7.346   1.00 5.04  ? 46  TYR A CA  1 
ATOM   336  C C   . TYR A 1 49  ? -3.716  1.593   6.180   1.00 4.32  ? 46  TYR A C   1 
ATOM   337  O O   . TYR A 1 49  ? -2.647  1.666   5.574   1.00 3.93  ? 46  TYR A O   1 
ATOM   338  C CB  . TYR A 1 49  ? -4.081  1.772   8.673   1.00 3.74  ? 46  TYR A CB  1 
ATOM   339  C CG  . TYR A 1 49  ? -3.036  0.696   8.841   1.00 5.15  ? 46  TYR A CG  1 
ATOM   340  C CD1 . TYR A 1 49  ? -1.742  1.003   9.252   1.00 4.63  ? 46  TYR A CD1 1 
ATOM   341  C CD2 . TYR A 1 49  ? -3.352  -0.640  8.622   1.00 6.72  ? 46  TYR A CD2 1 
ATOM   342  C CE1 . TYR A 1 49  ? -0.788  -0.002  9.426   1.00 4.48  ? 46  TYR A CE1 1 
ATOM   343  C CE2 . TYR A 1 49  ? -2.419  -1.636  8.797   1.00 5.01  ? 46  TYR A CE2 1 
ATOM   344  C CZ  . TYR A 1 49  ? -1.141  -1.317  9.201   1.00 5.11  ? 46  TYR A CZ  1 
ATOM   345  O OH  . TYR A 1 49  ? -0.232  -2.335  9.363   1.00 4.41  ? 46  TYR A OH  1 
ATOM   346  N N   . LEU A 1 50  ? -4.674  0.736   5.851   1.00 3.01  ? 47  LEU A N   1 
ATOM   347  C CA  . LEU A 1 50  ? -4.519  -0.203  4.744   1.00 4.08  ? 47  LEU A CA  1 
ATOM   348  C C   . LEU A 1 50  ? -4.274  0.537   3.421   1.00 4.39  ? 47  LEU A C   1 
ATOM   349  O O   . LEU A 1 50  ? -3.414  0.148   2.622   1.00 5.51  ? 47  LEU A O   1 
ATOM   350  C CB  . LEU A 1 50  ? -5.759  -1.114  4.644   1.00 3.94  ? 47  LEU A CB  1 
ATOM   351  C CG  . LEU A 1 50  ? -5.974  -2.049  5.849   1.00 3.96  ? 47  LEU A CG  1 
ATOM   352  C CD1 . LEU A 1 50  ? -7.336  -2.756  5.749   1.00 2.29  ? 47  LEU A CD1 1 
ATOM   353  C CD2 . LEU A 1 50  ? -4.834  -3.072  5.967   1.00 1.49  ? 47  LEU A CD2 1 
ATOM   354  N N   . PHE A 1 51  ? -5.006  1.622   3.196   1.00 3.89  ? 48  PHE A N   1 
ATOM   355  C CA  . PHE A 1 51  ? -4.778  2.418   1.999   1.00 2.70  ? 48  PHE A CA  1 
ATOM   356  C C   . PHE A 1 51  ? -3.354  2.985   1.973   1.00 4.25  ? 48  PHE A C   1 
ATOM   357  O O   . PHE A 1 51  ? -2.685  2.964   0.932   1.00 5.79  ? 48  PHE A O   1 
ATOM   358  C CB  . PHE A 1 51  ? -5.794  3.563   1.895   1.00 3.52  ? 48  PHE A CB  1 
ATOM   359  C CG  . PHE A 1 51  ? -5.632  4.396   0.644   1.00 4.08  ? 48  PHE A CG  1 
ATOM   360  C CD1 . PHE A 1 51  ? -6.356  4.099   -0.499  1.00 2.87  ? 48  PHE A CD1 1 
ATOM   361  C CD2 . PHE A 1 51  ? -4.741  5.458   0.604   1.00 4.60  ? 48  PHE A CD2 1 
ATOM   362  C CE1 . PHE A 1 51  ? -6.201  4.844   -1.651  1.00 4.81  ? 48  PHE A CE1 1 
ATOM   363  C CE2 . PHE A 1 51  ? -4.588  6.216   -0.560  1.00 2.44  ? 48  PHE A CE2 1 
ATOM   364  C CZ  . PHE A 1 51  ? -5.329  5.906   -1.679  1.00 4.17  ? 48  PHE A CZ  1 
ATOM   365  N N   . THR A 1 52  ? -2.905  3.505   3.110   1.00 4.55  ? 49  THR A N   1 
ATOM   366  C CA  . THR A 1 52  ? -1.590  4.140   3.198   1.00 3.45  ? 49  THR A CA  1 
ATOM   367  C C   . THR A 1 52  ? -0.510  3.110   2.913   1.00 5.28  ? 49  THR A C   1 
ATOM   368  O O   . THR A 1 52  ? 0.418   3.395   2.152   1.00 3.99  ? 49  THR A O   1 
ATOM   369  C CB  . THR A 1 52  ? -1.381  4.814   4.562   1.00 5.18  ? 49  THR A CB  1 
ATOM   370  O OG1 . THR A 1 52  ? -2.287  5.923   4.661   1.00 9.07  ? 49  THR A OG1 1 
ATOM   371  C CG2 . THR A 1 52  ? 0.052   5.336   4.721   1.00 2.61  ? 49  THR A CG2 1 
ATOM   372  N N   . LEU A 1 53  ? -0.657  1.905   3.468   1.00 3.02  ? 50  LEU A N   1 
ATOM   373  C CA  . LEU A 1 53  ? 0.218   0.783   3.114   1.00 3.70  ? 50  LEU A CA  1 
ATOM   374  C C   . LEU A 1 53  ? 0.362   0.634   1.587   1.00 7.50  ? 50  LEU A C   1 
ATOM   375  O O   . LEU A 1 53  ? 1.476   0.652   1.065   1.00 6.58  ? 50  LEU A O   1 
ATOM   376  C CB  . LEU A 1 53  ? -0.299  -0.532  3.717   1.00 7.57  ? 50  LEU A CB  1 
ATOM   377  C CG  . LEU A 1 53  ? -0.304  -0.673  5.248   1.00 8.86  ? 50  LEU A CG  1 
ATOM   378  C CD1 . LEU A 1 53  ? -0.540  -2.123  5.684   1.00 2.94  ? 50  LEU A CD1 1 
ATOM   379  C CD2 . LEU A 1 53  ? 0.978   -0.106  5.884   1.00 5.43  ? 50  LEU A CD2 1 
ATOM   380  N N   . CYS A 1 54  ? -0.761  0.530   0.875   1.00 3.73  ? 51  CYS A N   1 
ATOM   381  C CA  . CYS A 1 54  ? -0.752  0.385   -0.581  1.00 4.93  ? 51  CYS A CA  1 
ATOM   382  C C   . CYS A 1 54  ? -0.139  1.584   -1.314  1.00 5.88  ? 51  CYS A C   1 
ATOM   383  O O   . CYS A 1 54  ? 0.672   1.411   -2.228  1.00 6.15  ? 51  CYS A O   1 
ATOM   384  C CB  . CYS A 1 54  ? -2.178  0.165   -1.108  1.00 4.50  ? 51  CYS A CB  1 
ATOM   385  S SG  . CYS A 1 54  ? -2.940  -1.327  -0.499  1.00 4.94  ? 51  CYS A SG  1 
ATOM   386  N N   . ASP A 1 55  ? -0.548  2.791   -0.919  1.00 3.64  ? 52  ASP A N   1 
ATOM   387  C CA  . ASP A 1 55  ? -0.099  4.009   -1.580  1.00 5.11  ? 52  ASP A CA  1 
ATOM   388  C C   . ASP A 1 55  ? 1.421   4.175   -1.517  1.00 11.37 ? 52  ASP A C   1 
ATOM   389  O O   . ASP A 1 55  ? 2.067   4.543   -2.510  1.00 6.34  ? 52  ASP A O   1 
ATOM   390  C CB  . ASP A 1 55  ? -0.793  5.235   -0.968  1.00 3.36  ? 52  ASP A CB  1 
ATOM   391  C CG  . ASP A 1 55  ? -0.289  6.552   -1.560  1.00 8.79  ? 52  ASP A CG  1 
ATOM   392  O OD1 . ASP A 1 55  ? -0.630  6.861   -2.719  1.00 14.36 ? 52  ASP A OD1 1 
ATOM   393  O OD2 . ASP A 1 55  ? 0.456   7.273   -0.866  1.00 8.85  ? 52  ASP A OD2 1 
ATOM   394  N N   . GLN A 1 56  ? 1.985   3.915   -0.342  1.00 5.16  ? 53  GLN A N   1 
ATOM   395  C CA  . GLN A 1 56  ? 3.421   4.016   -0.150  1.00 7.44  ? 53  GLN A CA  1 
ATOM   396  C C   . GLN A 1 56  ? 4.174   3.035   -1.054  1.00 6.75  ? 53  GLN A C   1 
ATOM   397  O O   . GLN A 1 56  ? 5.163   3.400   -1.702  1.00 9.70  ? 53  GLN A O   1 
ATOM   398  C CB  . GLN A 1 56  ? 3.768   3.772   1.318   1.00 5.25  ? 53  GLN A CB  1 
ATOM   399  C CG  . GLN A 1 56  ? 5.267   3.718   1.610   1.00 11.68 ? 53  GLN A CG  1 
ATOM   400  C CD  . GLN A 1 56  ? 5.947   5.056   1.438   1.00 18.16 ? 53  GLN A CD  1 
ATOM   401  O OE1 . GLN A 1 56  ? 5.308   6.105   1.499   1.00 13.64 ? 53  GLN A OE1 1 
ATOM   402  N NE2 . GLN A 1 56  ? 7.250   5.026   1.192   1.00 19.39 ? 53  GLN A NE2 1 
ATOM   403  N N   . ILE A 1 57  ? 3.700   1.798   -1.109  1.00 4.13  ? 54  ILE A N   1 
ATOM   404  C CA  . ILE A 1 57  ? 4.326   0.784   -1.969  1.00 5.88  ? 54  ILE A CA  1 
ATOM   405  C C   . ILE A 1 57  ? 4.168   1.175   -3.460  1.00 9.15  ? 54  ILE A C   1 
ATOM   406  O O   . ILE A 1 57  ? 5.073   0.967   -4.266  1.00 12.52 ? 54  ILE A O   1 
ATOM   407  C CB  . ILE A 1 57  ? 3.751   -0.637  -1.676  1.00 3.80  ? 54  ILE A CB  1 
ATOM   408  C CG1 . ILE A 1 57  ? 4.571   -1.339  -0.585  1.00 8.14  ? 54  ILE A CG1 1 
ATOM   409  C CG2 . ILE A 1 57  ? 3.729   -1.525  -2.947  1.00 6.14  ? 54  ILE A CG2 1 
ATOM   410  C CD1 . ILE A 1 57  ? 4.725   -0.561  0.753   1.00 4.05  ? 54  ILE A CD1 1 
ATOM   411  N N   . SER A 1 58  ? 3.041   1.781   -3.814  1.00 6.13  ? 55  SER A N   1 
ATOM   412  C CA  . SER A 1 58  ? 2.868   2.309   -5.161  1.00 7.04  ? 55  SER A CA  1 
ATOM   413  C C   . SER A 1 58  ? 3.962   3.333   -5.491  1.00 11.11 ? 55  SER A C   1 
ATOM   414  O O   . SER A 1 58  ? 4.580   3.291   -6.560  1.00 7.30  ? 55  SER A O   1 
ATOM   415  C CB  . SER A 1 58  ? 1.494   2.953   -5.308  1.00 5.13  ? 55  SER A CB  1 
ATOM   416  O OG  . SER A 1 58  ? 1.315   3.449   -6.626  1.00 10.37 ? 55  SER A OG  1 
ATOM   417  N N   . GLY A 1 59  ? 4.177   4.258   -4.562  1.00 7.91  ? 56  GLY A N   1 
ATOM   418  C CA  . GLY A 1 59  ? 5.243   5.233   -4.663  1.00 7.64  ? 56  GLY A CA  1 
ATOM   419  C C   . GLY A 1 59  ? 6.610   4.592   -4.828  1.00 8.82  ? 56  GLY A C   1 
ATOM   420  O O   . GLY A 1 59  ? 7.456   5.112   -5.550  1.00 12.49 ? 56  GLY A O   1 
ATOM   421  N N   . LEU A 1 60  ? 6.840   3.470   -4.155  1.00 12.29 ? 57  LEU A N   1 
ATOM   422  C CA  . LEU A 1 60  ? 8.108   2.759   -4.306  1.00 11.70 ? 57  LEU A CA  1 
ATOM   423  C C   . LEU A 1 60  ? 8.250   2.137   -5.702  1.00 14.09 ? 57  LEU A C   1 
ATOM   424  O O   . LEU A 1 60  ? 9.344   2.162   -6.288  1.00 13.87 ? 57  LEU A O   1 
ATOM   425  C CB  . LEU A 1 60  ? 8.258   1.685   -3.234  1.00 7.85  ? 57  LEU A CB  1 
ATOM   426  C CG  . LEU A 1 60  ? 8.293   2.201   -1.792  1.00 10.32 ? 57  LEU A CG  1 
ATOM   427  C CD1 . LEU A 1 60  ? 8.369   1.041   -0.807  1.00 12.45 ? 57  LEU A CD1 1 
ATOM   428  C CD2 . LEU A 1 60  ? 9.460   3.163   -1.604  1.00 10.05 ? 57  LEU A CD2 1 
ATOM   429  N N   . VAL A 1 61  ? 7.167   1.576   -6.236  1.00 6.80  ? 58  VAL A N   1 
ATOM   430  C CA  . VAL A 1 61  ? 7.207   1.035   -7.601  1.00 10.94 ? 58  VAL A CA  1 
ATOM   431  C C   . VAL A 1 61  ? 7.688   2.108   -8.588  1.00 16.07 ? 58  VAL A C   1 
ATOM   432  O O   . VAL A 1 61  ? 8.524   1.844   -9.465  1.00 11.35 ? 58  VAL A O   1 
ATOM   433  C CB  . VAL A 1 61  ? 5.838   0.497   -8.046  1.00 16.33 ? 58  VAL A CB  1 
ATOM   434  C CG1 . VAL A 1 61  ? 5.845   0.157   -9.536  1.00 13.25 ? 58  VAL A CG1 1 
ATOM   435  C CG2 . VAL A 1 61  ? 5.472   -0.722  -7.234  1.00 10.85 ? 58  VAL A CG2 1 
ATOM   436  N N   . VAL A 1 62  ? 7.175   3.321   -8.402  1.00 9.66  ? 59  VAL A N   1 
ATOM   437  C CA  . VAL A 1 62  ? 7.474   4.445   -9.274  1.00 7.91  ? 59  VAL A CA  1 
ATOM   438  C C   . VAL A 1 62  ? 8.951   4.824   -9.159  1.00 19.49 ? 59  VAL A C   1 
ATOM   439  O O   . VAL A 1 62  ? 9.630   5.020   -10.169 1.00 18.64 ? 59  VAL A O   1 
ATOM   440  C CB  . VAL A 1 62  ? 6.581   5.656   -8.927  1.00 10.44 ? 59  VAL A CB  1 
ATOM   441  C CG1 . VAL A 1 62  ? 7.080   6.925   -9.622  1.00 14.93 ? 59  VAL A CG1 1 
ATOM   442  C CG2 . VAL A 1 62  ? 5.125   5.362   -9.289  1.00 14.51 ? 59  VAL A CG2 1 
ATOM   443  N N   . ILE A 1 63  ? 9.436   4.910   -7.921  1.00 13.13 ? 60  ILE A N   1 
ATOM   444  C CA  . ILE A 1 63  ? 10.844  5.198   -7.646  1.00 17.10 ? 60  ILE A CA  1 
ATOM   445  C C   . ILE A 1 63  ? 11.722  4.113   -8.268  1.00 20.13 ? 60  ILE A C   1 
ATOM   446  O O   . ILE A 1 63  ? 12.720  4.405   -8.929  1.00 19.54 ? 60  ILE A O   1 
ATOM   447  C CB  . ILE A 1 63  ? 11.098  5.312   -6.121  1.00 14.08 ? 60  ILE A CB  1 
ATOM   448  C CG1 . ILE A 1 63  ? 10.577  6.658   -5.608  1.00 16.04 ? 60  ILE A CG1 1 
ATOM   449  C CG2 . ILE A 1 63  ? 12.573  5.184   -5.786  1.00 18.70 ? 60  ILE A CG2 1 
ATOM   450  C CD1 . ILE A 1 63  ? 10.616  6.800   -4.116  1.00 20.19 ? 60  ILE A CD1 1 
ATOM   451  N N   . SER A 1 64  ? 11.314  2.861   -8.105  1.00 14.66 ? 61  SER A N   1 
ATOM   452  C CA  . SER A 1 64  ? 12.084  1.738   -8.625  1.00 18.48 ? 61  SER A CA  1 
ATOM   453  C C   . SER A 1 64  ? 12.259  1.814   -10.142 1.00 23.97 ? 61  SER A C   1 
ATOM   454  O O   . SER A 1 64  ? 13.175  1.202   -10.690 1.00 24.42 ? 61  SER A O   1 
ATOM   455  C CB  . SER A 1 64  ? 11.425  0.411   -8.245  1.00 11.88 ? 61  SER A CB  1 
ATOM   456  O OG  . SER A 1 64  ? 10.279  0.179   -9.032  1.00 17.09 ? 61  SER A OG  1 
ATOM   457  N N   . LEU A 1 65  ? 11.383  2.565   -10.810 1.00 18.78 ? 62  LEU A N   1 
ATOM   458  C CA  . LEU A 1 65  ? 11.465  2.769   -12.255 1.00 18.62 ? 62  LEU A CA  1 
ATOM   459  C C   . LEU A 1 65  ? 12.286  4.004   -12.650 1.00 28.35 ? 62  LEU A C   1 
ATOM   460  O O   . LEU A 1 65  ? 12.409  4.326   -13.841 1.00 24.08 ? 62  LEU A O   1 
ATOM   461  C CB  . LEU A 1 65  ? 10.059  2.887   -12.851 1.00 22.03 ? 62  LEU A CB  1 
ATOM   462  C CG  . LEU A 1 65  ? 9.183   1.636   -12.763 1.00 14.58 ? 62  LEU A CG  1 
ATOM   463  C CD1 . LEU A 1 65  ? 7.775   1.919   -13.275 1.00 18.03 ? 62  LEU A CD1 1 
ATOM   464  C CD2 . LEU A 1 65  ? 9.826   0.529   -13.560 1.00 11.52 ? 62  LEU A CD2 1 
ATOM   465  N N   . GLY A 1 66  ? 12.842  4.693   -11.657 1.00 23.99 ? 63  GLY A N   1 
ATOM   466  C CA  . GLY A 1 66  ? 13.608  5.899   -11.911 1.00 19.27 ? 63  GLY A CA  1 
ATOM   467  C C   . GLY A 1 66  ? 12.742  7.083   -12.297 1.00 29.13 ? 63  GLY A C   1 
ATOM   468  O O   . GLY A 1 66  ? 13.191  7.997   -12.985 1.00 28.07 ? 63  GLY A O   1 
ATOM   469  N N   . LEU A 1 67  ? 11.495  7.073   -11.842 1.00 18.83 ? 64  LEU A N   1 
ATOM   470  C CA  . LEU A 1 67  ? 10.545  8.112   -12.205 1.00 20.57 ? 64  LEU A CA  1 
ATOM   471  C C   . LEU A 1 67  ? 10.198  8.974   -11.011 1.00 22.44 ? 64  LEU A C   1 
ATOM   472  O O   . LEU A 1 67  ? 10.375  8.567   -9.867  1.00 18.21 ? 64  LEU A O   1 
ATOM   473  C CB  . LEU A 1 67  ? 9.260   7.502   -12.779 1.00 15.72 ? 64  LEU A CB  1 
ATOM   474  C CG  . LEU A 1 67  ? 9.402   6.602   -14.001 1.00 22.18 ? 64  LEU A CG  1 
ATOM   475  C CD1 . LEU A 1 67  ? 8.043   6.036   -14.402 1.00 20.20 ? 64  LEU A CD1 1 
ATOM   476  C CD2 . LEU A 1 67  ? 10.042  7.370   -15.149 1.00 26.30 ? 64  LEU A CD2 1 
ATOM   477  N N   . ASP A 1 68  ? 9.700   10.169  -11.282 1.00 20.47 ? 65  ASP A N   1 
ATOM   478  C CA  . ASP A 1 68  ? 9.087   10.963  -10.238 1.00 32.19 ? 65  ASP A CA  1 
ATOM   479  C C   . ASP A 1 68  ? 7.606   11.049  -10.552 1.00 30.08 ? 65  ASP A C   1 
ATOM   480  O O   . ASP A 1 68  ? 7.217   11.320  -11.686 1.00 32.81 ? 65  ASP A O   1 
ATOM   481  C CB  . ASP A 1 68  ? 9.721   12.348  -10.127 1.00 29.47 ? 65  ASP A CB  1 
ATOM   482  C CG  . ASP A 1 68  ? 11.127  12.297  -9.555  1.00 37.95 ? 65  ASP A CG  1 
ATOM   483  O OD1 . ASP A 1 68  ? 11.279  11.993  -8.348  1.00 35.80 ? 65  ASP A OD1 1 
ATOM   484  O OD2 . ASP A 1 68  ? 12.081  12.559  -10.312 1.00 40.96 ? 65  ASP A OD2 1 
ATOM   485  N N   . GLY A 1 69  ? 6.780   10.788  -9.548  1.00 26.82 ? 66  GLY A N   1 
ATOM   486  C CA  . GLY A 1 69  ? 5.351   10.748  -9.761  1.00 30.16 ? 66  GLY A CA  1 
ATOM   487  C C   . GLY A 1 69  ? 4.560   11.638  -8.834  1.00 27.16 ? 66  GLY A C   1 
ATOM   488  O O   . GLY A 1 69  ? 4.995   11.965  -7.725  1.00 24.28 ? 66  GLY A O   1 
ATOM   489  N N   . VAL A 1 70  ? 3.383   12.027  -9.302  1.00 15.66 ? 67  VAL A N   1 
ATOM   490  C CA  . VAL A 1 70  ? 2.437   12.745  -8.477  1.00 23.25 ? 67  VAL A CA  1 
ATOM   491  C C   . VAL A 1 70  ? 1.071   12.053  -8.581  1.00 24.00 ? 67  VAL A C   1 
ATOM   492  O O   . VAL A 1 70  ? 0.653   11.630  -9.660  1.00 16.40 ? 67  VAL A O   1 
ATOM   493  C CB  . VAL A 1 70  ? 2.339   14.232  -8.888  1.00 20.90 ? 67  VAL A CB  1 
ATOM   494  C CG1 . VAL A 1 70  ? 2.105   14.367  -10.380 1.00 27.44 ? 67  VAL A CG1 1 
ATOM   495  C CG2 . VAL A 1 70  ? 1.247   14.938  -8.110  1.00 26.35 ? 67  VAL A CG2 1 
ATOM   496  N N   . ALA A 1 71  ? 0.397   11.930  -7.445  1.00 15.52 ? 68  ALA A N   1 
ATOM   497  C CA  . ALA A 1 71  ? -0.885  11.249  -7.375  1.00 13.48 ? 68  ALA A CA  1 
ATOM   498  C C   . ALA A 1 71  ? -1.969  11.968  -8.182  1.00 13.07 ? 68  ALA A C   1 
ATOM   499  O O   . ALA A 1 71  ? -1.989  13.196  -8.260  1.00 11.44 ? 68  ALA A O   1 
ATOM   500  C CB  . ALA A 1 71  ? -1.306  11.107  -5.922  1.00 13.99 ? 68  ALA A CB  1 
ATOM   501  N N   . LEU A 1 72  ? -2.855  11.191  -8.797  1.00 11.10 ? 69  LEU A N   1 
ATOM   502  C CA  . LEU A 1 72  ? -3.995  11.726  -9.540  1.00 8.65  ? 69  LEU A CA  1 
ATOM   503  C C   . LEU A 1 72  ? -5.320  11.172  -9.017  1.00 6.72  ? 69  LEU A C   1 
ATOM   504  O O   . LEU A 1 72  ? -6.183  11.907  -8.543  1.00 3.52  ? 69  LEU A O   1 
ATOM   505  C CB  . LEU A 1 72  ? -3.885  11.377  -11.020 1.00 12.07 ? 69  LEU A CB  1 
ATOM   506  C CG  . LEU A 1 72  ? -3.517  12.455  -12.021 1.00 23.40 ? 69  LEU A CG  1 
ATOM   507  C CD1 . LEU A 1 72  ? -3.514  11.833  -13.410 1.00 12.80 ? 69  LEU A CD1 1 
ATOM   508  C CD2 . LEU A 1 72  ? -4.496  13.608  -11.927 1.00 22.90 ? 69  LEU A CD2 1 
ATOM   509  N N   . GLN A 1 73  ? -5.467  9.860   -9.134  1.00 4.10  ? 70  GLN A N   1 
ATOM   510  C CA  . GLN A 1 73  ? -6.677  9.177   -8.690  1.00 4.39  ? 70  GLN A CA  1 
ATOM   511  C C   . GLN A 1 73  ? -6.303  7.807   -8.156  1.00 5.01  ? 70  GLN A C   1 
ATOM   512  O O   . GLN A 1 73  ? -5.425  7.146   -8.725  1.00 5.46  ? 70  GLN A O   1 
ATOM   513  C CB  . GLN A 1 73  ? -7.685  9.052   -9.844  1.00 7.66  ? 70  GLN A CB  1 
ATOM   514  C CG  . GLN A 1 73  ? -9.105  8.732   -9.404  1.00 5.58  ? 70  GLN A CG  1 
ATOM   515  C CD  . GLN A 1 73  ? -9.324  7.263   -9.122  1.00 5.08  ? 70  GLN A CD  1 
ATOM   516  O OE1 . GLN A 1 73  ? -8.519  6.415   -9.517  1.00 8.14  ? 70  GLN A OE1 1 
ATOM   517  N NE2 . GLN A 1 73  ? -10.428 6.950   -8.458  1.00 3.70  ? 70  GLN A NE2 1 
ATOM   518  N N   . SER A 1 74  ? -6.971  7.372   -7.080  1.00 2.60  ? 71  SER A N   1 
ATOM   519  C CA  A SER A 1 74  ? -6.697  6.065   -6.491  0.04 4.59  ? 71  SER A CA  1 
ATOM   520  C CA  B SER A 1 74  ? -6.697  6.069   -6.490  0.96 4.61  ? 71  SER A CA  1 
ATOM   521  C C   . SER A 1 74  ? -7.970  5.375   -6.019  1.00 4.41  ? 71  SER A C   1 
ATOM   522  O O   . SER A 1 74  ? -8.926  6.036   -5.605  1.00 1.92  ? 71  SER A O   1 
ATOM   523  C CB  A SER A 1 74  ? -5.718  6.192   -5.325  0.04 3.53  ? 71  SER A CB  1 
ATOM   524  C CB  B SER A 1 74  ? -5.720  6.205   -5.308  0.96 3.40  ? 71  SER A CB  1 
ATOM   525  O OG  A SER A 1 74  ? -5.543  4.942   -4.687  0.04 4.36  ? 71  SER A OG  1 
ATOM   526  O OG  B SER A 1 74  ? -4.593  6.973   -5.673  0.96 4.31  ? 71  SER A OG  1 
ATOM   527  N N   . SER A 1 75  ? -7.961  4.044   -6.075  1.00 4.20  ? 72  SER A N   1 
ATOM   528  C CA  . SER A 1 75  ? -9.131  3.215   -5.733  1.00 7.59  ? 72  SER A CA  1 
ATOM   529  C C   . SER A 1 75  ? -8.736  2.052   -4.845  1.00 4.67  ? 72  SER A C   1 
ATOM   530  O O   . SER A 1 75  ? -7.652  1.505   -5.010  1.00 4.25  ? 72  SER A O   1 
ATOM   531  C CB  . SER A 1 75  ? -9.795  2.642   -6.995  1.00 2.26  ? 72  SER A CB  1 
ATOM   532  O OG  . SER A 1 75  ? -10.289 3.665   -7.828  1.00 18.46 ? 72  SER A OG  1 
ATOM   533  N N   . ILE A 1 76  ? -9.627  1.625   -3.952  1.00 3.93  ? 73  ILE A N   1 
ATOM   534  C CA  . ILE A 1 76  ? -9.327  0.448   -3.133  1.00 7.35  ? 73  ILE A CA  1 
ATOM   535  C C   . ILE A 1 76  ? -10.572 -0.387  -2.823  1.00 3.65  ? 73  ILE A C   1 
ATOM   536  O O   . ILE A 1 76  ? -11.642 0.157   -2.560  1.00 1.73  ? 73  ILE A O   1 
ATOM   537  C CB  . ILE A 1 76  ? -8.623  0.852   -1.792  1.00 3.37  ? 73  ILE A CB  1 
ATOM   538  C CG1 . ILE A 1 76  ? -8.265  -0.385  -0.964  1.00 1.80  ? 73  ILE A CG1 1 
ATOM   539  C CG2 . ILE A 1 76  ? -9.502  1.793   -0.987  1.00 1.47  ? 73  ILE A CG2 1 
ATOM   540  C CD1 . ILE A 1 76  ? -7.264  -0.089  0.187   1.00 4.11  ? 73  ILE A CD1 1 
ATOM   541  N N   . ASN A 1 77  ? -10.405 -1.707  -2.886  1.00 2.34  ? 74  ASN A N   1 
ATOM   542  C CA  . ASN A 1 77  ? -11.392 -2.658  -2.407  1.00 7.55  ? 74  ASN A CA  1 
ATOM   543  C C   . ASN A 1 77  ? -10.941 -3.337  -1.131  1.00 6.44  ? 74  ASN A C   1 
ATOM   544  O O   . ASN A 1 77  ? -9.836  -3.867  -1.075  1.00 4.63  ? 74  ASN A O   1 
ATOM   545  C CB  . ASN A 1 77  ? -11.672 -3.732  -3.456  1.00 10.58 ? 74  ASN A CB  1 
ATOM   546  C CG  . ASN A 1 77  ? -12.544 -3.229  -4.571  1.00 11.17 ? 74  ASN A CG  1 
ATOM   547  O OD1 . ASN A 1 77  ? -13.770 -3.373  -4.527  1.00 16.89 ? 74  ASN A OD1 1 
ATOM   548  N ND2 . ASN A 1 77  ? -11.926 -2.603  -5.560  1.00 6.56  ? 74  ASN A ND2 1 
ATOM   549  N N   . TYR A 1 78  ? -11.823 -3.352  -0.136  1.00 6.17  ? 75  TYR A N   1 
ATOM   550  C CA  . TYR A 1 78  ? -11.566 -4.011  1.138   1.00 7.77  ? 75  TYR A CA  1 
ATOM   551  C C   . TYR A 1 78  ? -12.227 -5.386  1.149   1.00 7.08  ? 75  TYR A C   1 
ATOM   552  O O   . TYR A 1 78  ? -13.438 -5.506  0.959   1.00 6.90  ? 75  TYR A O   1 
ATOM   553  C CB  . TYR A 1 78  ? -12.074 -3.155  2.302   1.00 8.71  ? 75  TYR A CB  1 
ATOM   554  C CG  . TYR A 1 78  ? -11.399 -1.801  2.403   1.00 7.01  ? 75  TYR A CG  1 
ATOM   555  C CD1 . TYR A 1 78  ? -10.177 -1.654  3.053   1.00 7.72  ? 75  TYR A CD1 1 
ATOM   556  C CD2 . TYR A 1 78  ? -11.989 -0.673  1.857   1.00 5.58  ? 75  TYR A CD2 1 
ATOM   557  C CE1 . TYR A 1 78  ? -9.563  -0.413  3.143   1.00 5.89  ? 75  TYR A CE1 1 
ATOM   558  C CE2 . TYR A 1 78  ? -11.389 0.568   1.945   1.00 4.87  ? 75  TYR A CE2 1 
ATOM   559  C CZ  . TYR A 1 78  ? -10.177 0.693   2.587   1.00 6.02  ? 75  TYR A CZ  1 
ATOM   560  O OH  . TYR A 1 78  ? -9.588  1.931   2.669   1.00 5.04  ? 75  TYR A OH  1 
ATOM   561  N N   . LEU A 1 79  ? -11.421 -6.421  1.365   1.00 8.76  ? 76  LEU A N   1 
ATOM   562  C CA  . LEU A 1 79  ? -11.864 -7.789  1.159   1.00 10.03 ? 76  LEU A CA  1 
ATOM   563  C C   . LEU A 1 79  ? -12.027 -8.549  2.486   1.00 19.27 ? 76  LEU A C   1 
ATOM   564  O O   . LEU A 1 79  ? -13.015 -9.259  2.676   1.00 15.65 ? 76  LEU A O   1 
ATOM   565  C CB  . LEU A 1 79  ? -10.878 -8.522  0.237   1.00 5.23  ? 76  LEU A CB  1 
ATOM   566  C CG  . LEU A 1 79  ? -10.556 -7.799  -1.077  1.00 7.74  ? 76  LEU A CG  1 
ATOM   567  C CD1 . LEU A 1 79  ? -9.449  -8.507  -1.853  1.00 8.90  ? 76  LEU A CD1 1 
ATOM   568  C CD2 . LEU A 1 79  ? -11.816 -7.678  -1.924  1.00 10.45 ? 76  LEU A CD2 1 
ATOM   569  N N   . LYS A 1 80  ? -11.065 -8.384  3.392   1.00 10.54 ? 77  LYS A N   1 
ATOM   570  C CA  . LYS A 1 80  ? -11.073 -9.073  4.688   1.00 14.29 ? 77  LYS A CA  1 
ATOM   571  C C   . LYS A 1 80  ? -10.344 -8.211  5.704   1.00 14.24 ? 77  LYS A C   1 
ATOM   572  O O   . LYS A 1 80  ? -9.353  -7.569  5.363   1.00 12.45 ? 77  LYS A O   1 
ATOM   573  C CB  . LYS A 1 80  ? -10.413 -10.453 4.580   1.00 8.55  ? 77  LYS A CB  1 
ATOM   574  C CG  . LYS A 1 80  ? -10.241 -11.211 5.897   1.00 19.77 ? 77  LYS A CG  1 
ATOM   575  C CD  . LYS A 1 80  ? -9.781  -12.648 5.640   1.00 21.11 ? 77  LYS A CD  1 
ATOM   576  C CE  . LYS A 1 80  ? -9.464  -13.389 6.937   1.00 30.73 ? 77  LYS A CE  1 
ATOM   577  N NZ  . LYS A 1 80  ? -10.611 -13.426 7.887   1.00 28.48 ? 77  LYS A NZ  1 
ATOM   578  N N   . ALA A 1 81  ? -10.829 -8.193  6.942   1.00 9.80  ? 78  ALA A N   1 
ATOM   579  C CA  . ALA A 1 81  ? -10.258 -7.338  7.986   1.00 12.82 ? 78  ALA A CA  1 
ATOM   580  C C   . ALA A 1 81  ? -8.827  -7.718  8.378   1.00 12.76 ? 78  ALA A C   1 
ATOM   581  O O   . ALA A 1 81  ? -8.474  -8.906  8.442   1.00 10.32 ? 78  ALA A O   1 
ATOM   582  C CB  . ALA A 1 81  ? -11.153 -7.360  9.227   1.00 17.17 ? 78  ALA A CB  1 
ATOM   583  N N   . GLY A 1 82  ? -7.997  -6.704  8.621   1.00 8.92  ? 79  GLY A N   1 
ATOM   584  C CA  . GLY A 1 82  ? -6.704  -6.930  9.250   1.00 11.39 ? 79  GLY A CA  1 
ATOM   585  C C   . GLY A 1 82  ? -6.857  -6.887  10.768  1.00 12.47 ? 79  GLY A C   1 
ATOM   586  O O   . GLY A 1 82  ? -7.723  -6.171  11.269  1.00 10.64 ? 79  GLY A O   1 
ATOM   587  N N   . LYS A 1 83  ? -6.030  -7.654  11.488  1.00 11.46 ? 80  LYS A N   1 
ATOM   588  C CA  . LYS A 1 83  ? -6.100  -7.747  12.953  1.00 14.66 ? 80  LYS A CA  1 
ATOM   589  C C   . LYS A 1 83  ? -4.745  -7.478  13.618  1.00 16.26 ? 80  LYS A C   1 
ATOM   590  O O   . LYS A 1 83  ? -3.685  -7.637  12.986  1.00 10.26 ? 80  LYS A O   1 
ATOM   591  C CB  . LYS A 1 83  ? -6.593  -9.133  13.381  1.00 14.30 ? 80  LYS A CB  1 
ATOM   592  C CG  . LYS A 1 83  ? -7.885  -9.586  12.730  1.00 16.93 ? 80  LYS A CG  1 
ATOM   593  C CD  . LYS A 1 83  ? -9.104  -8.942  13.355  1.00 19.02 ? 80  LYS A CD  1 
ATOM   594  C CE  . LYS A 1 83  ? -10.365 -9.453  12.669  1.00 28.59 ? 80  LYS A CE  1 
ATOM   595  N NZ  . LYS A 1 83  ? -11.625 -9.094  13.389  1.00 35.85 ? 80  LYS A NZ  1 
ATOM   596  N N   . LEU A 1 84  ? -4.776  -7.091  14.892  1.00 14.11 ? 81  LEU A N   1 
ATOM   597  C CA  . LEU A 1 84  ? -3.541  -6.929  15.649  1.00 10.45 ? 81  LEU A CA  1 
ATOM   598  C C   . LEU A 1 84  ? -2.656  -8.174  15.525  1.00 9.37  ? 81  LEU A C   1 
ATOM   599  O O   . LEU A 1 84  ? -3.150  -9.307  15.575  1.00 13.38 ? 81  LEU A O   1 
ATOM   600  C CB  . LEU A 1 84  ? -3.838  -6.633  17.116  1.00 16.50 ? 81  LEU A CB  1 
ATOM   601  C CG  . LEU A 1 84  ? -2.606  -6.414  18.008  1.00 11.86 ? 81  LEU A CG  1 
ATOM   602  C CD1 . LEU A 1 84  ? -2.016  -5.026  17.812  1.00 12.48 ? 81  LEU A CD1 1 
ATOM   603  C CD2 . LEU A 1 84  ? -2.944  -6.663  19.481  1.00 23.01 ? 81  LEU A CD2 1 
ATOM   604  N N   . ASP A 1 85  ? -1.367  -7.932  15.293  1.00 10.19 ? 82  ASP A N   1 
ATOM   605  C CA  . ASP A 1 85  ? -0.337  -8.961  15.145  1.00 12.75 ? 82  ASP A CA  1 
ATOM   606  C C   . ASP A 1 85  ? -0.331  -9.650  13.761  1.00 13.22 ? 82  ASP A C   1 
ATOM   607  O O   . ASP A 1 85  ? 0.553   -10.457 13.487  1.00 11.19 ? 82  ASP A O   1 
ATOM   608  C CB  . ASP A 1 85  ? -0.460  -10.021 16.258  1.00 13.73 ? 82  ASP A CB  1 
ATOM   609  C CG  . ASP A 1 85  ? -0.337  -9.425  17.660  1.00 15.29 ? 82  ASP A CG  1 
ATOM   610  O OD1 . ASP A 1 85  ? 0.582   -8.623  17.899  1.00 18.21 ? 82  ASP A OD1 1 
ATOM   611  O OD2 . ASP A 1 85  ? -1.171  -9.752  18.523  1.00 25.99 ? 82  ASP A OD2 1 
ATOM   612  N N   . ASP A 1 86  ? -1.279  -9.332  12.882  1.00 13.55 ? 83  ASP A N   1 
ATOM   613  C CA  . ASP A 1 86  ? -1.186  -9.844  11.504  1.00 13.32 ? 83  ASP A CA  1 
ATOM   614  C C   . ASP A 1 86  ? 0.122   -9.368  10.869  1.00 15.51 ? 83  ASP A C   1 
ATOM   615  O O   . ASP A 1 86  ? 0.561   -8.240  11.110  1.00 12.70 ? 83  ASP A O   1 
ATOM   616  C CB  . ASP A 1 86  ? -2.368  -9.383  10.632  1.00 11.52 ? 83  ASP A CB  1 
ATOM   617  C CG  . ASP A 1 86  ? -3.635  -10.207 10.848  1.00 17.55 ? 83  ASP A CG  1 
ATOM   618  O OD1 . ASP A 1 86  ? -3.572  -11.256 11.524  1.00 20.71 ? 83  ASP A OD1 1 
ATOM   619  O OD2 . ASP A 1 86  ? -4.701  -9.800  10.334  1.00 13.71 ? 83  ASP A OD2 1 
ATOM   620  N N   . VAL A 1 87  ? 0.747   -10.222 10.065  1.00 12.00 ? 84  VAL A N   1 
ATOM   621  C CA  . VAL A 1 87  ? 1.863   -9.789  9.238   1.00 12.37 ? 84  VAL A CA  1 
ATOM   622  C C   . VAL A 1 87  ? 1.333   -9.584  7.826   1.00 15.04 ? 84  VAL A C   1 
ATOM   623  O O   . VAL A 1 87  ? 0.882   -10.531 7.184   1.00 15.53 ? 84  VAL A O   1 
ATOM   624  C CB  . VAL A 1 87  ? 3.011   -10.807 9.230   1.00 16.23 ? 84  VAL A CB  1 
ATOM   625  C CG1 . VAL A 1 87  ? 4.108   -10.352 8.308   1.00 12.79 ? 84  VAL A CG1 1 
ATOM   626  C CG2 . VAL A 1 87  ? 3.543   -11.013 10.642  1.00 19.85 ? 84  VAL A CG2 1 
ATOM   627  N N   . LEU A 1 88  ? 1.350   -8.343  7.356   1.00 12.63 ? 85  LEU A N   1 
ATOM   628  C CA  . LEU A 1 88  ? 0.770   -8.033  6.059   1.00 8.07  ? 85  LEU A CA  1 
ATOM   629  C C   . LEU A 1 88  ? 1.866   -7.909  5.003   1.00 12.67 ? 85  LEU A C   1 
ATOM   630  O O   . LEU A 1 88  ? 2.849   -7.179  5.182   1.00 11.35 ? 85  LEU A O   1 
ATOM   631  C CB  . LEU A 1 88  ? -0.054  -6.748  6.133   1.00 7.95  ? 85  LEU A CB  1 
ATOM   632  C CG  . LEU A 1 88  ? -1.205  -6.693  7.136   1.00 8.13  ? 85  LEU A CG  1 
ATOM   633  C CD1 . LEU A 1 88  ? -1.912  -5.352  7.081   1.00 7.82  ? 85  LEU A CD1 1 
ATOM   634  C CD2 . LEU A 1 88  ? -2.184  -7.807  6.865   1.00 7.44  ? 85  LEU A CD2 1 
ATOM   635  N N   . THR A 1 89  ? 1.701   -8.660  3.924   1.00 8.50  ? 86  THR A N   1 
ATOM   636  C CA  . THR A 1 89  ? 2.596   -8.600  2.779   1.00 9.06  ? 86  THR A CA  1 
ATOM   637  C C   . THR A 1 89  ? 1.977   -7.716  1.704   1.00 9.57  ? 86  THR A C   1 
ATOM   638  O O   . THR A 1 89  ? 0.877   -8.002  1.214   1.00 8.16  ? 86  THR A O   1 
ATOM   639  C CB  . THR A 1 89  ? 2.867   -10.005 2.221   1.00 10.00 ? 86  THR A CB  1 
ATOM   640  O OG1 . THR A 1 89  ? 3.553   -10.773 3.211   1.00 11.80 ? 86  THR A OG1 1 
ATOM   641  C CG2 . THR A 1 89  ? 3.708   -9.942  0.957   1.00 14.03 ? 86  THR A CG2 1 
ATOM   642  N N   . ILE A 1 90  ? 2.678   -6.630  1.379   1.00 9.71  ? 87  ILE A N   1 
ATOM   643  C CA  . ILE A 1 90  ? 2.222   -5.633  0.419   1.00 12.50 ? 87  ILE A CA  1 
ATOM   644  C C   . ILE A 1 90  ? 3.002   -5.741  -0.890  1.00 9.87  ? 87  ILE A C   1 
ATOM   645  O O   . ILE A 1 90  ? 4.218   -5.505  -0.932  1.00 10.58 ? 87  ILE A O   1 
ATOM   646  C CB  . ILE A 1 90  ? 2.379   -4.198  0.971   1.00 8.97  ? 87  ILE A CB  1 
ATOM   647  C CG1 . ILE A 1 90  ? 2.024   -4.147  2.458   1.00 7.41  ? 87  ILE A CG1 1 
ATOM   648  C CG2 . ILE A 1 90  ? 1.519   -3.228  0.168   1.00 4.04  ? 87  ILE A CG2 1 
ATOM   649  C CD1 . ILE A 1 90  ? 2.765   -3.045  3.201   1.00 6.63  ? 87  ILE A CD1 1 
ATOM   650  N N   . LYS A 1 91  ? 2.298   -6.097  -1.953  1.00 7.13  ? 88  LYS A N   1 
ATOM   651  C CA  . LYS A 1 91  ? 2.940   -6.343  -3.245  1.00 10.89 ? 88  LYS A CA  1 
ATOM   652  C C   . LYS A 1 91  ? 2.507   -5.323  -4.300  1.00 9.23  ? 88  LYS A C   1 
ATOM   653  O O   . LYS A 1 91  ? 1.327   -5.206  -4.611  1.00 9.61  ? 88  LYS A O   1 
ATOM   654  C CB  . LYS A 1 91  ? 2.626   -7.760  -3.721  1.00 13.96 ? 88  LYS A CB  1 
ATOM   655  C CG  . LYS A 1 91  ? 3.255   -8.107  -5.057  1.00 18.49 ? 88  LYS A CG  1 
ATOM   656  C CD  . LYS A 1 91  ? 3.365   -9.612  -5.290  1.00 21.80 ? 88  LYS A CD  1 
ATOM   657  C CE  . LYS A 1 91  ? 2.105   -10.345 -4.880  1.00 40.21 ? 88  LYS A CE  1 
ATOM   658  N NZ  . LYS A 1 91  ? 2.232   -10.937 -3.510  1.00 50.15 ? 88  LYS A NZ  1 
ATOM   659  N N   . GLY A 1 92  ? 3.464   -4.578  -4.845  1.00 11.49 ? 89  GLY A N   1 
ATOM   660  C CA  . GLY A 1 92  ? 3.144   -3.591  -5.854  1.00 11.64 ? 89  GLY A CA  1 
ATOM   661  C C   . GLY A 1 92  ? 3.737   -3.909  -7.216  1.00 11.50 ? 89  GLY A C   1 
ATOM   662  O O   . GLY A 1 92  ? 4.829   -4.467  -7.315  1.00 10.17 ? 89  GLY A O   1 
ATOM   663  N N   . GLU A 1 93  ? 3.005   -3.553  -8.267  1.00 10.02 ? 90  GLU A N   1 
ATOM   664  C CA  . GLU A 1 93  ? 3.459   -3.735  -9.644  1.00 17.42 ? 90  GLU A CA  1 
ATOM   665  C C   . GLU A 1 93  ? 2.968   -2.567  -10.493 1.00 12.65 ? 90  GLU A C   1 
ATOM   666  O O   . GLU A 1 93  ? 1.853   -2.097  -10.312 1.00 12.40 ? 90  GLU A O   1 
ATOM   667  C CB  . GLU A 1 93  ? 2.945   -5.062  -10.242 1.00 14.19 ? 90  GLU A CB  1 
ATOM   668  C CG  . GLU A 1 93  ? 3.249   -6.340  -9.428  1.00 25.53 ? 90  GLU A CG  1 
ATOM   669  C CD  . GLU A 1 93  ? 4.719   -6.745  -9.452  1.00 29.40 ? 90  GLU A CD  1 
ATOM   670  O OE1 . GLU A 1 93  ? 5.407   -6.448  -10.455 1.00 32.89 ? 90  GLU A OE1 1 
ATOM   671  O OE2 . GLU A 1 93  ? 5.186   -7.358  -8.465  1.00 32.89 ? 90  GLU A OE2 1 
ATOM   672  N N   . CYS A 1 94  ? 3.795   -2.098  -11.418 1.00 13.22 ? 91  CYS A N   1 
ATOM   673  C CA  . CYS A 1 94  ? 3.322   -1.163  -12.432 1.00 13.65 ? 91  CYS A CA  1 
ATOM   674  C C   . CYS A 1 94  ? 2.671   -1.985  -13.533 1.00 13.14 ? 91  CYS A C   1 
ATOM   675  O O   . CYS A 1 94  ? 3.340   -2.814  -14.144 1.00 12.64 ? 91  CYS A O   1 
ATOM   676  C CB  . CYS A 1 94  ? 4.478   -0.306  -12.975 1.00 22.40 ? 91  CYS A CB  1 
ATOM   677  S SG  . CYS A 1 94  ? 4.038   0.851   -14.314 1.00 14.41 ? 91  CYS A SG  1 
ATOM   678  N N   . VAL A 1 95  ? 1.371   -1.803  -13.763 1.00 10.72 ? 92  VAL A N   1 
ATOM   679  C CA  . VAL A 1 95  ? 0.677   -2.618  -14.763 1.00 10.20 ? 92  VAL A CA  1 
ATOM   680  C C   . VAL A 1 95  ? 0.573   -1.860  -16.085 1.00 15.66 ? 92  VAL A C   1 
ATOM   681  O O   . VAL A 1 95  ? 0.238   -2.430  -17.119 1.00 16.11 ? 92  VAL A O   1 
ATOM   682  C CB  . VAL A 1 95  ? -0.746  -3.064  -14.308 1.00 9.32  ? 92  VAL A CB  1 
ATOM   683  C CG1 . VAL A 1 95  ? -0.682  -3.889  -13.026 1.00 14.98 ? 92  VAL A CG1 1 
ATOM   684  C CG2 . VAL A 1 95  ? -1.682  -1.873  -14.149 1.00 13.95 ? 92  VAL A CG2 1 
ATOM   685  N N   . HIS A 1 96  ? 0.864   -0.568  -16.044 1.00 15.60 ? 93  HIS A N   1 
ATOM   686  C CA  . HIS A 1 96  ? 0.905   0.223   -17.265 1.00 16.14 ? 93  HIS A CA  1 
ATOM   687  C C   . HIS A 1 96  ? 1.845   1.398   -17.101 1.00 15.34 ? 93  HIS A C   1 
ATOM   688  O O   . HIS A 1 96  ? 1.698   2.223   -16.194 1.00 13.65 ? 93  HIS A O   1 
ATOM   689  C CB  . HIS A 1 96  ? -0.485  0.714   -17.658 1.00 12.45 ? 93  HIS A CB  1 
ATOM   690  C CG  . HIS A 1 96  ? -0.475  1.687   -18.792 1.00 10.97 ? 93  HIS A CG  1 
ATOM   691  N ND1 . HIS A 1 96  ? -0.383  1.299   -20.112 1.00 14.83 ? 93  HIS A ND1 1 
ATOM   692  C CD2 . HIS A 1 96  ? -0.550  3.042   -18.806 1.00 13.26 ? 93  HIS A CD2 1 
ATOM   693  C CE1 . HIS A 1 96  ? -0.397  2.368   -20.888 1.00 11.59 ? 93  HIS A CE1 1 
ATOM   694  N NE2 . HIS A 1 96  ? -0.497  3.437   -20.121 1.00 16.79 ? 93  HIS A NE2 1 
ATOM   695  N N   . GLN A 1 97  ? 2.834   1.457   -17.977 1.00 17.43 ? 94  GLN A N   1 
ATOM   696  C CA  . GLN A 1 97  ? 3.750   2.575   -17.990 1.00 17.38 ? 94  GLN A CA  1 
ATOM   697  C C   . GLN A 1 97  ? 3.530   3.364   -19.275 1.00 26.09 ? 94  GLN A C   1 
ATOM   698  O O   . GLN A 1 97  ? 3.950   2.944   -20.354 1.00 22.51 ? 94  GLN A O   1 
ATOM   699  C CB  . GLN A 1 97  ? 5.194   2.086   -17.870 1.00 19.71 ? 94  GLN A CB  1 
ATOM   700  C CG  . GLN A 1 97  ? 6.193   3.184   -17.599 1.00 19.96 ? 94  GLN A CG  1 
ATOM   701  C CD  . GLN A 1 97  ? 7.604   2.654   -17.448 1.00 27.16 ? 94  GLN A CD  1 
ATOM   702  O OE1 . GLN A 1 97  ? 7.812   1.451   -17.264 1.00 33.36 ? 94  GLN A OE1 1 
ATOM   703  N NE2 . GLN A 1 97  ? 8.584   3.550   -17.529 1.00 23.10 ? 94  GLN A NE2 1 
ATOM   704  N N   . GLY A 1 98  ? 2.841   4.492   -19.159 1.00 19.65 ? 95  GLY A N   1 
ATOM   705  C CA  . GLY A 1 98  ? 2.582   5.338   -20.306 1.00 21.27 ? 95  GLY A CA  1 
ATOM   706  C C   . GLY A 1 98  ? 3.609   6.444   -20.408 1.00 25.95 ? 95  GLY A C   1 
ATOM   707  O O   . GLY A 1 98  ? 4.446   6.621   -19.515 1.00 23.80 ? 95  GLY A O   1 
ATOM   708  N N   . ARG A 1 99  ? 3.545   7.197   -21.500 1.00 31.79 ? 96  ARG A N   1 
ATOM   709  C CA  . ARG A 1 99  ? 4.462   8.311   -21.698 1.00 33.16 ? 96  ARG A CA  1 
ATOM   710  C C   . ARG A 1 99  ? 4.342   9.340   -20.578 1.00 31.34 ? 96  ARG A C   1 
ATOM   711  O O   . ARG A 1 99  ? 5.338   9.885   -20.103 1.00 36.84 ? 96  ARG A O   1 
ATOM   712  C CB  . ARG A 1 99  ? 4.203   8.975   -23.051 1.00 40.76 ? 96  ARG A CB  1 
ATOM   713  C CG  . ARG A 1 99  ? 5.402   8.940   -23.977 1.00 42.57 ? 96  ARG A CG  1 
ATOM   714  C CD  . ARG A 1 99  ? 5.099   9.515   -25.352 1.00 30.66 ? 96  ARG A CD  1 
ATOM   715  N NE  . ARG A 1 99  ? 6.074   9.046   -26.329 1.00 40.31 ? 96  ARG A NE  1 
ATOM   716  C CZ  . ARG A 1 99  ? 7.289   9.567   -26.469 1.00 39.05 ? 96  ARG A CZ  1 
ATOM   717  N NH1 . ARG A 1 99  ? 7.661   10.578  -25.704 1.00 34.84 ? 96  ARG A NH1 1 
ATOM   718  N NH2 . ARG A 1 99  ? 8.130   9.085   -27.376 1.00 51.29 ? 96  ARG A NH2 1 
ATOM   719  N N   . THR A 1 100 ? 3.116   9.578   -20.135 1.00 32.67 ? 97  THR A N   1 
ATOM   720  C CA  . THR A 1 100 ? 2.844   10.659  -19.203 1.00 27.72 ? 97  THR A CA  1 
ATOM   721  C C   . THR A 1 100 ? 2.159   10.208  -17.903 1.00 24.49 ? 97  THR A C   1 
ATOM   722  O O   . THR A 1 100 ? 2.029   10.992  -16.964 1.00 22.82 ? 97  THR A O   1 
ATOM   723  C CB  . THR A 1 100 ? 1.970   11.719  -19.881 1.00 26.86 ? 97  THR A CB  1 
ATOM   724  O OG1 . THR A 1 100 ? 1.991   12.924  -19.113 1.00 42.92 ? 97  THR A OG1 1 
ATOM   725  C CG2 . THR A 1 100 ? 0.544   11.219  -20.034 1.00 20.75 ? 97  THR A CG2 1 
ATOM   726  N N   . THR A 1 101 ? 1.711   8.957   -17.859 1.00 25.26 ? 98  THR A N   1 
ATOM   727  C CA  . THR A 1 101 ? 1.049   8.407   -16.667 1.00 19.28 ? 98  THR A CA  1 
ATOM   728  C C   . THR A 1 101 ? 1.513   6.999   -16.388 1.00 17.44 ? 98  THR A C   1 
ATOM   729  O O   . THR A 1 101 ? 2.007   6.312   -17.284 1.00 15.56 ? 98  THR A O   1 
ATOM   730  C CB  . THR A 1 101 ? -0.485  8.359   -16.806 1.00 18.00 ? 98  THR A CB  1 
ATOM   731  O OG1 . THR A 1 101 ? -0.827  7.588   -17.963 1.00 22.70 ? 98  THR A OG1 1 
ATOM   732  C CG2 . THR A 1 101 ? -1.072  9.745   -16.932 1.00 20.21 ? 98  THR A CG2 1 
ATOM   733  N N   . CYS A 1 102 ? 1.341   6.568   -15.143 1.00 9.77  ? 99  CYS A N   1 
ATOM   734  C CA  . CYS A 1 102 ? 1.571   5.181   -14.751 1.00 10.84 ? 99  CYS A CA  1 
ATOM   735  C C   . CYS A 1 102 ? 0.361   4.645   -13.977 1.00 14.84 ? 99  CYS A C   1 
ATOM   736  O O   . CYS A 1 102 ? -0.350  5.403   -13.306 1.00 11.50 ? 99  CYS A O   1 
ATOM   737  C CB  . CYS A 1 102 ? 2.820   5.043   -13.877 1.00 11.66 ? 99  CYS A CB  1 
ATOM   738  S SG  . CYS A 1 102 ? 4.383   5.116   -14.776 1.00 25.88 ? 99  CYS A SG  1 
ATOM   739  N N   . VAL A 1 103 ? 0.148   3.340   -14.056 1.00 5.00  ? 100 VAL A N   1 
ATOM   740  C CA  . VAL A 1 103 ? -0.879  2.705   -13.249 1.00 6.09  ? 100 VAL A CA  1 
ATOM   741  C C   . VAL A 1 103 ? -0.247  1.574   -12.458 1.00 10.36 ? 100 VAL A C   1 
ATOM   742  O O   . VAL A 1 103 ? 0.424   0.706   -13.032 1.00 5.51  ? 100 VAL A O   1 
ATOM   743  C CB  . VAL A 1 103 ? -2.037  2.180   -14.108 1.00 5.31  ? 100 VAL A CB  1 
ATOM   744  C CG1 . VAL A 1 103 ? -3.129  1.576   -13.225 1.00 8.60  ? 100 VAL A CG1 1 
ATOM   745  C CG2 . VAL A 1 103 ? -2.598  3.318   -14.980 1.00 6.92  ? 100 VAL A CG2 1 
ATOM   746  N N   . MET A 1 104 ? -0.447  1.625   -11.136 1.00 6.13  ? 101 MET A N   1 
ATOM   747  C CA  . MET A 1 104 ? 0.079   0.629   -10.203 1.00 7.58  ? 101 MET A CA  1 
ATOM   748  C C   . MET A 1 104 ? -1.042  -0.198  -9.593  1.00 7.61  ? 101 MET A C   1 
ATOM   749  O O   . MET A 1 104 ? -2.043  0.365   -9.143  1.00 7.33  ? 101 MET A O   1 
ATOM   750  C CB  . MET A 1 104 ? 0.853   1.308   -9.059  1.00 8.16  ? 101 MET A CB  1 
ATOM   751  C CG  . MET A 1 104 ? 2.334   1.538   -9.307  1.00 8.87  ? 101 MET A CG  1 
ATOM   752  S SD  . MET A 1 104 ? 2.667   2.522   -10.773 1.00 13.00 ? 101 MET A SD  1 
ATOM   753  C CE  . MET A 1 104 ? 1.905   4.089   -10.352 1.00 8.27  ? 101 MET A CE  1 
ATOM   754  N N   . ASP A 1 105 ? -0.870  -1.516  -9.562  1.00 8.11  ? 102 ASP A N   1 
ATOM   755  C CA  . ASP A 1 105 ? -1.762  -2.393  -8.804  1.00 9.36  ? 102 ASP A CA  1 
ATOM   756  C C   . ASP A 1 105 ? -1.034  -2.861  -7.548  1.00 8.43  ? 102 ASP A C   1 
ATOM   757  O O   . ASP A 1 105 ? 0.130   -3.258  -7.626  1.00 7.72  ? 102 ASP A O   1 
ATOM   758  C CB  . ASP A 1 105 ? -2.204  -3.608  -9.629  1.00 7.72  ? 102 ASP A CB  1 
ATOM   759  C CG  . ASP A 1 105 ? -3.373  -3.308  -10.562 1.00 16.66 ? 102 ASP A CG  1 
ATOM   760  O OD1 . ASP A 1 105 ? -3.990  -2.223  -10.462 1.00 10.16 ? 102 ASP A OD1 1 
ATOM   761  O OD2 . ASP A 1 105 ? -3.687  -4.187  -11.387 1.00 18.68 ? 102 ASP A OD2 1 
ATOM   762  N N   . VAL A 1 106 ? -1.713  -2.810  -6.401  1.00 6.98  ? 103 VAL A N   1 
ATOM   763  C CA  . VAL A 1 106 ? -1.122  -3.197  -5.119  1.00 5.31  ? 103 VAL A CA  1 
ATOM   764  C C   . VAL A 1 106 ? -2.082  -4.101  -4.346  1.00 10.45 ? 103 VAL A C   1 
ATOM   765  O O   . VAL A 1 106 ? -3.255  -3.762  -4.192  1.00 7.79  ? 103 VAL A O   1 
ATOM   766  C CB  . VAL A 1 106 ? -0.778  -1.952  -4.261  1.00 9.10  ? 103 VAL A CB  1 
ATOM   767  C CG1 . VAL A 1 106 ? -0.117  -2.364  -2.936  1.00 5.84  ? 103 VAL A CG1 1 
ATOM   768  C CG2 . VAL A 1 106 ? 0.105   -0.977  -5.046  1.00 6.02  ? 103 VAL A CG2 1 
ATOM   769  N N   . ASP A 1 107 ? -1.588  -5.247  -3.874  1.00 6.50  ? 104 ASP A N   1 
ATOM   770  C CA  . ASP A 1 107 ? -2.400  -6.203  -3.115  1.00 10.42 ? 104 ASP A CA  1 
ATOM   771  C C   . ASP A 1 107 ? -1.808  -6.473  -1.737  1.00 10.31 ? 104 ASP A C   1 
ATOM   772  O O   . ASP A 1 107 ? -0.586  -6.524  -1.585  1.00 11.70 ? 104 ASP A O   1 
ATOM   773  C CB  . ASP A 1 107 ? -2.517  -7.549  -3.845  1.00 9.28  ? 104 ASP A CB  1 
ATOM   774  C CG  . ASP A 1 107 ? -2.611  -7.403  -5.346  1.00 43.39 ? 104 ASP A CG  1 
ATOM   775  O OD1 . ASP A 1 107 ? -3.659  -6.926  -5.842  1.00 42.12 ? 104 ASP A OD1 1 
ATOM   776  O OD2 . ASP A 1 107 ? -1.625  -7.764  -6.028  1.00 45.24 ? 104 ASP A OD2 1 
ATOM   777  N N   . ILE A 1 108 ? -2.668  -6.678  -0.744  1.00 9.15  ? 105 ILE A N   1 
ATOM   778  C CA  . ILE A 1 108 ? -2.208  -7.079  0.579   1.00 8.26  ? 105 ILE A CA  1 
ATOM   779  C C   . ILE A 1 108 ? -2.803  -8.434  0.963   1.00 10.96 ? 105 ILE A C   1 
ATOM   780  O O   . ILE A 1 108 ? -4.009  -8.688  0.793   1.00 6.82  ? 105 ILE A O   1 
ATOM   781  C CB  . ILE A 1 108 ? -2.552  -6.028  1.667   1.00 8.02  ? 105 ILE A CB  1 
ATOM   782  C CG1 . ILE A 1 108 ? -1.951  -4.658  1.313   1.00 7.34  ? 105 ILE A CG1 1 
ATOM   783  C CG2 . ILE A 1 108 ? -2.019  -6.489  3.029   1.00 5.85  ? 105 ILE A CG2 1 
ATOM   784  C CD1 . ILE A 1 108 ? -2.241  -3.577  2.349   1.00 4.09  ? 105 ILE A CD1 1 
ATOM   785  N N   . THR A 1 109 ? -1.924  -9.313  1.442   1.00 8.66  ? 106 THR A N   1 
ATOM   786  C CA  . THR A 1 109 ? -2.300  -10.629 1.926   1.00 10.90 ? 106 THR A CA  1 
ATOM   787  C C   . THR A 1 109 ? -1.771  -10.779 3.354   1.00 13.69 ? 106 THR A C   1 
ATOM   788  O O   . THR A 1 109 ? -0.735  -10.202 3.699   1.00 11.75 ? 106 THR A O   1 
ATOM   789  C CB  . THR A 1 109 ? -1.729  -11.751 1.038   1.00 12.72 ? 106 THR A CB  1 
ATOM   790  O OG1 . THR A 1 109 ? -0.313  -11.816 1.214   1.00 22.45 ? 106 THR A OG1 1 
ATOM   791  C CG2 . THR A 1 109 ? -2.019  -11.474 -0.424  1.00 15.63 ? 106 THR A CG2 1 
ATOM   792  N N   . ASN A 1 110 ? -2.479  -11.531 4.188   1.00 9.39  ? 107 ASN A N   1 
ATOM   793  C CA  . ASN A 1 110 ? -2.015  -11.728 5.549   1.00 12.44 ? 107 ASN A CA  1 
ATOM   794  C C   . ASN A 1 110 ? -1.181  -12.994 5.630   1.00 16.11 ? 107 ASN A C   1 
ATOM   795  O O   . ASN A 1 110 ? -0.952  -13.658 4.613   1.00 11.72 ? 107 ASN A O   1 
ATOM   796  C CB  . ASN A 1 110 ? -3.180  -11.762 6.552   1.00 10.97 ? 107 ASN A CB  1 
ATOM   797  C CG  . ASN A 1 110 ? -4.117  -12.962 6.372   1.00 13.76 ? 107 ASN A CG  1 
ATOM   798  O OD1 . ASN A 1 110 ? -3.769  -13.980 5.769   1.00 15.49 ? 107 ASN A OD1 1 
ATOM   799  N ND2 . ASN A 1 110 ? -5.319  -12.843 6.935   1.00 13.64 ? 107 ASN A ND2 1 
ATOM   800  N N   . GLN A 1 111 ? -0.756  -13.326 6.847   1.00 12.65 ? 108 GLN A N   1 
ATOM   801  C CA  . GLN A 1 111 ? 0.168   -14.423 7.081   1.00 18.08 ? 108 GLN A CA  1 
ATOM   802  C C   . GLN A 1 111 ? -0.462  -15.782 6.790   1.00 20.59 ? 108 GLN A C   1 
ATOM   803  O O   . GLN A 1 111 ? 0.247   -16.774 6.662   1.00 19.23 ? 108 GLN A O   1 
ATOM   804  C CB  . GLN A 1 111 ? 0.683   -14.384 8.524   1.00 17.41 ? 108 GLN A CB  1 
ATOM   805  C CG  . GLN A 1 111 ? -0.384  -14.638 9.589   1.00 18.12 ? 108 GLN A CG  1 
ATOM   806  C CD  . GLN A 1 111 ? -1.294  -13.447 9.824   1.00 15.20 ? 108 GLN A CD  1 
ATOM   807  O OE1 . GLN A 1 111 ? -1.055  -12.355 9.306   1.00 14.26 ? 108 GLN A OE1 1 
ATOM   808  N NE2 . GLN A 1 111 ? -2.352  -13.654 10.602  1.00 14.54 ? 108 GLN A NE2 1 
ATOM   809  N N   . GLU A 1 112 ? -1.789  -15.825 6.690   1.00 15.55 ? 109 GLU A N   1 
ATOM   810  C CA  . GLU A 1 112 ? -2.481  -17.068 6.346   1.00 19.20 ? 109 GLU A CA  1 
ATOM   811  C C   . GLU A 1 112 ? -2.722  -17.178 4.843   1.00 22.07 ? 109 GLU A C   1 
ATOM   812  O O   . GLU A 1 112 ? -3.377  -18.107 4.379   1.00 22.14 ? 109 GLU A O   1 
ATOM   813  C CB  . GLU A 1 112 ? -3.821  -17.179 7.079   1.00 19.87 ? 109 GLU A CB  1 
ATOM   814  C CG  . GLU A 1 112 ? -3.762  -16.996 8.582   1.00 22.79 ? 109 GLU A CG  1 
ATOM   815  C CD  . GLU A 1 112 ? -3.061  -18.138 9.293   1.00 41.00 ? 109 GLU A CD  1 
ATOM   816  O OE1 . GLU A 1 112 ? -2.831  -19.192 8.662   1.00 39.44 ? 109 GLU A OE1 1 
ATOM   817  O OE2 . GLU A 1 112 ? -2.764  -17.993 10.498  1.00 49.07 ? 109 GLU A OE2 1 
ATOM   818  N N   . GLY A 1 113 ? -2.206  -16.216 4.089   1.00 16.09 ? 110 GLY A N   1 
ATOM   819  C CA  . GLY A 1 113 ? -2.389  -16.189 2.647   1.00 19.54 ? 110 GLY A CA  1 
ATOM   820  C C   . GLY A 1 113 ? -3.718  -15.603 2.202   1.00 20.77 ? 110 GLY A C   1 
ATOM   821  O O   . GLY A 1 113 ? -4.023  -15.580 1.013   1.00 16.09 ? 110 GLY A O   1 
ATOM   822  N N   . ARG A 1 114 ? -4.525  -15.137 3.148   1.00 14.32 ? 111 ARG A N   1 
ATOM   823  C CA  . ARG A 1 114 ? -5.828  -14.581 2.794   1.00 10.99 ? 111 ARG A CA  1 
ATOM   824  C C   . ARG A 1 114 ? -5.693  -13.159 2.232   1.00 11.60 ? 111 ARG A C   1 
ATOM   825  O O   . ARG A 1 114 ? -4.861  -12.379 2.686   1.00 10.26 ? 111 ARG A O   1 
ATOM   826  C CB  . ARG A 1 114 ? -6.753  -14.588 4.005   1.00 16.80 ? 111 ARG A CB  1 
ATOM   827  C CG  . ARG A 1 114 ? -6.837  -15.924 4.717   1.00 22.91 ? 111 ARG A CG  1 
ATOM   828  C CD  . ARG A 1 114 ? -7.537  -16.968 3.861   1.00 26.24 ? 111 ARG A CD  1 
ATOM   829  N NE  . ARG A 1 114 ? -8.688  -16.403 3.161   1.00 33.64 ? 111 ARG A NE  1 
ATOM   830  C CZ  . ARG A 1 114 ? -9.873  -16.187 3.725   1.00 41.25 ? 111 ARG A CZ  1 
ATOM   831  N NH1 . ARG A 1 114 ? -10.075 -16.497 5.001   1.00 41.93 ? 111 ARG A NH1 1 
ATOM   832  N NH2 . ARG A 1 114 ? -10.861 -15.662 3.010   1.00 48.07 ? 111 ARG A NH2 1 
ATOM   833  N N   . ASN A 1 115 ? -6.519  -12.827 1.247   1.00 11.49 ? 112 ASN A N   1 
ATOM   834  C CA  . ASN A 1 115 ? -6.471  -11.511 0.624   1.00 10.22 ? 112 ASN A CA  1 
ATOM   835  C C   . ASN A 1 115 ? -7.169  -10.501 1.507   1.00 8.23  ? 112 ASN A C   1 
ATOM   836  O O   . ASN A 1 115 ? -8.308  -10.718 1.911   1.00 6.93  ? 112 ASN A O   1 
ATOM   837  C CB  . ASN A 1 115 ? -7.112  -11.550 -0.753  1.00 8.32  ? 112 ASN A CB  1 
ATOM   838  C CG  . ASN A 1 115 ? -6.329  -12.407 -1.734  1.00 24.93 ? 112 ASN A CG  1 
ATOM   839  O OD1 . ASN A 1 115 ? -5.105  -12.504 -1.648  1.00 20.34 ? 112 ASN A OD1 1 
ATOM   840  N ND2 . ASN A 1 115 ? -7.032  -13.027 -2.676  1.00 27.20 ? 112 ASN A ND2 1 
ATOM   841  N N   . VAL A 1 116 ? -6.485  -9.408  1.816   1.00 6.75  ? 113 VAL A N   1 
ATOM   842  C CA  . VAL A 1 116 ? -7.006  -8.392  2.737   1.00 5.87  ? 113 VAL A CA  1 
ATOM   843  C C   . VAL A 1 116 ? -7.612  -7.208  1.976   1.00 7.33  ? 113 VAL A C   1 
ATOM   844  O O   . VAL A 1 116 ? -8.754  -6.813  2.218   1.00 7.68  ? 113 VAL A O   1 
ATOM   845  C CB  . VAL A 1 116 ? -5.896  -7.882  3.686   1.00 7.68  ? 113 VAL A CB  1 
ATOM   846  C CG1 . VAL A 1 116 ? -6.358  -6.642  4.470   1.00 6.29  ? 113 VAL A CG1 1 
ATOM   847  C CG2 . VAL A 1 116 ? -5.456  -8.999  4.637   1.00 8.19  ? 113 VAL A CG2 1 
ATOM   848  N N   . CYS A 1 117 ? -6.840  -6.642  1.055   1.00 5.57  ? 114 CYS A N   1 
ATOM   849  C CA  . CYS A 1 117 ? -7.351  -5.558  0.234   1.00 5.57  ? 114 CYS A CA  1 
ATOM   850  C C   . CYS A 1 117 ? -6.560  -5.451  -1.070  1.00 9.84  ? 114 CYS A C   1 
ATOM   851  O O   . CYS A 1 117 ? -5.493  -6.053  -1.234  1.00 8.45  ? 114 CYS A O   1 
ATOM   852  C CB  . CYS A 1 117 ? -7.306  -4.228  0.993   1.00 6.02  ? 114 CYS A CB  1 
ATOM   853  S SG  . CYS A 1 117 ? -5.618  -3.625  1.334   1.00 10.08 ? 114 CYS A SG  1 
ATOM   854  N N   . LYS A 1 118 ? -7.109  -4.686  -1.999  1.00 4.99  ? 115 LYS A N   1 
ATOM   855  C CA  . LYS A 1 118 ? -6.531  -4.543  -3.319  1.00 8.07  ? 115 LYS A CA  1 
ATOM   856  C C   . LYS A 1 118 ? -6.807  -3.122  -3.811  1.00 9.19  ? 115 LYS A C   1 
ATOM   857  O O   . LYS A 1 118 ? -7.909  -2.608  -3.627  1.00 7.33  ? 115 LYS A O   1 
ATOM   858  C CB  . LYS A 1 118 ? -7.100  -5.632  -4.239  1.00 10.48 ? 115 LYS A CB  1 
ATOM   859  C CG  . LYS A 1 118 ? -7.624  -5.195  -5.574  1.00 24.13 ? 115 LYS A CG  1 
ATOM   860  C CD  . LYS A 1 118 ? -8.303  -6.374  -6.277  1.00 27.49 ? 115 LYS A CD  1 
ATOM   861  C CE  . LYS A 1 118 ? -8.869  -5.956  -7.624  1.00 19.51 ? 115 LYS A CE  1 
ATOM   862  N NZ  . LYS A 1 118 ? -9.971  -4.983  -7.413  1.00 33.20 ? 115 LYS A NZ  1 
ATOM   863  N N   . ALA A 1 119 ? -5.790  -2.468  -4.375  1.00 7.06  ? 116 ALA A N   1 
ATOM   864  C CA  . ALA A 1 119 ? -5.898  -1.057  -4.743  1.00 5.81  ? 116 ALA A CA  1 
ATOM   865  C C   . ALA A 1 119 ? -5.240  -0.769  -6.088  1.00 7.65  ? 116 ALA A C   1 
ATOM   866  O O   . ALA A 1 119 ? -4.372  -1.521  -6.533  1.00 7.42  ? 116 ALA A O   1 
ATOM   867  C CB  . ALA A 1 119 ? -5.267  -0.162  -3.651  1.00 5.12  ? 116 ALA A CB  1 
ATOM   868  N N   . THR A 1 120 ? -5.651  0.330   -6.717  1.00 4.59  ? 117 THR A N   1 
ATOM   869  C CA  . THR A 1 120 ? -5.089  0.753   -8.000  1.00 8.02  ? 117 THR A CA  1 
ATOM   870  C C   . THR A 1 120 ? -4.745  2.238   -7.975  1.00 6.19  ? 117 THR A C   1 
ATOM   871  O O   . THR A 1 120 ? -5.564  3.061   -7.568  1.00 7.66  ? 117 THR A O   1 
ATOM   872  C CB  . THR A 1 120 ? -6.064  0.488   -9.163  1.00 9.35  ? 117 THR A CB  1 
ATOM   873  O OG1 . THR A 1 120 ? -6.383  -0.911  -9.221  1.00 10.59 ? 117 THR A OG1 1 
ATOM   874  C CG2 . THR A 1 120 ? -5.445  0.922   -10.474 1.00 7.79  ? 117 THR A CG2 1 
ATOM   875  N N   . PHE A 1 121 ? -3.547  2.583   -8.427  1.00 3.40  ? 118 PHE A N   1 
ATOM   876  C CA  . PHE A 1 121 ? -3.094  3.966   -8.362  1.00 7.52  ? 118 PHE A CA  1 
ATOM   877  C C   . PHE A 1 121 ? -2.792  4.503   -9.745  1.00 5.74  ? 118 PHE A C   1 
ATOM   878  O O   . PHE A 1 121 ? -2.043  3.903   -10.497 1.00 5.21  ? 118 PHE A O   1 
ATOM   879  C CB  . PHE A 1 121 ? -1.864  4.085   -7.461  1.00 5.66  ? 118 PHE A CB  1 
ATOM   880  C CG  . PHE A 1 121 ? -2.127  3.632   -6.053  1.00 6.01  ? 118 PHE A CG  1 
ATOM   881  C CD1 . PHE A 1 121 ? -2.476  4.541   -5.077  1.00 8.87  ? 118 PHE A CD1 1 
ATOM   882  C CD2 . PHE A 1 121 ? -2.097  2.284   -5.731  1.00 7.48  ? 118 PHE A CD2 1 
ATOM   883  C CE1 . PHE A 1 121 ? -2.760  4.115   -3.786  1.00 7.02  ? 118 PHE A CE1 1 
ATOM   884  C CE2 . PHE A 1 121 ? -2.368  1.856   -4.448  1.00 4.07  ? 118 PHE A CE2 1 
ATOM   885  C CZ  . PHE A 1 121 ? -2.703  2.766   -3.485  1.00 3.43  ? 118 PHE A CZ  1 
ATOM   886  N N   . THR A 1 122 ? -3.405  5.634   -10.069 1.00 4.69  ? 119 THR A N   1 
ATOM   887  C CA  . THR A 1 122 ? -3.146  6.302   -11.332 1.00 6.56  ? 119 THR A CA  1 
ATOM   888  C C   . THR A 1 122 ? -2.345  7.561   -11.047 1.00 7.42  ? 119 THR A C   1 
ATOM   889  O O   . THR A 1 122 ? -2.813  8.459   -10.348 1.00 7.42  ? 119 THR A O   1 
ATOM   890  C CB  . THR A 1 122 ? -4.448  6.642   -12.073 1.00 8.59  ? 119 THR A CB  1 
ATOM   891  O OG1 . THR A 1 122 ? -5.190  5.435   -12.302 1.00 7.82  ? 119 THR A OG1 1 
ATOM   892  C CG2 . THR A 1 122 ? -4.132  7.310   -13.405 1.00 12.21 ? 119 THR A CG2 1 
ATOM   893  N N   . MET A 1 123 ? -1.131  7.610   -11.588 1.00 11.40 ? 120 MET A N   1 
ATOM   894  C CA  . MET A 1 123 ? -0.179  8.652   -11.247 1.00 10.78 ? 120 MET A CA  1 
ATOM   895  C C   . MET A 1 123 ? 0.255   9.432   -12.484 1.00 17.98 ? 120 MET A C   1 
ATOM   896  O O   . MET A 1 123 ? 0.218   8.925   -13.606 1.00 15.12 ? 120 MET A O   1 
ATOM   897  C CB  . MET A 1 123 ? 1.046   8.044   -10.556 1.00 13.58 ? 120 MET A CB  1 
ATOM   898  C CG  . MET A 1 123 ? 0.757   7.430   -9.193  1.00 21.11 ? 120 MET A CG  1 
ATOM   899  S SD  . MET A 1 123 ? 2.233   7.255   -8.157  1.00 27.64 ? 120 MET A SD  1 
ATOM   900  C CE  . MET A 1 123 ? 1.519   6.504   -6.685  1.00 25.74 ? 120 MET A CE  1 
ATOM   901  N N   . PHE A 1 124 ? 0.647   10.679  -12.274 1.00 15.54 ? 121 PHE A N   1 
ATOM   902  C CA  . PHE A 1 124 ? 1.293   11.438  -13.332 1.00 26.65 ? 121 PHE A CA  1 
ATOM   903  C C   . PHE A 1 124 ? 2.816   11.449  -13.146 1.00 25.17 ? 121 PHE A C   1 
ATOM   904  O O   . PHE A 1 124 ? 3.322   11.738  -12.062 1.00 29.55 ? 121 PHE A O   1 
ATOM   905  C CB  . PHE A 1 124 ? 0.743   12.858  -13.381 1.00 29.26 ? 121 PHE A CB  1 
ATOM   906  C CG  . PHE A 1 124 ? 1.435   13.729  -14.373 1.00 51.24 ? 121 PHE A CG  1 
ATOM   907  C CD1 . PHE A 1 124 ? 1.105   13.675  -15.722 1.00 53.81 ? 121 PHE A CD1 1 
ATOM   908  C CD2 . PHE A 1 124 ? 2.437   14.608  -13.963 1.00 60.42 ? 121 PHE A CD2 1 
ATOM   909  C CE1 . PHE A 1 124 ? 1.762   14.492  -16.638 1.00 42.82 ? 121 PHE A CE1 1 
ATOM   910  C CE2 . PHE A 1 124 ? 3.094   15.415  -14.879 1.00 53.73 ? 121 PHE A CE2 1 
ATOM   911  C CZ  . PHE A 1 124 ? 2.757   15.364  -16.220 1.00 48.49 ? 121 PHE A CZ  1 
ATOM   912  N N   . VAL A 1 125 ? 3.524   11.103  -14.217 1.00 29.48 ? 122 VAL A N   1 
ATOM   913  C CA  . VAL A 1 125 ? 4.984   11.124  -14.262 1.00 42.46 ? 122 VAL A CA  1 
ATOM   914  C C   . VAL A 1 125 ? 5.532   12.555  -14.303 1.00 48.24 ? 122 VAL A C   1 
ATOM   915  O O   . VAL A 1 125 ? 5.459   13.216  -15.336 1.00 41.80 ? 122 VAL A O   1 
ATOM   916  C CB  . VAL A 1 125 ? 5.509   10.369  -15.495 1.00 42.28 ? 122 VAL A CB  1 
ATOM   917  C CG1 . VAL A 1 125 ? 7.013   10.519  -15.617 1.00 31.39 ? 122 VAL A CG1 1 
ATOM   918  C CG2 . VAL A 1 125 ? 5.104   8.898   -15.442 1.00 25.42 ? 122 VAL A CG2 1 
ATOM   919  N N   . THR A 1 126 ? 6.069   13.031  -13.180 1.00 46.60 ? 123 THR A N   1 
ATOM   920  C CA  . THR A 1 126 ? 6.670   14.362  -13.114 1.00 48.08 ? 123 THR A CA  1 
ATOM   921  C C   . THR A 1 126 ? 7.957   14.410  -13.954 1.00 58.52 ? 123 THR A C   1 
ATOM   922  O O   . THR A 1 126 ? 8.329   15.461  -14.482 1.00 66.65 ? 123 THR A O   1 
ATOM   923  C CB  . THR A 1 126 ? 6.943   14.776  -11.637 1.00 48.28 ? 123 THR A CB  1 
ATOM   924  O OG1 . THR A 1 126 ? 5.807   15.483  -11.119 1.00 61.33 ? 123 THR A OG1 1 
ATOM   925  C CG2 . THR A 1 126 ? 8.162   15.676  -11.513 1.00 59.26 ? 123 THR A CG2 1 
ATOM   926  N N   . GLY A 1 127 ? 8.615   13.266  -14.110 1.00 50.77 ? 124 GLY A N   1 
ATOM   927  C CA  . GLY A 1 127 ? 9.790   13.185  -14.960 1.00 55.14 ? 124 GLY A CA  1 
ATOM   928  C C   . GLY A 1 127 ? 10.638  11.962  -14.672 1.00 50.97 ? 124 GLY A C   1 
ATOM   929  O O   . GLY A 1 127 ? 10.141  10.970  -14.132 1.00 37.56 ? 124 GLY A O   1 
ATOM   930  N N   . GLN A 1 128 ? 11.918  12.034  -15.030 1.00 38.85 ? 125 GLN A N   1 
ATOM   931  C CA  . GLN A 1 128 ? 12.852  10.934  -14.808 1.00 40.89 ? 125 GLN A CA  1 
ATOM   932  C C   . GLN A 1 128 ? 13.495  10.994  -13.416 1.00 42.98 ? 125 GLN A C   1 
ATOM   933  O O   . GLN A 1 128 ? 13.551  12.046  -12.780 1.00 40.90 ? 125 GLN A O   1 
ATOM   934  C CB  . GLN A 1 128 ? 13.939  10.935  -15.895 1.00 49.38 ? 125 GLN A CB  1 
ATOM   935  C CG  . GLN A 1 128 ? 14.128  9.602   -16.633 1.00 49.61 ? 125 GLN A CG  1 
ATOM   936  C CD  . GLN A 1 128 ? 12.852  9.063   -17.263 1.00 55.21 ? 125 GLN A CD  1 
ATOM   937  O OE1 . GLN A 1 128 ? 12.009  9.821   -17.751 1.00 61.64 ? 125 GLN A OE1 1 
ATOM   938  N NE2 . GLN A 1 128 ? 12.701  7.741   -17.241 1.00 56.04 ? 125 GLN A NE2 1 
HETATM 939  O O   . HOH B 2 .   ? 3.817   -11.440 -2.116  1.00 26.60 ? 201 HOH A O   1 
HETATM 940  O O   . HOH B 2 .   ? -2.837  -16.349 11.954  1.00 21.76 ? 202 HOH A O   1 
HETATM 941  O O   . HOH B 2 .   ? -7.452  6.185   15.956  1.00 22.13 ? 203 HOH A O   1 
HETATM 942  O O   . HOH B 2 .   ? -16.995 9.538   18.618  1.00 33.61 ? 204 HOH A O   1 
HETATM 943  O O   . HOH B 2 .   ? -4.353  -6.609  -8.058  1.00 34.17 ? 205 HOH A O   1 
HETATM 944  O O   . HOH B 2 .   ? -0.483  -0.937  -20.883 1.00 20.33 ? 206 HOH A O   1 
HETATM 945  O O   . HOH B 2 .   ? 1.351   -6.537  17.074  1.00 16.75 ? 207 HOH A O   1 
HETATM 946  O O   . HOH B 2 .   ? 15.648  -8.174  -6.854  1.00 23.10 ? 208 HOH A O   1 
HETATM 947  O O   . HOH B 2 .   ? -19.765 2.632   12.446  1.00 30.72 ? 209 HOH A O   1 
HETATM 948  O O   . HOH B 2 .   ? -9.222  -11.909 -3.197  1.00 20.13 ? 210 HOH A O   1 
HETATM 949  O O   . HOH B 2 .   ? -3.020  -6.613  -11.088 1.00 25.22 ? 211 HOH A O   1 
HETATM 950  O O   . HOH B 2 .   ? -1.849  5.381   -21.024 1.00 34.99 ? 212 HOH A O   1 
HETATM 951  O O   . HOH B 2 .   ? 0.329   9.060   -3.551  1.00 9.51  ? 213 HOH A O   1 
HETATM 952  O O   . HOH B 2 .   ? -12.735 4.228   -8.244  0.25 6.71  ? 214 HOH A O   1 
HETATM 953  O O   . HOH B 2 .   ? 0.751   -12.778 12.421  1.00 16.80 ? 215 HOH A O   1 
HETATM 954  O O   . HOH B 2 .   ? -0.170  -6.224  -7.503  1.00 23.86 ? 216 HOH A O   1 
HETATM 955  O O   . HOH B 2 .   ? 2.004   -11.858 5.257   1.00 8.04  ? 217 HOH A O   1 
HETATM 956  O O   . HOH B 2 .   ? 1.180   -13.154 3.199   1.00 29.96 ? 218 HOH A O   1 
HETATM 957  O O   . HOH B 2 .   ? 0.517   1.509   12.788  1.00 7.44  ? 219 HOH A O   1 
HETATM 958  O O   . HOH B 2 .   ? -7.016  -6.485  16.289  1.00 26.87 ? 220 HOH A O   1 
HETATM 959  O O   . HOH B 2 .   ? -2.994  7.642   -3.547  1.00 4.76  ? 221 HOH A O   1 
HETATM 960  O O   . HOH B 2 .   ? -2.093  5.982   17.588  1.00 22.65 ? 222 HOH A O   1 
HETATM 961  O O   . HOH B 2 .   ? 4.334   12.092  -5.180  1.00 26.30 ? 223 HOH A O   1 
HETATM 962  O O   . HOH B 2 .   ? 5.817   -3.991  -12.434 1.00 30.87 ? 224 HOH A O   1 
HETATM 963  O O   . HOH B 2 .   ? -8.645  -2.100  -9.875  0.50 32.35 ? 225 HOH A O   1 
HETATM 964  O O   . HOH B 2 .   ? 2.117   -1.676  10.382  1.00 10.36 ? 226 HOH A O   1 
HETATM 965  O O   . HOH B 2 .   ? -3.161  -11.614 14.119  1.00 17.90 ? 227 HOH A O   1 
HETATM 966  O O   . HOH B 2 .   ? -6.403  -10.567 8.380   1.00 20.37 ? 228 HOH A O   1 
HETATM 967  O O   . HOH B 2 .   ? 9.343   3.639   10.234  1.00 18.70 ? 229 HOH A O   1 
HETATM 968  O O   . HOH B 2 .   ? -2.327  7.967   6.363   1.00 26.16 ? 230 HOH A O   1 
HETATM 969  O O   . HOH B 2 .   ? 14.216  14.128  -10.566 1.00 40.90 ? 231 HOH A O   1 
HETATM 970  O O   . HOH B 2 .   ? -15.196 9.931   17.585  1.00 35.92 ? 232 HOH A O   1 
HETATM 971  O O   . HOH B 2 .   ? 6.563   5.680   -1.375  1.00 21.68 ? 233 HOH A O   1 
HETATM 972  O O   . HOH B 2 .   ? -10.187 -12.649 1.728   1.00 13.60 ? 234 HOH A O   1 
HETATM 973  O O   . HOH B 2 .   ? -6.734  4.451   -10.055 1.00 13.03 ? 235 HOH A O   1 
HETATM 974  O O   . HOH B 2 .   ? 10.054  -10.815 -1.847  1.00 27.79 ? 236 HOH A O   1 
HETATM 975  O O   . HOH B 2 .   ? -9.420  -4.076  8.685   1.00 9.17  ? 237 HOH A O   1 
HETATM 976  O O   . HOH B 2 .   ? 9.766   -9.767  5.899   1.00 28.18 ? 238 HOH A O   1 
HETATM 977  O O   . HOH B 2 .   ? 7.237   7.791   -5.946  1.00 21.75 ? 239 HOH A O   1 
HETATM 978  O O   . HOH B 2 .   ? 11.889  -8.078  11.626  1.00 36.70 ? 240 HOH A O   1 
HETATM 979  O O   . HOH B 2 .   ? -10.266 -5.199  4.377   1.00 12.64 ? 241 HOH A O   1 
HETATM 980  O O   . HOH B 2 .   ? -5.423  4.084   15.709  1.00 15.33 ? 242 HOH A O   1 
HETATM 981  O O   . HOH B 2 .   ? -9.772  -11.155 9.363   1.00 23.74 ? 243 HOH A O   1 
HETATM 982  O O   . HOH B 2 .   ? -2.876  8.285   -7.409  1.00 6.81  ? 244 HOH A O   1 
HETATM 983  O O   . HOH B 2 .   ? 2.806   0.711   11.288  1.00 12.99 ? 245 HOH A O   1 
HETATM 984  O O   . HOH B 2 .   ? -3.591  -10.555 -2.912  1.00 36.54 ? 246 HOH A O   1 
HETATM 985  O O   . HOH B 2 .   ? 14.966  -0.765  -9.901  1.00 28.87 ? 247 HOH A O   1 
HETATM 986  O O   . HOH B 2 .   ? 6.784   -9.786  -6.603  1.00 33.28 ? 248 HOH A O   1 
HETATM 987  O O   . HOH B 2 .   ? -12.452 -0.432  -7.216  1.00 17.30 ? 249 HOH A O   1 
HETATM 988  O O   . HOH B 2 .   ? 8.416   -5.135  9.979   1.00 13.37 ? 250 HOH A O   1 
HETATM 989  O O   . HOH B 2 .   ? -0.579  -8.893  21.124  1.00 18.30 ? 251 HOH A O   1 
HETATM 990  O O   . HOH B 2 .   ? -2.950  15.739  -8.967  1.00 25.77 ? 252 HOH A O   1 
HETATM 991  O O   . HOH B 2 .   ? 14.291  -10.162 0.551   1.00 22.19 ? 253 HOH A O   1 
HETATM 992  O O   . HOH B 2 .   ? 5.885   -12.324 2.880   1.00 16.79 ? 254 HOH A O   1 
HETATM 993  O O   . HOH B 2 .   ? -7.253  7.243   23.741  0.50 42.37 ? 255 HOH A O   1 
HETATM 994  O O   . HOH B 2 .   ? -13.107 -9.793  7.555   1.00 18.08 ? 256 HOH A O   1 
HETATM 995  O O   . HOH B 2 .   ? -3.171  -14.228 -2.849  1.00 32.21 ? 257 HOH A O   1 
HETATM 996  O O   . HOH B 2 .   ? 3.640   -0.631  -19.754 1.00 18.60 ? 258 HOH A O   1 
HETATM 997  O O   . HOH B 2 .   ? -3.174  5.897   -17.876 1.00 24.00 ? 259 HOH A O   1 
HETATM 998  O O   . HOH B 2 .   ? -6.532  1.040   19.371  1.00 30.69 ? 260 HOH A O   1 
HETATM 999  O O   . HOH B 2 .   ? 1.015   1.142   18.192  1.00 9.67  ? 261 HOH A O   1 
HETATM 1000 O O   . HOH B 2 .   ? 13.569  12.913  -6.806  1.00 41.36 ? 262 HOH A O   1 
HETATM 1001 O O   . HOH B 2 .   ? 7.888   -7.216  8.632   1.00 21.49 ? 263 HOH A O   1 
HETATM 1002 O O   . HOH B 2 .   ? 3.096   8.217   -1.679  1.00 13.63 ? 264 HOH A O   1 
HETATM 1003 O O   . HOH B 2 .   ? 2.091   -4.392  -18.258 1.00 34.35 ? 265 HOH A O   1 
HETATM 1004 O O   . HOH B 2 .   ? 1.970   13.224  -5.320  1.00 28.28 ? 266 HOH A O   1 
HETATM 1005 O O   . HOH B 2 .   ? 16.789  -2.958  -4.355  1.00 43.74 ? 267 HOH A O   1 
HETATM 1006 O O   . HOH B 2 .   ? -10.711 -1.027  7.163   1.00 10.72 ? 268 HOH A O   1 
HETATM 1007 O O   . HOH B 2 .   ? 0.365   -9.534  -1.259  1.00 9.51  ? 269 HOH A O   1 
HETATM 1008 O O   . HOH B 2 .   ? -11.595 2.007   9.528   1.00 11.77 ? 270 HOH A O   1 
HETATM 1009 O O   . HOH B 2 .   ? 5.871   -1.206  15.270  1.00 15.38 ? 271 HOH A O   1 
HETATM 1010 O O   . HOH B 2 .   ? -0.531  2.687   20.253  1.00 24.35 ? 272 HOH A O   1 
HETATM 1011 O O   . HOH B 2 .   ? -4.921  -4.329  -7.408  1.00 18.26 ? 273 HOH A O   1 
HETATM 1012 O O   . HOH B 2 .   ? 10.539  -0.305  13.746  1.00 23.09 ? 274 HOH A O   1 
HETATM 1013 O O   . HOH B 2 .   ? -4.957  -3.501  20.638  1.00 26.14 ? 275 HOH A O   1 
HETATM 1014 O O   . HOH B 2 .   ? 0.701   -2.701  19.602  1.00 16.13 ? 276 HOH A O   1 
HETATM 1015 O O   . HOH B 2 .   ? 3.110   -10.882 15.037  1.00 23.13 ? 277 HOH A O   1 
HETATM 1016 O O   . HOH B 2 .   ? -8.514  -0.079  18.960  1.00 30.95 ? 278 HOH A O   1 
HETATM 1017 O O   . HOH B 2 .   ? -13.479 -12.137 3.507   1.00 35.18 ? 279 HOH A O   1 
HETATM 1018 O O   . HOH B 2 .   ? 13.866  -2.576  4.976   1.00 23.19 ? 280 HOH A O   1 
HETATM 1019 O O   . HOH B 2 .   ? 3.086   -8.755  19.619  0.50 29.26 ? 281 HOH A O   1 
HETATM 1020 O O   . HOH B 2 .   ? -7.711  14.042  -10.093 1.00 15.34 ? 282 HOH A O   1 
HETATM 1021 O O   . HOH B 2 .   ? 11.025  -1.726  10.995  1.00 26.61 ? 283 HOH A O   1 
HETATM 1022 O O   . HOH B 2 .   ? -5.482  3.005   18.297  1.00 28.80 ? 284 HOH A O   1 
HETATM 1023 O O   . HOH B 2 .   ? -1.478  7.143   8.678   0.50 20.86 ? 285 HOH A O   1 
HETATM 1024 O O   . HOH B 2 .   ? -14.091 -2.220  11.146  1.00 15.41 ? 286 HOH A O   1 
HETATM 1025 O O   . HOH B 2 .   ? -6.913  -15.190 8.138   1.00 17.76 ? 287 HOH A O   1 
HETATM 1026 O O   . HOH B 2 .   ? -2.888  9.862   19.474  1.00 30.54 ? 288 HOH A O   1 
HETATM 1027 O O   . HOH B 2 .   ? -5.494  -9.059  -1.983  1.00 17.64 ? 289 HOH A O   1 
HETATM 1028 O O   . HOH B 2 .   ? 15.427  -5.576  -4.612  1.00 23.38 ? 290 HOH A O   1 
HETATM 1029 O O   . HOH B 2 .   ? -2.324  4.185   19.416  1.00 29.06 ? 291 HOH A O   1 
HETATM 1030 O O   . HOH B 2 .   ? -5.589  -10.541 17.057  1.00 30.06 ? 292 HOH A O   1 
HETATM 1031 O O   . HOH B 2 .   ? -9.186  -1.289  -6.260  1.00 26.63 ? 293 HOH A O   1 
HETATM 1032 O O   . HOH B 2 .   ? 15.640  5.505   -9.106  1.00 35.11 ? 294 HOH A O   1 
HETATM 1033 O O   . HOH B 2 .   ? -8.403  -15.143 0.243   1.00 20.94 ? 295 HOH A O   1 
HETATM 1034 O O   . HOH B 2 .   ? 8.527   -11.968 -3.985  1.00 40.92 ? 296 HOH A O   1 
HETATM 1035 O O   . HOH B 2 .   ? 5.161   0.628   16.559  1.00 20.54 ? 297 HOH A O   1 
HETATM 1036 O O   . HOH B 2 .   ? 9.269   4.162   13.519  1.00 40.94 ? 298 HOH A O   1 
HETATM 1037 O O   . HOH B 2 .   ? 18.039  -2.588  -6.064  1.00 44.92 ? 299 HOH A O   1 
HETATM 1038 O O   . HOH B 2 .   ? -0.008  -5.722  -17.055 1.00 39.67 ? 300 HOH A O   1 
HETATM 1039 O O   . HOH B 2 .   ? 11.282  1.796   13.040  1.00 38.05 ? 301 HOH A O   1 
HETATM 1040 O O   . HOH B 2 .   ? -7.798  -18.040 6.909   1.00 35.79 ? 302 HOH A O   1 
HETATM 1041 O O   . HOH B 2 .   ? -12.371 0.644   7.453   1.00 17.29 ? 303 HOH A O   1 
HETATM 1042 O O   . HOH B 2 .   ? 6.794   9.131   1.134   1.00 30.52 ? 304 HOH A O   1 
HETATM 1043 O O   . HOH B 2 .   ? 5.450   8.395   -1.037  1.00 25.74 ? 305 HOH A O   1 
HETATM 1044 O O   . HOH B 2 .   ? -13.505 -6.382  4.733   1.00 18.67 ? 306 HOH A O   1 
HETATM 1045 O O   . HOH B 2 .   ? -7.094  -4.499  -10.493 0.50 26.81 ? 307 HOH A O   1 
HETATM 1046 O O   . HOH B 2 .   ? 0.459   6.807   16.448  1.00 24.21 ? 308 HOH A O   1 
HETATM 1047 O O   . HOH B 2 .   ? -1.008  15.752  -5.989  1.00 29.51 ? 309 HOH A O   1 
HETATM 1048 O O   . HOH B 2 .   ? -9.970  -2.309  19.892  1.00 44.12 ? 310 HOH A O   1 
HETATM 1049 O O   . HOH B 2 .   ? 2.887   7.649   -4.184  1.00 17.72 ? 311 HOH A O   1 
HETATM 1050 O O   . HOH B 2 .   ? -4.130  -11.937 -5.286  1.00 43.63 ? 312 HOH A O   1 
HETATM 1051 O O   . HOH B 2 .   ? -3.151  -6.939  -13.982 1.00 40.58 ? 313 HOH A O   1 
HETATM 1052 O O   . HOH B 2 .   ? 5.884   -11.833 -4.552  1.00 24.28 ? 314 HOH A O   1 
HETATM 1053 O O   . HOH B 2 .   ? 1.672   -5.086  19.207  1.00 12.80 ? 315 HOH A O   1 
HETATM 1054 O O   . HOH B 2 .   ? 8.178   -11.411 7.217   1.00 29.70 ? 316 HOH A O   1 
HETATM 1055 O O   . HOH B 2 .   ? 2.187   -2.259  -20.577 1.00 34.40 ? 317 HOH A O   1 
HETATM 1056 O O   . HOH B 2 .   ? -13.510 -4.003  8.500   1.00 30.26 ? 318 HOH A O   1 
HETATM 1057 O O   . HOH B 2 .   ? -7.007  -5.183  19.050  1.00 26.53 ? 319 HOH A O   1 
HETATM 1058 O O   . HOH B 2 .   ? 2.155   -0.643  19.984  1.00 26.88 ? 320 HOH A O   1 
HETATM 1059 O O   . HOH B 2 .   ? 11.381  1.861   10.566  1.00 32.43 ? 321 HOH A O   1 
HETATM 1060 O O   . HOH B 2 .   ? 5.019   -14.698 2.298   1.00 28.67 ? 322 HOH A O   1 
HETATM 1061 O O   . HOH B 2 .   ? 0.433   -14.090 15.782  1.00 39.93 ? 323 HOH A O   1 
HETATM 1062 O O   . HOH B 2 .   ? 5.132   9.080   -4.533  1.00 26.69 ? 324 HOH A O   1 
HETATM 1063 O O   . HOH B 2 .   ? 3.924   -13.541 6.704   1.00 19.25 ? 325 HOH A O   1 
HETATM 1064 O O   . HOH B 2 .   ? -11.061 -3.661  6.365   1.00 13.79 ? 326 HOH A O   1 
HETATM 1065 O O   . HOH B 2 .   ? -0.505  -7.094  -10.157 1.00 36.56 ? 327 HOH A O   1 
HETATM 1066 O O   . HOH B 2 .   ? 6.463   -12.994 5.780   1.00 18.96 ? 328 HOH A O   1 
HETATM 1067 O O   . HOH B 2 .   ? 11.960  -10.841 6.791   1.00 38.04 ? 329 HOH A O   1 
HETATM 1068 O O   . HOH B 2 .   ? 2.947   -14.146 11.443  1.00 18.57 ? 330 HOH A O   1 
HETATM 1069 O O   . HOH B 2 .   ? 6.043   -1.371  -20.611 1.00 43.80 ? 331 HOH A O   1 
HETATM 1070 O O   . HOH B 2 .   ? 5.397   -11.208 13.955  1.00 24.70 ? 332 HOH A O   1 
HETATM 1071 O O   . HOH B 2 .   ? 4.756   -13.796 13.573  1.00 34.08 ? 333 HOH A O   1 
HETATM 1072 O O   . HOH B 2 .   ? 4.795   -0.851  19.036  1.00 27.82 ? 334 HOH A O   1 
HETATM 1073 O O   . HOH B 2 .   ? 4.382   -14.294 9.335   1.00 26.24 ? 335 HOH A O   1 
# 
loop_
_pdbx_poly_seq_scheme.asym_id 
_pdbx_poly_seq_scheme.entity_id 
_pdbx_poly_seq_scheme.seq_id 
_pdbx_poly_seq_scheme.mon_id 
_pdbx_poly_seq_scheme.ndb_seq_num 
_pdbx_poly_seq_scheme.pdb_seq_num 
_pdbx_poly_seq_scheme.auth_seq_num 
_pdbx_poly_seq_scheme.pdb_mon_id 
_pdbx_poly_seq_scheme.auth_mon_id 
_pdbx_poly_seq_scheme.pdb_strand_id 
_pdbx_poly_seq_scheme.pdb_ins_code 
_pdbx_poly_seq_scheme.hetero 
A 1 1   SER 1   -2  ?   ?   ?   A . n 
A 1 2   ASN 2   -1  ?   ?   ?   A . n 
A 1 3   ALA 3   0   ?   ?   ?   A . n 
A 1 4   MET 4   1   ?   ?   ?   A . n 
A 1 5   LYS 5   2   ?   ?   ?   A . n 
A 1 6   ASP 6   3   ?   ?   ?   A . n 
A 1 7   PHE 7   4   4   PHE PHE A . n 
A 1 8   HIS 8   5   5   HIS HIS A . n 
A 1 9   PHE 9   6   6   PHE PHE A . n 
A 1 10  ASP 10  7   7   ASP ASP A . n 
A 1 11  ALA 11  8   8   ALA ALA A . n 
A 1 12  ILE 12  9   9   ILE ILE A . n 
A 1 13  SER 13  10  10  SER SER A . n 
A 1 14  ALA 14  11  11  ALA ALA A . n 
A 1 15  PHE 15  12  12  PHE PHE A . n 
A 1 16  GLU 16  13  13  GLU GLU A . n 
A 1 17  ASN 17  14  14  ASN ASN A . n 
A 1 18  TYR 18  15  15  TYR TYR A . n 
A 1 19  GLU 19  16  16  GLU GLU A . n 
A 1 20  ILE 20  17  17  ILE ILE A . n 
A 1 21  GLU 21  18  18  GLU GLU A . n 
A 1 22  LYS 22  19  19  LYS LYS A . n 
A 1 23  MET 23  20  20  MET MET A . n 
A 1 24  ARG 24  21  21  ARG ARG A . n 
A 1 25  ASP 25  22  22  ASP ASP A . n 
A 1 26  GLY 26  23  23  GLY GLY A . n 
A 1 27  HIS 27  24  24  HIS HIS A . n 
A 1 28  VAL 28  25  25  VAL VAL A . n 
A 1 29  VAL 29  26  26  VAL VAL A . n 
A 1 30  VAL 30  27  27  VAL VAL A . n 
A 1 31  THR 31  28  28  THR THR A . n 
A 1 32  THR 32  29  29  THR THR A . n 
A 1 33  LYS 33  30  30  LYS LYS A . n 
A 1 34  VAL 34  31  31  VAL VAL A . n 
A 1 35  VAL 35  32  32  VAL VAL A . n 
A 1 36  ASN 36  33  33  ASN ASN A . n 
A 1 37  SER 37  34  34  SER SER A . n 
A 1 38  SER 38  35  35  SER SER A . n 
A 1 39  LEU 39  36  36  LEU LEU A . n 
A 1 40  ASN 40  37  37  ASN ASN A . n 
A 1 41  TYR 41  38  38  TYR TYR A . n 
A 1 42  TYR 42  39  39  TYR TYR A . n 
A 1 43  GLY 43  40  40  GLY GLY A . n 
A 1 44  ASN 44  41  41  ASN ASN A . n 
A 1 45  ALA 45  42  42  ALA ALA A . n 
A 1 46  HIS 46  43  43  HIS HIS A . n 
A 1 47  GLY 47  44  44  GLY GLY A . n 
A 1 48  GLY 48  45  45  GLY GLY A . n 
A 1 49  TYR 49  46  46  TYR TYR A . n 
A 1 50  LEU 50  47  47  LEU LEU A . n 
A 1 51  PHE 51  48  48  PHE PHE A . n 
A 1 52  THR 52  49  49  THR THR A . n 
A 1 53  LEU 53  50  50  LEU LEU A . n 
A 1 54  CYS 54  51  51  CYS CYS A . n 
A 1 55  ASP 55  52  52  ASP ASP A . n 
A 1 56  GLN 56  53  53  GLN GLN A . n 
A 1 57  ILE 57  54  54  ILE ILE A . n 
A 1 58  SER 58  55  55  SER SER A . n 
A 1 59  GLY 59  56  56  GLY GLY A . n 
A 1 60  LEU 60  57  57  LEU LEU A . n 
A 1 61  VAL 61  58  58  VAL VAL A . n 
A 1 62  VAL 62  59  59  VAL VAL A . n 
A 1 63  ILE 63  60  60  ILE ILE A . n 
A 1 64  SER 64  61  61  SER SER A . n 
A 1 65  LEU 65  62  62  LEU LEU A . n 
A 1 66  GLY 66  63  63  GLY GLY A . n 
A 1 67  LEU 67  64  64  LEU LEU A . n 
A 1 68  ASP 68  65  65  ASP ASP A . n 
A 1 69  GLY 69  66  66  GLY GLY A . n 
A 1 70  VAL 70  67  67  VAL VAL A . n 
A 1 71  ALA 71  68  68  ALA ALA A . n 
A 1 72  LEU 72  69  69  LEU LEU A . n 
A 1 73  GLN 73  70  70  GLN GLN A . n 
A 1 74  SER 74  71  71  SER SER A . n 
A 1 75  SER 75  72  72  SER SER A . n 
A 1 76  ILE 76  73  73  ILE ILE A . n 
A 1 77  ASN 77  74  74  ASN ASN A . n 
A 1 78  TYR 78  75  75  TYR TYR A . n 
A 1 79  LEU 79  76  76  LEU LEU A . n 
A 1 80  LYS 80  77  77  LYS LYS A . n 
A 1 81  ALA 81  78  78  ALA ALA A . n 
A 1 82  GLY 82  79  79  GLY GLY A . n 
A 1 83  LYS 83  80  80  LYS LYS A . n 
A 1 84  LEU 84  81  81  LEU LEU A . n 
A 1 85  ASP 85  82  82  ASP ASP A . n 
A 1 86  ASP 86  83  83  ASP ASP A . n 
A 1 87  VAL 87  84  84  VAL VAL A . n 
A 1 88  LEU 88  85  85  LEU LEU A . n 
A 1 89  THR 89  86  86  THR THR A . n 
A 1 90  ILE 90  87  87  ILE ILE A . n 
A 1 91  LYS 91  88  88  LYS LYS A . n 
A 1 92  GLY 92  89  89  GLY GLY A . n 
A 1 93  GLU 93  90  90  GLU GLU A . n 
A 1 94  CYS 94  91  91  CYS CYS A . n 
A 1 95  VAL 95  92  92  VAL VAL A . n 
A 1 96  HIS 96  93  93  HIS HIS A . n 
A 1 97  GLN 97  94  94  GLN GLN A . n 
A 1 98  GLY 98  95  95  GLY GLY A . n 
A 1 99  ARG 99  96  96  ARG ARG A . n 
A 1 100 THR 100 97  97  THR THR A . n 
A 1 101 THR 101 98  98  THR THR A . n 
A 1 102 CYS 102 99  99  CYS CYS A . n 
A 1 103 VAL 103 100 100 VAL VAL A . n 
A 1 104 MET 104 101 101 MET MET A . n 
A 1 105 ASP 105 102 102 ASP ASP A . n 
A 1 106 VAL 106 103 103 VAL VAL A . n 
A 1 107 ASP 107 104 104 ASP ASP A . n 
A 1 108 ILE 108 105 105 ILE ILE A . n 
A 1 109 THR 109 106 106 THR THR A . n 
A 1 110 ASN 110 107 107 ASN ASN A . n 
A 1 111 GLN 111 108 108 GLN GLN A . n 
A 1 112 GLU 112 109 109 GLU GLU A . n 
A 1 113 GLY 113 110 110 GLY GLY A . n 
A 1 114 ARG 114 111 111 ARG ARG A . n 
A 1 115 ASN 115 112 112 ASN ASN A . n 
A 1 116 VAL 116 113 113 VAL VAL A . n 
A 1 117 CYS 117 114 114 CYS CYS A . n 
A 1 118 LYS 118 115 115 LYS LYS A . n 
A 1 119 ALA 119 116 116 ALA ALA A . n 
A 1 120 THR 120 117 117 THR THR A . n 
A 1 121 PHE 121 118 118 PHE PHE A . n 
A 1 122 THR 122 119 119 THR THR A . n 
A 1 123 MET 123 120 120 MET MET A . n 
A 1 124 PHE 124 121 121 PHE PHE A . n 
A 1 125 VAL 125 122 122 VAL VAL A . n 
A 1 126 THR 126 123 123 THR THR A . n 
A 1 127 GLY 127 124 124 GLY GLY A . n 
A 1 128 GLN 128 125 125 GLN GLN A . n 
A 1 129 ARG 129 126 ?   ?   ?   A . n 
A 1 130 SER 130 127 ?   ?   ?   A . n 
A 1 131 GLU 131 128 ?   ?   ?   A . n 
A 1 132 GLU 132 129 ?   ?   ?   A . n 
A 1 133 ARG 133 130 ?   ?   ?   A . n 
A 1 134 ARG 134 131 ?   ?   ?   A . n 
A 1 135 VAL 135 132 ?   ?   ?   A . n 
A 1 136 ARG 136 133 ?   ?   ?   A . n 
A 1 137 ILE 137 134 ?   ?   ?   A . n 
# 
loop_
_pdbx_nonpoly_scheme.asym_id 
_pdbx_nonpoly_scheme.entity_id 
_pdbx_nonpoly_scheme.mon_id 
_pdbx_nonpoly_scheme.ndb_seq_num 
_pdbx_nonpoly_scheme.pdb_seq_num 
_pdbx_nonpoly_scheme.auth_seq_num 
_pdbx_nonpoly_scheme.pdb_mon_id 
_pdbx_nonpoly_scheme.auth_mon_id 
_pdbx_nonpoly_scheme.pdb_strand_id 
_pdbx_nonpoly_scheme.pdb_ins_code 
B 2 HOH 1   201 57  HOH HOH A . 
B 2 HOH 2   202 44  HOH HOH A . 
B 2 HOH 3   203 53  HOH HOH A . 
B 2 HOH 4   204 106 HOH HOH A . 
B 2 HOH 5   205 74  HOH HOH A . 
B 2 HOH 6   206 79  HOH HOH A . 
B 2 HOH 7   207 34  HOH HOH A . 
B 2 HOH 8   208 124 HOH HOH A . 
B 2 HOH 9   209 122 HOH HOH A . 
B 2 HOH 10  210 29  HOH HOH A . 
B 2 HOH 11  211 87  HOH HOH A . 
B 2 HOH 12  212 117 HOH HOH A . 
B 2 HOH 13  213 8   HOH HOH A . 
B 2 HOH 14  214 1   HOH HOH A . 
B 2 HOH 15  215 30  HOH HOH A . 
B 2 HOH 16  216 68  HOH HOH A . 
B 2 HOH 17  217 3   HOH HOH A . 
B 2 HOH 18  218 50  HOH HOH A . 
B 2 HOH 19  219 4   HOH HOH A . 
B 2 HOH 20  220 56  HOH HOH A . 
B 2 HOH 21  221 2   HOH HOH A . 
B 2 HOH 22  222 99  HOH HOH A . 
B 2 HOH 23  223 93  HOH HOH A . 
B 2 HOH 24  224 137 HOH HOH A . 
B 2 HOH 25  225 15  HOH HOH A . 
B 2 HOH 26  226 11  HOH HOH A . 
B 2 HOH 27  227 20  HOH HOH A . 
B 2 HOH 28  228 42  HOH HOH A . 
B 2 HOH 29  229 49  HOH HOH A . 
B 2 HOH 30  230 128 HOH HOH A . 
B 2 HOH 31  231 72  HOH HOH A . 
B 2 HOH 32  232 104 HOH HOH A . 
B 2 HOH 33  233 48  HOH HOH A . 
B 2 HOH 34  234 43  HOH HOH A . 
B 2 HOH 35  235 26  HOH HOH A . 
B 2 HOH 36  236 80  HOH HOH A . 
B 2 HOH 37  237 5   HOH HOH A . 
B 2 HOH 38  238 88  HOH HOH A . 
B 2 HOH 39  239 62  HOH HOH A . 
B 2 HOH 40  240 142 HOH HOH A . 
B 2 HOH 41  241 17  HOH HOH A . 
B 2 HOH 42  242 36  HOH HOH A . 
B 2 HOH 43  243 39  HOH HOH A . 
B 2 HOH 44  244 7   HOH HOH A . 
B 2 HOH 45  245 12  HOH HOH A . 
B 2 HOH 46  246 121 HOH HOH A . 
B 2 HOH 47  247 86  HOH HOH A . 
B 2 HOH 48  248 81  HOH HOH A . 
B 2 HOH 49  249 28  HOH HOH A . 
B 2 HOH 50  250 14  HOH HOH A . 
B 2 HOH 51  251 24  HOH HOH A . 
B 2 HOH 52  252 65  HOH HOH A . 
B 2 HOH 53  253 97  HOH HOH A . 
B 2 HOH 54  254 22  HOH HOH A . 
B 2 HOH 55  255 71  HOH HOH A . 
B 2 HOH 56  256 55  HOH HOH A . 
B 2 HOH 57  257 107 HOH HOH A . 
B 2 HOH 58  258 33  HOH HOH A . 
B 2 HOH 59  259 92  HOH HOH A . 
B 2 HOH 60  260 95  HOH HOH A . 
B 2 HOH 61  261 21  HOH HOH A . 
B 2 HOH 62  262 73  HOH HOH A . 
B 2 HOH 63  263 58  HOH HOH A . 
B 2 HOH 64  264 83  HOH HOH A . 
B 2 HOH 65  265 118 HOH HOH A . 
B 2 HOH 66  266 112 HOH HOH A . 
B 2 HOH 67  267 76  HOH HOH A . 
B 2 HOH 68  268 13  HOH HOH A . 
B 2 HOH 69  269 6   HOH HOH A . 
B 2 HOH 70  270 18  HOH HOH A . 
B 2 HOH 71  271 10  HOH HOH A . 
B 2 HOH 72  272 82  HOH HOH A . 
B 2 HOH 73  273 54  HOH HOH A . 
B 2 HOH 74  274 31  HOH HOH A . 
B 2 HOH 75  275 52  HOH HOH A . 
B 2 HOH 76  276 32  HOH HOH A . 
B 2 HOH 77  277 51  HOH HOH A . 
B 2 HOH 78  278 70  HOH HOH A . 
B 2 HOH 79  279 144 HOH HOH A . 
B 2 HOH 80  280 61  HOH HOH A . 
B 2 HOH 81  281 115 HOH HOH A . 
B 2 HOH 82  282 23  HOH HOH A . 
B 2 HOH 83  283 77  HOH HOH A . 
B 2 HOH 84  284 66  HOH HOH A . 
B 2 HOH 85  285 114 HOH HOH A . 
B 2 HOH 86  286 19  HOH HOH A . 
B 2 HOH 87  287 78  HOH HOH A . 
B 2 HOH 88  288 75  HOH HOH A . 
B 2 HOH 89  289 37  HOH HOH A . 
B 2 HOH 90  290 16  HOH HOH A . 
B 2 HOH 91  291 127 HOH HOH A . 
B 2 HOH 92  292 132 HOH HOH A . 
B 2 HOH 93  293 135 HOH HOH A . 
B 2 HOH 94  294 59  HOH HOH A . 
B 2 HOH 95  295 25  HOH HOH A . 
B 2 HOH 96  296 110 HOH HOH A . 
B 2 HOH 97  297 85  HOH HOH A . 
B 2 HOH 98  298 139 HOH HOH A . 
B 2 HOH 99  299 69  HOH HOH A . 
B 2 HOH 100 300 96  HOH HOH A . 
B 2 HOH 101 301 105 HOH HOH A . 
B 2 HOH 102 302 129 HOH HOH A . 
B 2 HOH 103 303 41  HOH HOH A . 
B 2 HOH 104 304 111 HOH HOH A . 
B 2 HOH 105 305 125 HOH HOH A . 
B 2 HOH 106 306 84  HOH HOH A . 
B 2 HOH 107 307 102 HOH HOH A . 
B 2 HOH 108 308 126 HOH HOH A . 
B 2 HOH 109 309 123 HOH HOH A . 
B 2 HOH 110 310 119 HOH HOH A . 
B 2 HOH 111 311 120 HOH HOH A . 
B 2 HOH 112 312 108 HOH HOH A . 
B 2 HOH 113 313 141 HOH HOH A . 
B 2 HOH 114 314 45  HOH HOH A . 
B 2 HOH 115 315 27  HOH HOH A . 
B 2 HOH 116 316 63  HOH HOH A . 
B 2 HOH 117 317 64  HOH HOH A . 
B 2 HOH 118 318 103 HOH HOH A . 
B 2 HOH 119 319 100 HOH HOH A . 
B 2 HOH 120 320 60  HOH HOH A . 
B 2 HOH 121 321 94  HOH HOH A . 
B 2 HOH 122 322 138 HOH HOH A . 
B 2 HOH 123 323 134 HOH HOH A . 
B 2 HOH 124 324 109 HOH HOH A . 
B 2 HOH 125 325 9   HOH HOH A . 
B 2 HOH 126 326 40  HOH HOH A . 
B 2 HOH 127 327 89  HOH HOH A . 
B 2 HOH 128 328 38  HOH HOH A . 
B 2 HOH 129 329 143 HOH HOH A . 
B 2 HOH 130 330 35  HOH HOH A . 
B 2 HOH 131 331 113 HOH HOH A . 
B 2 HOH 132 332 47  HOH HOH A . 
B 2 HOH 133 333 116 HOH HOH A . 
B 2 HOH 134 334 130 HOH HOH A . 
B 2 HOH 135 335 67  HOH HOH A . 
# 
_pdbx_struct_assembly.id                   1 
_pdbx_struct_assembly.details              author_and_software_defined_assembly 
_pdbx_struct_assembly.method_details       PISA 
_pdbx_struct_assembly.oligomeric_details   tetrameric 
_pdbx_struct_assembly.oligomeric_count     4 
# 
_pdbx_struct_assembly_gen.assembly_id       1 
_pdbx_struct_assembly_gen.oper_expression   1,2,3,4 
_pdbx_struct_assembly_gen.asym_id_list      A,B 
# 
loop_
_pdbx_struct_assembly_prop.biol_id 
_pdbx_struct_assembly_prop.type 
_pdbx_struct_assembly_prop.value 
_pdbx_struct_assembly_prop.details 
1 'ABSA (A^2)' 8180  ? 
1 MORE         -35   ? 
1 'SSA (A^2)'  20170 ? 
# 
loop_
_pdbx_struct_oper_list.id 
_pdbx_struct_oper_list.type 
_pdbx_struct_oper_list.name 
_pdbx_struct_oper_list.symmetry_operation 
_pdbx_struct_oper_list.matrix[1][1] 
_pdbx_struct_oper_list.matrix[1][2] 
_pdbx_struct_oper_list.matrix[1][3] 
_pdbx_struct_oper_list.vector[1] 
_pdbx_struct_oper_list.matrix[2][1] 
_pdbx_struct_oper_list.matrix[2][2] 
_pdbx_struct_oper_list.matrix[2][3] 
_pdbx_struct_oper_list.vector[2] 
_pdbx_struct_oper_list.matrix[3][1] 
_pdbx_struct_oper_list.matrix[3][2] 
_pdbx_struct_oper_list.matrix[3][3] 
_pdbx_struct_oper_list.vector[3] 
1 'identity operation'         1_555 x,y,z       1.0000000000  0.0000000000  0.0000000000  0.0000000000   0.0000000000  1.0000000000  0.0000000000  0.0000000000  0.0000000000  0.0000000000  1.0000000000  0.0000000000   
2 'crystal symmetry operation' 2_455 -x-1,-y,z   -0.4371226340 -0.8709513355 -0.2244272133 -16.4689294001 -0.8709513355 0.3476403113  0.3472606876  -5.4699756753 -0.2244272133 0.3472606876  -0.9105176773 -20.0773556616 
3 'crystal symmetry operation' 3_456 -x-1,y,-z+1 -0.3988152735 0.1556609873  0.9037234282  -11.0212339711 0.1556609873  -0.9596956777 0.2339954341  12.1979432032 0.9037234282  0.2339954341  0.3585109512  5.2306419219   
4 'crystal symmetry operation' 4_556 x,-y,-z+1   -0.1640620925 0.7152903482  -0.6792962149 -23.4490118903 0.7152903482  -0.3879446336 -0.5812561217 10.1858758536 -0.6792962149 -0.5812561217 -0.4479932739 -18.1306166232 
# 
loop_
_pdbx_struct_special_symmetry.id 
_pdbx_struct_special_symmetry.PDB_model_num 
_pdbx_struct_special_symmetry.auth_asym_id 
_pdbx_struct_special_symmetry.auth_comp_id 
_pdbx_struct_special_symmetry.auth_seq_id 
_pdbx_struct_special_symmetry.PDB_ins_code 
_pdbx_struct_special_symmetry.label_asym_id 
_pdbx_struct_special_symmetry.label_comp_id 
_pdbx_struct_special_symmetry.label_seq_id 
1 1 A HOH 214 ? B HOH . 
2 1 A HOH 225 ? B HOH . 
3 1 A HOH 255 ? B HOH . 
4 1 A HOH 281 ? B HOH . 
5 1 A HOH 285 ? B HOH . 
6 1 A HOH 307 ? B HOH . 
# 
loop_
_pdbx_audit_revision_history.ordinal 
_pdbx_audit_revision_history.data_content_type 
_pdbx_audit_revision_history.major_revision 
_pdbx_audit_revision_history.minor_revision 
_pdbx_audit_revision_history.revision_date 
1 'Structure model' 1 0 2015-05-06 
2 'Structure model' 1 1 2023-09-27 
# 
_pdbx_audit_revision_details.ordinal             1 
_pdbx_audit_revision_details.revision_ordinal    1 
_pdbx_audit_revision_details.data_content_type   'Structure model' 
_pdbx_audit_revision_details.provider            repository 
_pdbx_audit_revision_details.type                'Initial release' 
_pdbx_audit_revision_details.description         ? 
_pdbx_audit_revision_details.details             ? 
# 
loop_
_pdbx_audit_revision_group.ordinal 
_pdbx_audit_revision_group.revision_ordinal 
_pdbx_audit_revision_group.data_content_type 
_pdbx_audit_revision_group.group 
1 2 'Structure model' 'Data collection'        
2 2 'Structure model' 'Database references'    
3 2 'Structure model' 'Derived calculations'   
4 2 'Structure model' 'Refinement description' 
5 2 'Structure model' 'Source and taxonomy'    
# 
loop_
_pdbx_audit_revision_category.ordinal 
_pdbx_audit_revision_category.revision_ordinal 
_pdbx_audit_revision_category.data_content_type 
_pdbx_audit_revision_category.category 
1 2 'Structure model' chem_comp_atom                
2 2 'Structure model' chem_comp_bond                
3 2 'Structure model' database_2                    
4 2 'Structure model' diffrn_source                 
5 2 'Structure model' entity_src_gen                
6 2 'Structure model' pdbx_initial_refinement_model 
7 2 'Structure model' pdbx_prerelease_seq           
8 2 'Structure model' pdbx_struct_oper_list         
# 
loop_
_pdbx_audit_revision_item.ordinal 
_pdbx_audit_revision_item.revision_ordinal 
_pdbx_audit_revision_item.data_content_type 
_pdbx_audit_revision_item.item 
1 2 'Structure model' '_database_2.pdbx_DOI'                      
2 2 'Structure model' '_database_2.pdbx_database_accession'       
3 2 'Structure model' '_diffrn_source.pdbx_synchrotron_site'      
4 2 'Structure model' '_entity_src_gen.pdbx_alt_source_flag'      
5 2 'Structure model' '_pdbx_struct_oper_list.symmetry_operation' 
# 
loop_
_software.citation_id 
_software.classification 
_software.compiler_name 
_software.compiler_version 
_software.contact_author 
_software.contact_author_email 
_software.date 
_software.description 
_software.dependencies 
_software.hardware 
_software.language 
_software.location 
_software.mods 
_software.name 
_software.os 
_software.os_version 
_software.type 
_software.version 
_software.pdbx_ordinal 
? refinement       ? ? ? ? ? ? ? ? ? ? ? PHENIX  ? ? ? 1.9_1692 1 
? 'data reduction' ? ? ? ? ? ? ? ? ? ? ? MOSFLM  ? ? ? .        2 
? 'data scaling'   ? ? ? ? ? ? ? ? ? ? ? Aimless ? ? ? .        3 
? phasing          ? ? ? ? ? ? ? ? ? ? ? PHENIX  ? ? ? .        4 
# 
loop_
_pdbx_validate_close_contact.id 
_pdbx_validate_close_contact.PDB_model_num 
_pdbx_validate_close_contact.auth_atom_id_1 
_pdbx_validate_close_contact.auth_asym_id_1 
_pdbx_validate_close_contact.auth_comp_id_1 
_pdbx_validate_close_contact.auth_seq_id_1 
_pdbx_validate_close_contact.PDB_ins_code_1 
_pdbx_validate_close_contact.label_alt_id_1 
_pdbx_validate_close_contact.auth_atom_id_2 
_pdbx_validate_close_contact.auth_asym_id_2 
_pdbx_validate_close_contact.auth_comp_id_2 
_pdbx_validate_close_contact.auth_seq_id_2 
_pdbx_validate_close_contact.PDB_ins_code_2 
_pdbx_validate_close_contact.label_alt_id_2 
_pdbx_validate_close_contact.dist 
1 1 O  A HOH 204 ? ? O A HOH 232 ? ? 2.11 
2 1 O  A HOH 267 ? ? O A HOH 299 ? ? 2.15 
3 1 NZ A LYS 88  ? ? O A HOH 201 ? ? 2.17 
# 
loop_
_pdbx_validate_torsion.id 
_pdbx_validate_torsion.PDB_model_num 
_pdbx_validate_torsion.auth_comp_id 
_pdbx_validate_torsion.auth_asym_id 
_pdbx_validate_torsion.auth_seq_id 
_pdbx_validate_torsion.PDB_ins_code 
_pdbx_validate_torsion.label_alt_id 
_pdbx_validate_torsion.phi 
_pdbx_validate_torsion.psi 
1 1 LEU A 69 ? ? -123.54 -62.54 
2 1 ASP A 82 ? ? 78.21   -4.35  
# 
loop_
_pdbx_unobs_or_zero_occ_residues.id 
_pdbx_unobs_or_zero_occ_residues.PDB_model_num 
_pdbx_unobs_or_zero_occ_residues.polymer_flag 
_pdbx_unobs_or_zero_occ_residues.occupancy_flag 
_pdbx_unobs_or_zero_occ_residues.auth_asym_id 
_pdbx_unobs_or_zero_occ_residues.auth_comp_id 
_pdbx_unobs_or_zero_occ_residues.auth_seq_id 
_pdbx_unobs_or_zero_occ_residues.PDB_ins_code 
_pdbx_unobs_or_zero_occ_residues.label_asym_id 
_pdbx_unobs_or_zero_occ_residues.label_comp_id 
_pdbx_unobs_or_zero_occ_residues.label_seq_id 
1  1 Y 1 A SER -2  ? A SER 1   
2  1 Y 1 A ASN -1  ? A ASN 2   
3  1 Y 1 A ALA 0   ? A ALA 3   
4  1 Y 1 A MET 1   ? A MET 4   
5  1 Y 1 A LYS 2   ? A LYS 5   
6  1 Y 1 A ASP 3   ? A ASP 6   
7  1 Y 1 A ARG 126 ? A ARG 129 
8  1 Y 1 A SER 127 ? A SER 130 
9  1 Y 1 A GLU 128 ? A GLU 131 
10 1 Y 1 A GLU 129 ? A GLU 132 
11 1 Y 1 A ARG 130 ? A ARG 133 
12 1 Y 1 A ARG 131 ? A ARG 134 
13 1 Y 1 A VAL 132 ? A VAL 135 
14 1 Y 1 A ARG 133 ? A ARG 136 
15 1 Y 1 A ILE 134 ? A ILE 137 
# 
loop_
_chem_comp_atom.comp_id 
_chem_comp_atom.atom_id 
_chem_comp_atom.type_symbol 
_chem_comp_atom.pdbx_aromatic_flag 
_chem_comp_atom.pdbx_stereo_config 
_chem_comp_atom.pdbx_ordinal 
ALA N    N N N 1   
ALA CA   C N S 2   
ALA C    C N N 3   
ALA O    O N N 4   
ALA CB   C N N 5   
ALA OXT  O N N 6   
ALA H    H N N 7   
ALA H2   H N N 8   
ALA HA   H N N 9   
ALA HB1  H N N 10  
ALA HB2  H N N 11  
ALA HB3  H N N 12  
ALA HXT  H N N 13  
ARG N    N N N 14  
ARG CA   C N S 15  
ARG C    C N N 16  
ARG O    O N N 17  
ARG CB   C N N 18  
ARG CG   C N N 19  
ARG CD   C N N 20  
ARG NE   N N N 21  
ARG CZ   C N N 22  
ARG NH1  N N N 23  
ARG NH2  N N N 24  
ARG OXT  O N N 25  
ARG H    H N N 26  
ARG H2   H N N 27  
ARG HA   H N N 28  
ARG HB2  H N N 29  
ARG HB3  H N N 30  
ARG HG2  H N N 31  
ARG HG3  H N N 32  
ARG HD2  H N N 33  
ARG HD3  H N N 34  
ARG HE   H N N 35  
ARG HH11 H N N 36  
ARG HH12 H N N 37  
ARG HH21 H N N 38  
ARG HH22 H N N 39  
ARG HXT  H N N 40  
ASN N    N N N 41  
ASN CA   C N S 42  
ASN C    C N N 43  
ASN O    O N N 44  
ASN CB   C N N 45  
ASN CG   C N N 46  
ASN OD1  O N N 47  
ASN ND2  N N N 48  
ASN OXT  O N N 49  
ASN H    H N N 50  
ASN H2   H N N 51  
ASN HA   H N N 52  
ASN HB2  H N N 53  
ASN HB3  H N N 54  
ASN HD21 H N N 55  
ASN HD22 H N N 56  
ASN HXT  H N N 57  
ASP N    N N N 58  
ASP CA   C N S 59  
ASP C    C N N 60  
ASP O    O N N 61  
ASP CB   C N N 62  
ASP CG   C N N 63  
ASP OD1  O N N 64  
ASP OD2  O N N 65  
ASP OXT  O N N 66  
ASP H    H N N 67  
ASP H2   H N N 68  
ASP HA   H N N 69  
ASP HB2  H N N 70  
ASP HB3  H N N 71  
ASP HD2  H N N 72  
ASP HXT  H N N 73  
CYS N    N N N 74  
CYS CA   C N R 75  
CYS C    C N N 76  
CYS O    O N N 77  
CYS CB   C N N 78  
CYS SG   S N N 79  
CYS OXT  O N N 80  
CYS H    H N N 81  
CYS H2   H N N 82  
CYS HA   H N N 83  
CYS HB2  H N N 84  
CYS HB3  H N N 85  
CYS HG   H N N 86  
CYS HXT  H N N 87  
GLN N    N N N 88  
GLN CA   C N S 89  
GLN C    C N N 90  
GLN O    O N N 91  
GLN CB   C N N 92  
GLN CG   C N N 93  
GLN CD   C N N 94  
GLN OE1  O N N 95  
GLN NE2  N N N 96  
GLN OXT  O N N 97  
GLN H    H N N 98  
GLN H2   H N N 99  
GLN HA   H N N 100 
GLN HB2  H N N 101 
GLN HB3  H N N 102 
GLN HG2  H N N 103 
GLN HG3  H N N 104 
GLN HE21 H N N 105 
GLN HE22 H N N 106 
GLN HXT  H N N 107 
GLU N    N N N 108 
GLU CA   C N S 109 
GLU C    C N N 110 
GLU O    O N N 111 
GLU CB   C N N 112 
GLU CG   C N N 113 
GLU CD   C N N 114 
GLU OE1  O N N 115 
GLU OE2  O N N 116 
GLU OXT  O N N 117 
GLU H    H N N 118 
GLU H2   H N N 119 
GLU HA   H N N 120 
GLU HB2  H N N 121 
GLU HB3  H N N 122 
GLU HG2  H N N 123 
GLU HG3  H N N 124 
GLU HE2  H N N 125 
GLU HXT  H N N 126 
GLY N    N N N 127 
GLY CA   C N N 128 
GLY C    C N N 129 
GLY O    O N N 130 
GLY OXT  O N N 131 
GLY H    H N N 132 
GLY H2   H N N 133 
GLY HA2  H N N 134 
GLY HA3  H N N 135 
GLY HXT  H N N 136 
HIS N    N N N 137 
HIS CA   C N S 138 
HIS C    C N N 139 
HIS O    O N N 140 
HIS CB   C N N 141 
HIS CG   C Y N 142 
HIS ND1  N Y N 143 
HIS CD2  C Y N 144 
HIS CE1  C Y N 145 
HIS NE2  N Y N 146 
HIS OXT  O N N 147 
HIS H    H N N 148 
HIS H2   H N N 149 
HIS HA   H N N 150 
HIS HB2  H N N 151 
HIS HB3  H N N 152 
HIS HD1  H N N 153 
HIS HD2  H N N 154 
HIS HE1  H N N 155 
HIS HE2  H N N 156 
HIS HXT  H N N 157 
HOH O    O N N 158 
HOH H1   H N N 159 
HOH H2   H N N 160 
ILE N    N N N 161 
ILE CA   C N S 162 
ILE C    C N N 163 
ILE O    O N N 164 
ILE CB   C N S 165 
ILE CG1  C N N 166 
ILE CG2  C N N 167 
ILE CD1  C N N 168 
ILE OXT  O N N 169 
ILE H    H N N 170 
ILE H2   H N N 171 
ILE HA   H N N 172 
ILE HB   H N N 173 
ILE HG12 H N N 174 
ILE HG13 H N N 175 
ILE HG21 H N N 176 
ILE HG22 H N N 177 
ILE HG23 H N N 178 
ILE HD11 H N N 179 
ILE HD12 H N N 180 
ILE HD13 H N N 181 
ILE HXT  H N N 182 
LEU N    N N N 183 
LEU CA   C N S 184 
LEU C    C N N 185 
LEU O    O N N 186 
LEU CB   C N N 187 
LEU CG   C N N 188 
LEU CD1  C N N 189 
LEU CD2  C N N 190 
LEU OXT  O N N 191 
LEU H    H N N 192 
LEU H2   H N N 193 
LEU HA   H N N 194 
LEU HB2  H N N 195 
LEU HB3  H N N 196 
LEU HG   H N N 197 
LEU HD11 H N N 198 
LEU HD12 H N N 199 
LEU HD13 H N N 200 
LEU HD21 H N N 201 
LEU HD22 H N N 202 
LEU HD23 H N N 203 
LEU HXT  H N N 204 
LYS N    N N N 205 
LYS CA   C N S 206 
LYS C    C N N 207 
LYS O    O N N 208 
LYS CB   C N N 209 
LYS CG   C N N 210 
LYS CD   C N N 211 
LYS CE   C N N 212 
LYS NZ   N N N 213 
LYS OXT  O N N 214 
LYS H    H N N 215 
LYS H2   H N N 216 
LYS HA   H N N 217 
LYS HB2  H N N 218 
LYS HB3  H N N 219 
LYS HG2  H N N 220 
LYS HG3  H N N 221 
LYS HD2  H N N 222 
LYS HD3  H N N 223 
LYS HE2  H N N 224 
LYS HE3  H N N 225 
LYS HZ1  H N N 226 
LYS HZ2  H N N 227 
LYS HZ3  H N N 228 
LYS HXT  H N N 229 
MET N    N N N 230 
MET CA   C N S 231 
MET C    C N N 232 
MET O    O N N 233 
MET CB   C N N 234 
MET CG   C N N 235 
MET SD   S N N 236 
MET CE   C N N 237 
MET OXT  O N N 238 
MET H    H N N 239 
MET H2   H N N 240 
MET HA   H N N 241 
MET HB2  H N N 242 
MET HB3  H N N 243 
MET HG2  H N N 244 
MET HG3  H N N 245 
MET HE1  H N N 246 
MET HE2  H N N 247 
MET HE3  H N N 248 
MET HXT  H N N 249 
PHE N    N N N 250 
PHE CA   C N S 251 
PHE C    C N N 252 
PHE O    O N N 253 
PHE CB   C N N 254 
PHE CG   C Y N 255 
PHE CD1  C Y N 256 
PHE CD2  C Y N 257 
PHE CE1  C Y N 258 
PHE CE2  C Y N 259 
PHE CZ   C Y N 260 
PHE OXT  O N N 261 
PHE H    H N N 262 
PHE H2   H N N 263 
PHE HA   H N N 264 
PHE HB2  H N N 265 
PHE HB3  H N N 266 
PHE HD1  H N N 267 
PHE HD2  H N N 268 
PHE HE1  H N N 269 
PHE HE2  H N N 270 
PHE HZ   H N N 271 
PHE HXT  H N N 272 
SER N    N N N 273 
SER CA   C N S 274 
SER C    C N N 275 
SER O    O N N 276 
SER CB   C N N 277 
SER OG   O N N 278 
SER OXT  O N N 279 
SER H    H N N 280 
SER H2   H N N 281 
SER HA   H N N 282 
SER HB2  H N N 283 
SER HB3  H N N 284 
SER HG   H N N 285 
SER HXT  H N N 286 
THR N    N N N 287 
THR CA   C N S 288 
THR C    C N N 289 
THR O    O N N 290 
THR CB   C N R 291 
THR OG1  O N N 292 
THR CG2  C N N 293 
THR OXT  O N N 294 
THR H    H N N 295 
THR H2   H N N 296 
THR HA   H N N 297 
THR HB   H N N 298 
THR HG1  H N N 299 
THR HG21 H N N 300 
THR HG22 H N N 301 
THR HG23 H N N 302 
THR HXT  H N N 303 
TYR N    N N N 304 
TYR CA   C N S 305 
TYR C    C N N 306 
TYR O    O N N 307 
TYR CB   C N N 308 
TYR CG   C Y N 309 
TYR CD1  C Y N 310 
TYR CD2  C Y N 311 
TYR CE1  C Y N 312 
TYR CE2  C Y N 313 
TYR CZ   C Y N 314 
TYR OH   O N N 315 
TYR OXT  O N N 316 
TYR H    H N N 317 
TYR H2   H N N 318 
TYR HA   H N N 319 
TYR HB2  H N N 320 
TYR HB3  H N N 321 
TYR HD1  H N N 322 
TYR HD2  H N N 323 
TYR HE1  H N N 324 
TYR HE2  H N N 325 
TYR HH   H N N 326 
TYR HXT  H N N 327 
VAL N    N N N 328 
VAL CA   C N S 329 
VAL C    C N N 330 
VAL O    O N N 331 
VAL CB   C N N 332 
VAL CG1  C N N 333 
VAL CG2  C N N 334 
VAL OXT  O N N 335 
VAL H    H N N 336 
VAL H2   H N N 337 
VAL HA   H N N 338 
VAL HB   H N N 339 
VAL HG11 H N N 340 
VAL HG12 H N N 341 
VAL HG13 H N N 342 
VAL HG21 H N N 343 
VAL HG22 H N N 344 
VAL HG23 H N N 345 
VAL HXT  H N N 346 
# 
loop_
_chem_comp_bond.comp_id 
_chem_comp_bond.atom_id_1 
_chem_comp_bond.atom_id_2 
_chem_comp_bond.value_order 
_chem_comp_bond.pdbx_aromatic_flag 
_chem_comp_bond.pdbx_stereo_config 
_chem_comp_bond.pdbx_ordinal 
ALA N   CA   sing N N 1   
ALA N   H    sing N N 2   
ALA N   H2   sing N N 3   
ALA CA  C    sing N N 4   
ALA CA  CB   sing N N 5   
ALA CA  HA   sing N N 6   
ALA C   O    doub N N 7   
ALA C   OXT  sing N N 8   
ALA CB  HB1  sing N N 9   
ALA CB  HB2  sing N N 10  
ALA CB  HB3  sing N N 11  
ALA OXT HXT  sing N N 12  
ARG N   CA   sing N N 13  
ARG N   H    sing N N 14  
ARG N   H2   sing N N 15  
ARG CA  C    sing N N 16  
ARG CA  CB   sing N N 17  
ARG CA  HA   sing N N 18  
ARG C   O    doub N N 19  
ARG C   OXT  sing N N 20  
ARG CB  CG   sing N N 21  
ARG CB  HB2  sing N N 22  
ARG CB  HB3  sing N N 23  
ARG CG  CD   sing N N 24  
ARG CG  HG2  sing N N 25  
ARG CG  HG3  sing N N 26  
ARG CD  NE   sing N N 27  
ARG CD  HD2  sing N N 28  
ARG CD  HD3  sing N N 29  
ARG NE  CZ   sing N N 30  
ARG NE  HE   sing N N 31  
ARG CZ  NH1  sing N N 32  
ARG CZ  NH2  doub N N 33  
ARG NH1 HH11 sing N N 34  
ARG NH1 HH12 sing N N 35  
ARG NH2 HH21 sing N N 36  
ARG NH2 HH22 sing N N 37  
ARG OXT HXT  sing N N 38  
ASN N   CA   sing N N 39  
ASN N   H    sing N N 40  
ASN N   H2   sing N N 41  
ASN CA  C    sing N N 42  
ASN CA  CB   sing N N 43  
ASN CA  HA   sing N N 44  
ASN C   O    doub N N 45  
ASN C   OXT  sing N N 46  
ASN CB  CG   sing N N 47  
ASN CB  HB2  sing N N 48  
ASN CB  HB3  sing N N 49  
ASN CG  OD1  doub N N 50  
ASN CG  ND2  sing N N 51  
ASN ND2 HD21 sing N N 52  
ASN ND2 HD22 sing N N 53  
ASN OXT HXT  sing N N 54  
ASP N   CA   sing N N 55  
ASP N   H    sing N N 56  
ASP N   H2   sing N N 57  
ASP CA  C    sing N N 58  
ASP CA  CB   sing N N 59  
ASP CA  HA   sing N N 60  
ASP C   O    doub N N 61  
ASP C   OXT  sing N N 62  
ASP CB  CG   sing N N 63  
ASP CB  HB2  sing N N 64  
ASP CB  HB3  sing N N 65  
ASP CG  OD1  doub N N 66  
ASP CG  OD2  sing N N 67  
ASP OD2 HD2  sing N N 68  
ASP OXT HXT  sing N N 69  
CYS N   CA   sing N N 70  
CYS N   H    sing N N 71  
CYS N   H2   sing N N 72  
CYS CA  C    sing N N 73  
CYS CA  CB   sing N N 74  
CYS CA  HA   sing N N 75  
CYS C   O    doub N N 76  
CYS C   OXT  sing N N 77  
CYS CB  SG   sing N N 78  
CYS CB  HB2  sing N N 79  
CYS CB  HB3  sing N N 80  
CYS SG  HG   sing N N 81  
CYS OXT HXT  sing N N 82  
GLN N   CA   sing N N 83  
GLN N   H    sing N N 84  
GLN N   H2   sing N N 85  
GLN CA  C    sing N N 86  
GLN CA  CB   sing N N 87  
GLN CA  HA   sing N N 88  
GLN C   O    doub N N 89  
GLN C   OXT  sing N N 90  
GLN CB  CG   sing N N 91  
GLN CB  HB2  sing N N 92  
GLN CB  HB3  sing N N 93  
GLN CG  CD   sing N N 94  
GLN CG  HG2  sing N N 95  
GLN CG  HG3  sing N N 96  
GLN CD  OE1  doub N N 97  
GLN CD  NE2  sing N N 98  
GLN NE2 HE21 sing N N 99  
GLN NE2 HE22 sing N N 100 
GLN OXT HXT  sing N N 101 
GLU N   CA   sing N N 102 
GLU N   H    sing N N 103 
GLU N   H2   sing N N 104 
GLU CA  C    sing N N 105 
GLU CA  CB   sing N N 106 
GLU CA  HA   sing N N 107 
GLU C   O    doub N N 108 
GLU C   OXT  sing N N 109 
GLU CB  CG   sing N N 110 
GLU CB  HB2  sing N N 111 
GLU CB  HB3  sing N N 112 
GLU CG  CD   sing N N 113 
GLU CG  HG2  sing N N 114 
GLU CG  HG3  sing N N 115 
GLU CD  OE1  doub N N 116 
GLU CD  OE2  sing N N 117 
GLU OE2 HE2  sing N N 118 
GLU OXT HXT  sing N N 119 
GLY N   CA   sing N N 120 
GLY N   H    sing N N 121 
GLY N   H2   sing N N 122 
GLY CA  C    sing N N 123 
GLY CA  HA2  sing N N 124 
GLY CA  HA3  sing N N 125 
GLY C   O    doub N N 126 
GLY C   OXT  sing N N 127 
GLY OXT HXT  sing N N 128 
HIS N   CA   sing N N 129 
HIS N   H    sing N N 130 
HIS N   H2   sing N N 131 
HIS CA  C    sing N N 132 
HIS CA  CB   sing N N 133 
HIS CA  HA   sing N N 134 
HIS C   O    doub N N 135 
HIS C   OXT  sing N N 136 
HIS CB  CG   sing N N 137 
HIS CB  HB2  sing N N 138 
HIS CB  HB3  sing N N 139 
HIS CG  ND1  sing Y N 140 
HIS CG  CD2  doub Y N 141 
HIS ND1 CE1  doub Y N 142 
HIS ND1 HD1  sing N N 143 
HIS CD2 NE2  sing Y N 144 
HIS CD2 HD2  sing N N 145 
HIS CE1 NE2  sing Y N 146 
HIS CE1 HE1  sing N N 147 
HIS NE2 HE2  sing N N 148 
HIS OXT HXT  sing N N 149 
HOH O   H1   sing N N 150 
HOH O   H2   sing N N 151 
ILE N   CA   sing N N 152 
ILE N   H    sing N N 153 
ILE N   H2   sing N N 154 
ILE CA  C    sing N N 155 
ILE CA  CB   sing N N 156 
ILE CA  HA   sing N N 157 
ILE C   O    doub N N 158 
ILE C   OXT  sing N N 159 
ILE CB  CG1  sing N N 160 
ILE CB  CG2  sing N N 161 
ILE CB  HB   sing N N 162 
ILE CG1 CD1  sing N N 163 
ILE CG1 HG12 sing N N 164 
ILE CG1 HG13 sing N N 165 
ILE CG2 HG21 sing N N 166 
ILE CG2 HG22 sing N N 167 
ILE CG2 HG23 sing N N 168 
ILE CD1 HD11 sing N N 169 
ILE CD1 HD12 sing N N 170 
ILE CD1 HD13 sing N N 171 
ILE OXT HXT  sing N N 172 
LEU N   CA   sing N N 173 
LEU N   H    sing N N 174 
LEU N   H2   sing N N 175 
LEU CA  C    sing N N 176 
LEU CA  CB   sing N N 177 
LEU CA  HA   sing N N 178 
LEU C   O    doub N N 179 
LEU C   OXT  sing N N 180 
LEU CB  CG   sing N N 181 
LEU CB  HB2  sing N N 182 
LEU CB  HB3  sing N N 183 
LEU CG  CD1  sing N N 184 
LEU CG  CD2  sing N N 185 
LEU CG  HG   sing N N 186 
LEU CD1 HD11 sing N N 187 
LEU CD1 HD12 sing N N 188 
LEU CD1 HD13 sing N N 189 
LEU CD2 HD21 sing N N 190 
LEU CD2 HD22 sing N N 191 
LEU CD2 HD23 sing N N 192 
LEU OXT HXT  sing N N 193 
LYS N   CA   sing N N 194 
LYS N   H    sing N N 195 
LYS N   H2   sing N N 196 
LYS CA  C    sing N N 197 
LYS CA  CB   sing N N 198 
LYS CA  HA   sing N N 199 
LYS C   O    doub N N 200 
LYS C   OXT  sing N N 201 
LYS CB  CG   sing N N 202 
LYS CB  HB2  sing N N 203 
LYS CB  HB3  sing N N 204 
LYS CG  CD   sing N N 205 
LYS CG  HG2  sing N N 206 
LYS CG  HG3  sing N N 207 
LYS CD  CE   sing N N 208 
LYS CD  HD2  sing N N 209 
LYS CD  HD3  sing N N 210 
LYS CE  NZ   sing N N 211 
LYS CE  HE2  sing N N 212 
LYS CE  HE3  sing N N 213 
LYS NZ  HZ1  sing N N 214 
LYS NZ  HZ2  sing N N 215 
LYS NZ  HZ3  sing N N 216 
LYS OXT HXT  sing N N 217 
MET N   CA   sing N N 218 
MET N   H    sing N N 219 
MET N   H2   sing N N 220 
MET CA  C    sing N N 221 
MET CA  CB   sing N N 222 
MET CA  HA   sing N N 223 
MET C   O    doub N N 224 
MET C   OXT  sing N N 225 
MET CB  CG   sing N N 226 
MET CB  HB2  sing N N 227 
MET CB  HB3  sing N N 228 
MET CG  SD   sing N N 229 
MET CG  HG2  sing N N 230 
MET CG  HG3  sing N N 231 
MET SD  CE   sing N N 232 
MET CE  HE1  sing N N 233 
MET CE  HE2  sing N N 234 
MET CE  HE3  sing N N 235 
MET OXT HXT  sing N N 236 
PHE N   CA   sing N N 237 
PHE N   H    sing N N 238 
PHE N   H2   sing N N 239 
PHE CA  C    sing N N 240 
PHE CA  CB   sing N N 241 
PHE CA  HA   sing N N 242 
PHE C   O    doub N N 243 
PHE C   OXT  sing N N 244 
PHE CB  CG   sing N N 245 
PHE CB  HB2  sing N N 246 
PHE CB  HB3  sing N N 247 
PHE CG  CD1  doub Y N 248 
PHE CG  CD2  sing Y N 249 
PHE CD1 CE1  sing Y N 250 
PHE CD1 HD1  sing N N 251 
PHE CD2 CE2  doub Y N 252 
PHE CD2 HD2  sing N N 253 
PHE CE1 CZ   doub Y N 254 
PHE CE1 HE1  sing N N 255 
PHE CE2 CZ   sing Y N 256 
PHE CE2 HE2  sing N N 257 
PHE CZ  HZ   sing N N 258 
PHE OXT HXT  sing N N 259 
SER N   CA   sing N N 260 
SER N   H    sing N N 261 
SER N   H2   sing N N 262 
SER CA  C    sing N N 263 
SER CA  CB   sing N N 264 
SER CA  HA   sing N N 265 
SER C   O    doub N N 266 
SER C   OXT  sing N N 267 
SER CB  OG   sing N N 268 
SER CB  HB2  sing N N 269 
SER CB  HB3  sing N N 270 
SER OG  HG   sing N N 271 
SER OXT HXT  sing N N 272 
THR N   CA   sing N N 273 
THR N   H    sing N N 274 
THR N   H2   sing N N 275 
THR CA  C    sing N N 276 
THR CA  CB   sing N N 277 
THR CA  HA   sing N N 278 
THR C   O    doub N N 279 
THR C   OXT  sing N N 280 
THR CB  OG1  sing N N 281 
THR CB  CG2  sing N N 282 
THR CB  HB   sing N N 283 
THR OG1 HG1  sing N N 284 
THR CG2 HG21 sing N N 285 
THR CG2 HG22 sing N N 286 
THR CG2 HG23 sing N N 287 
THR OXT HXT  sing N N 288 
TYR N   CA   sing N N 289 
TYR N   H    sing N N 290 
TYR N   H2   sing N N 291 
TYR CA  C    sing N N 292 
TYR CA  CB   sing N N 293 
TYR CA  HA   sing N N 294 
TYR C   O    doub N N 295 
TYR C   OXT  sing N N 296 
TYR CB  CG   sing N N 297 
TYR CB  HB2  sing N N 298 
TYR CB  HB3  sing N N 299 
TYR CG  CD1  doub Y N 300 
TYR CG  CD2  sing Y N 301 
TYR CD1 CE1  sing Y N 302 
TYR CD1 HD1  sing N N 303 
TYR CD2 CE2  doub Y N 304 
TYR CD2 HD2  sing N N 305 
TYR CE1 CZ   doub Y N 306 
TYR CE1 HE1  sing N N 307 
TYR CE2 CZ   sing Y N 308 
TYR CE2 HE2  sing N N 309 
TYR CZ  OH   sing N N 310 
TYR OH  HH   sing N N 311 
TYR OXT HXT  sing N N 312 
VAL N   CA   sing N N 313 
VAL N   H    sing N N 314 
VAL N   H2   sing N N 315 
VAL CA  C    sing N N 316 
VAL CA  CB   sing N N 317 
VAL CA  HA   sing N N 318 
VAL C   O    doub N N 319 
VAL C   OXT  sing N N 320 
VAL CB  CG1  sing N N 321 
VAL CB  CG2  sing N N 322 
VAL CB  HB   sing N N 323 
VAL CG1 HG11 sing N N 324 
VAL CG1 HG12 sing N N 325 
VAL CG1 HG13 sing N N 326 
VAL CG2 HG21 sing N N 327 
VAL CG2 HG22 sing N N 328 
VAL CG2 HG23 sing N N 329 
VAL OXT HXT  sing N N 330 
# 
_pdbx_entity_nonpoly.entity_id   2 
_pdbx_entity_nonpoly.name        water 
_pdbx_entity_nonpoly.comp_id     HOH 
# 
_pdbx_initial_refinement_model.id               1 
_pdbx_initial_refinement_model.entity_id_list   ? 
_pdbx_initial_refinement_model.type             'experimental model' 
_pdbx_initial_refinement_model.source_name      PDB 
_pdbx_initial_refinement_model.accession_code   4I82 
_pdbx_initial_refinement_model.details          ? 
# 
